data_8YNI
#
_entry.id   8YNI
#
_cell.length_a   1.00
_cell.length_b   1.00
_cell.length_c   1.00
_cell.angle_alpha   90.00
_cell.angle_beta   90.00
_cell.angle_gamma   90.00
#
_symmetry.space_group_name_H-M   'P 1'
#
loop_
_entity.id
_entity.type
_entity.pdbx_description
1 polymer 'Caspase-8 subunit p10'
2 polymer 'CASP8 and FADD-like apoptosis regulator subunit p43'
3 polymer 'FAS-associated death domain protein'
#
loop_
_entity_poly.entity_id
_entity_poly.type
_entity_poly.pdbx_seq_one_letter_code
_entity_poly.pdbx_strand_id
1 'polypeptide(L)'
;MDFSRNLYDIGEQLDSEDLASLKFLSLDYIPQRKQEPIKDALMLFQRLQEKRMLEESNLSFLKELLFRINRLDLLITYLN
TRKEEMERELQTPGRAQISAYRVMLYQISEEVSRSELRSFKGGLQEEISKCKLDDDMNLLDIFIEMEKRVILGEGKLDIL
KRVCAQINKSLLKIINDYEEFSKERSSSLEGSPDEFSNGEELCGVMTISDSPREQDSESQTLDKVYQMKSKPRGYCLIIN
NHNFAKAREKVPKLHSIRDRNGTHLDAGALTTTFEELHFEIKPHDDCTVEQIYEILKIYQLMDHSNMDCFICCILSHGDK
GIIYGTDGQEAPIYELTSQFTGLKCPSLAGKPKVFFIQAAQGDNYQKGIPVETASEEQPYLEMALSSPQTRYIPDEADFL
LGMATVNNCVSYRNPAEGTWYIQSLCQSLRERCPRGDDILTILTEVNYEVSNKDDKKNMGKQMPQPTFTLRKKLVFPSD
;
A,B,C
2 'polypeptide(L)'
;MSAEVIHQVEEALDTDEKEMLLFLCRDVAIDVVPPNVRDLLDILRERGKLSVGDLAELLYRVRRFDLLKRILKMDRKAVE
THLLRNPHLVSDYRVLMAEIGEDLDKSDVSSLIFLMKDYMGRGKISKEKSFLDLVVELEKLNLVAPDQLDLLEKCLKNIH
RIDLKTKIQKYKQSVQGAGTS
;
H,I,J,K,G
3 'polypeptide(L)'
;MDPFLVLLHSVSSSLSSSELTELKGLCLGRVGKRKLERVQSGLDLFSMLLEQNDLEPGHTELLRELLASLRRHDLLRRVD
DFEAGAAAGAAPGEEDLCAAFNVICDNVGKDWRRLARQLKVSDTKIDSIEDRYPRNLTERVRESLRIWKNTEKENATVAH
LVGALRSCQMNLVADLVQEVQQARDLQNRSGAMSPMSWNSDASTSEASLEHHHHHH
;
L,R,Q
#
# COMPACT_ATOMS: atom_id res chain seq x y z
N ASP A 2 -13.89 17.12 32.75
CA ASP A 2 -14.22 18.45 32.25
C ASP A 2 -14.92 18.40 30.88
N PHE A 3 -14.53 19.30 29.97
CA PHE A 3 -15.19 19.43 28.68
C PHE A 3 -14.46 18.70 27.56
N SER A 4 -13.13 18.81 27.48
CA SER A 4 -12.38 18.16 26.42
C SER A 4 -12.48 16.64 26.49
N ARG A 5 -12.74 16.09 27.68
CA ARG A 5 -12.86 14.64 27.81
C ARG A 5 -14.03 14.11 27.01
N ASN A 6 -15.16 14.83 27.01
CA ASN A 6 -16.31 14.41 26.24
C ASN A 6 -16.02 14.43 24.75
N LEU A 7 -15.32 15.46 24.28
CA LEU A 7 -14.95 15.53 22.87
C LEU A 7 -14.02 14.39 22.49
N TYR A 8 -13.06 14.08 23.36
CA TYR A 8 -12.16 12.96 23.09
C TYR A 8 -12.92 11.64 23.02
N ASP A 9 -13.87 11.45 23.94
CA ASP A 9 -14.65 10.23 23.94
C ASP A 9 -15.48 10.12 22.66
N ILE A 10 -16.07 11.23 22.22
CA ILE A 10 -16.86 11.22 20.99
C ILE A 10 -15.97 10.91 19.79
N GLY A 11 -14.79 11.51 19.73
CA GLY A 11 -13.89 11.28 18.61
C GLY A 11 -13.20 9.94 18.62
N GLU A 12 -13.20 9.24 19.75
CA GLU A 12 -12.58 7.93 19.84
C GLU A 12 -13.49 6.80 19.34
N GLN A 13 -14.72 7.11 18.93
CA GLN A 13 -15.67 6.09 18.49
C GLN A 13 -16.15 6.36 17.07
N LEU A 14 -15.27 6.87 16.22
CA LEU A 14 -15.59 7.14 14.82
C LEU A 14 -14.58 6.42 13.93
N ASP A 15 -15.09 5.61 12.99
CA ASP A 15 -14.23 4.89 12.07
C ASP A 15 -13.81 5.80 10.91
N SER A 16 -13.01 5.24 10.00
CA SER A 16 -12.46 6.04 8.91
C SER A 16 -13.54 6.56 7.97
N GLU A 17 -14.52 5.71 7.64
CA GLU A 17 -15.56 6.12 6.70
C GLU A 17 -16.38 7.29 7.24
N ASP A 18 -16.78 7.21 8.51
CA ASP A 18 -17.51 8.32 9.11
C ASP A 18 -16.64 9.57 9.21
N LEU A 19 -15.34 9.40 9.45
CA LEU A 19 -14.45 10.55 9.47
C LEU A 19 -14.40 11.23 8.10
N ALA A 20 -14.34 10.43 7.03
CA ALA A 20 -14.37 11.00 5.69
C ALA A 20 -15.69 11.70 5.42
N SER A 21 -16.80 11.12 5.91
CA SER A 21 -18.10 11.76 5.74
C SER A 21 -18.13 13.13 6.44
N LEU A 22 -17.64 13.18 7.68
CA LEU A 22 -17.60 14.47 8.39
C LEU A 22 -16.69 15.46 7.68
N LYS A 23 -15.57 14.98 7.13
CA LYS A 23 -14.69 15.87 6.36
C LYS A 23 -15.42 16.44 5.16
N PHE A 24 -16.21 15.61 4.48
CA PHE A 24 -16.98 16.10 3.33
C PHE A 24 -18.04 17.11 3.76
N LEU A 25 -18.70 16.88 4.90
CA LEU A 25 -19.79 17.75 5.33
C LEU A 25 -19.30 19.12 5.79
N SER A 26 -18.00 19.32 5.95
CA SER A 26 -17.46 20.58 6.47
C SER A 26 -16.58 21.31 5.47
N LEU A 27 -16.94 21.28 4.18
CA LEU A 27 -16.13 21.97 3.18
C LEU A 27 -16.29 23.48 3.25
N ASP A 28 -17.50 23.96 3.58
CA ASP A 28 -17.75 25.40 3.55
C ASP A 28 -16.92 26.13 4.60
N TYR A 29 -16.82 25.58 5.81
CA TYR A 29 -16.12 26.26 6.89
C TYR A 29 -14.64 25.90 6.98
N ILE A 30 -14.26 24.70 6.58
CA ILE A 30 -12.87 24.26 6.58
C ILE A 30 -12.36 24.27 5.14
N PRO A 31 -11.36 25.09 4.82
CA PRO A 31 -10.86 25.14 3.45
C PRO A 31 -10.18 23.84 3.06
N GLN A 32 -10.06 23.64 1.75
CA GLN A 32 -9.49 22.40 1.23
C GLN A 32 -8.05 22.23 1.66
N ARG A 33 -7.29 23.32 1.74
CA ARG A 33 -5.88 23.23 2.07
C ARG A 33 -5.67 22.66 3.47
N LYS A 34 -6.44 23.12 4.45
CA LYS A 34 -6.32 22.62 5.81
C LYS A 34 -6.99 21.26 6.00
N GLN A 35 -7.78 20.80 5.04
CA GLN A 35 -8.49 19.54 5.18
C GLN A 35 -7.58 18.34 4.97
N GLU A 36 -6.58 18.45 4.10
CA GLU A 36 -5.69 17.33 3.82
C GLU A 36 -4.92 16.85 5.05
N PRO A 37 -4.31 17.71 5.87
CA PRO A 37 -3.60 17.19 7.06
C PRO A 37 -4.51 16.52 8.06
N ILE A 38 -5.82 16.76 8.01
CA ILE A 38 -6.74 16.14 8.96
C ILE A 38 -6.77 14.63 8.71
N LYS A 39 -6.47 13.86 9.75
CA LYS A 39 -6.48 12.41 9.66
C LYS A 39 -7.28 11.75 10.78
N ASP A 40 -7.78 12.52 11.75
CA ASP A 40 -8.56 11.98 12.85
C ASP A 40 -9.51 13.06 13.35
N ALA A 41 -10.54 12.62 14.08
CA ALA A 41 -11.57 13.53 14.54
C ALA A 41 -11.03 14.60 15.48
N LEU A 42 -9.92 14.33 16.17
CA LEU A 42 -9.36 15.31 17.08
C LEU A 42 -8.91 16.56 16.35
N MET A 43 -8.23 16.40 15.21
CA MET A 43 -7.78 17.56 14.44
C MET A 43 -8.97 18.37 13.91
N LEU A 44 -10.01 17.68 13.42
CA LEU A 44 -11.18 18.38 12.92
C LEU A 44 -11.88 19.16 14.04
N PHE A 45 -11.99 18.55 15.22
CA PHE A 45 -12.61 19.23 16.35
C PHE A 45 -11.79 20.44 16.77
N GLN A 46 -10.45 20.30 16.76
CA GLN A 46 -9.60 21.44 17.10
C GLN A 46 -9.76 22.57 16.10
N ARG A 47 -9.82 22.24 14.81
CA ARG A 47 -10.02 23.26 13.79
C ARG A 47 -11.37 23.95 13.96
N LEU A 48 -12.42 23.18 14.25
CA LEU A 48 -13.72 23.78 14.50
C LEU A 48 -13.70 24.68 15.73
N GLN A 49 -12.93 24.29 16.75
CA GLN A 49 -12.75 25.16 17.91
C GLN A 49 -12.04 26.45 17.53
N GLU A 50 -11.10 26.38 16.59
CA GLU A 50 -10.36 27.58 16.18
C GLU A 50 -11.30 28.64 15.62
N LYS A 51 -12.24 28.24 14.77
CA LYS A 51 -13.15 29.20 14.13
C LYS A 51 -14.24 29.70 15.05
N ARG A 52 -14.24 29.29 16.32
CA ARG A 52 -15.20 29.77 17.32
C ARG A 52 -16.64 29.49 16.88
N MET A 53 -16.87 28.31 16.32
CA MET A 53 -18.23 27.85 16.05
C MET A 53 -18.52 26.53 16.76
N LEU A 54 -17.63 26.08 17.63
CA LEU A 54 -17.87 24.87 18.44
C LEU A 54 -17.09 25.06 19.74
N GLU A 55 -17.79 25.45 20.80
CA GLU A 55 -17.18 25.71 22.09
C GLU A 55 -17.96 25.00 23.18
N GLU A 56 -17.57 25.24 24.43
CA GLU A 56 -18.23 24.59 25.56
C GLU A 56 -19.69 25.03 25.68
N SER A 57 -19.96 26.31 25.47
CA SER A 57 -21.32 26.82 25.62
C SER A 57 -22.19 26.47 24.42
N ASN A 58 -21.62 26.45 23.22
CA ASN A 58 -22.36 26.23 21.98
C ASN A 58 -21.96 24.88 21.40
N LEU A 59 -22.91 23.94 21.41
CA LEU A 59 -22.69 22.61 20.84
C LEU A 59 -23.72 22.27 19.77
N SER A 60 -24.40 23.27 19.22
CA SER A 60 -25.45 23.00 18.24
C SER A 60 -24.86 22.43 16.94
N PHE A 61 -23.73 22.97 16.49
CA PHE A 61 -23.16 22.50 15.23
C PHE A 61 -22.72 21.04 15.33
N LEU A 62 -22.09 20.67 16.44
CA LEU A 62 -21.67 19.28 16.61
C LEU A 62 -22.88 18.35 16.67
N LYS A 63 -23.95 18.77 17.36
CA LYS A 63 -25.17 17.98 17.41
C LYS A 63 -25.73 17.75 16.02
N GLU A 64 -25.84 18.82 15.23
CA GLU A 64 -26.37 18.72 13.88
C GLU A 64 -25.49 17.83 13.01
N LEU A 65 -24.17 17.99 13.11
CA LEU A 65 -23.25 17.19 12.31
C LEU A 65 -23.37 15.72 12.65
N LEU A 66 -23.44 15.39 13.95
CA LEU A 66 -23.56 13.99 14.34
C LEU A 66 -24.89 13.41 13.91
N PHE A 67 -25.98 14.19 14.02
CA PHE A 67 -27.27 13.68 13.60
C PHE A 67 -27.35 13.49 12.10
N ARG A 68 -26.61 14.29 11.33
CA ARG A 68 -26.70 14.21 9.87
C ARG A 68 -26.16 12.87 9.35
N ILE A 69 -25.12 12.34 9.99
CA ILE A 69 -24.45 11.14 9.49
C ILE A 69 -25.18 9.90 10.00
N ASN A 70 -26.37 10.10 10.58
CA ASN A 70 -27.22 9.01 11.04
C ASN A 70 -26.51 8.14 12.09
N ARG A 71 -26.15 8.79 13.20
CA ARG A 71 -25.55 8.11 14.34
C ARG A 71 -26.10 8.77 15.61
N LEU A 72 -27.19 8.21 16.13
CA LEU A 72 -27.85 8.77 17.30
C LEU A 72 -27.29 8.23 18.61
N ASP A 73 -26.44 7.20 18.56
CA ASP A 73 -25.91 6.62 19.80
C ASP A 73 -25.05 7.64 20.55
N LEU A 74 -24.16 8.32 19.85
CA LEU A 74 -23.34 9.36 20.47
C LEU A 74 -24.20 10.51 20.98
N LEU A 75 -25.29 10.81 20.27
CA LEU A 75 -26.19 11.87 20.72
C LEU A 75 -26.85 11.51 22.06
N ILE A 76 -27.43 10.31 22.14
CA ILE A 76 -28.16 9.95 23.36
C ILE A 76 -27.20 9.72 24.52
N THR A 77 -26.02 9.14 24.26
CA THR A 77 -25.13 8.77 25.34
C THR A 77 -24.39 9.98 25.92
N TYR A 78 -23.58 10.65 25.10
CA TYR A 78 -22.68 11.68 25.60
C TYR A 78 -23.31 13.07 25.53
N LEU A 79 -23.78 13.47 24.35
CA LEU A 79 -24.34 14.80 24.18
C LEU A 79 -25.66 15.00 24.92
N ASN A 80 -26.27 13.92 25.40
CA ASN A 80 -27.48 13.99 26.23
C ASN A 80 -28.62 14.72 25.49
N THR A 81 -29.04 14.11 24.38
CA THR A 81 -30.13 14.65 23.59
C THR A 81 -30.89 13.51 22.93
N ARG A 82 -32.10 13.82 22.48
CA ARG A 82 -32.97 12.86 21.83
C ARG A 82 -33.27 13.29 20.41
N LYS A 83 -33.85 12.35 19.64
CA LYS A 83 -34.13 12.62 18.23
C LYS A 83 -35.27 13.63 18.07
N GLU A 84 -36.26 13.58 18.96
CA GLU A 84 -37.42 14.46 18.81
C GLU A 84 -37.03 15.93 18.93
N GLU A 85 -36.28 16.27 19.98
CA GLU A 85 -35.87 17.66 20.16
C GLU A 85 -34.85 18.07 19.11
N MET A 86 -34.04 17.13 18.61
CA MET A 86 -33.13 17.44 17.52
C MET A 86 -33.91 17.83 16.26
N GLU A 87 -34.95 17.08 15.94
CA GLU A 87 -35.79 17.44 14.80
C GLU A 87 -36.51 18.76 15.04
N ARG A 88 -36.98 18.99 16.26
CA ARG A 88 -37.64 20.24 16.59
C ARG A 88 -36.70 21.43 16.36
N GLU A 89 -35.46 21.31 16.81
CA GLU A 89 -34.48 22.37 16.58
C GLU A 89 -34.18 22.54 15.11
N LEU A 90 -34.05 21.43 14.37
CA LEU A 90 -33.70 21.52 12.96
C LEU A 90 -34.82 22.10 12.11
N GLN A 91 -36.05 22.12 12.60
CA GLN A 91 -37.13 22.74 11.85
C GLN A 91 -37.01 24.27 11.80
N THR A 92 -36.14 24.85 12.60
CA THR A 92 -35.93 26.29 12.55
C THR A 92 -35.18 26.65 11.27
N PRO A 93 -35.71 27.55 10.44
CA PRO A 93 -35.01 27.88 9.17
C PRO A 93 -33.63 28.47 9.37
N GLY A 94 -33.42 29.25 10.44
CA GLY A 94 -32.15 29.91 10.66
C GLY A 94 -31.09 29.13 11.39
N ARG A 95 -31.41 27.95 11.91
CA ARG A 95 -30.46 27.14 12.66
C ARG A 95 -29.85 26.03 11.84
N ALA A 96 -30.09 25.99 10.53
CA ALA A 96 -29.52 24.97 9.65
C ALA A 96 -28.16 25.44 9.21
N GLN A 97 -27.14 25.07 9.98
CA GLN A 97 -25.77 25.46 9.64
C GLN A 97 -25.33 24.87 8.32
N ILE A 98 -25.66 23.60 8.09
CA ILE A 98 -25.31 22.92 6.84
C ILE A 98 -26.46 23.08 5.86
N SER A 99 -26.16 23.56 4.67
CA SER A 99 -27.18 23.74 3.64
C SER A 99 -27.74 22.39 3.20
N ALA A 100 -29.00 22.40 2.77
CA ALA A 100 -29.64 21.17 2.33
C ALA A 100 -28.97 20.58 1.09
N TYR A 101 -28.18 21.37 0.38
CA TYR A 101 -27.47 20.87 -0.80
C TYR A 101 -26.50 19.75 -0.40
N ARG A 102 -25.70 19.98 0.63
CA ARG A 102 -24.74 18.97 1.08
C ARG A 102 -25.46 17.73 1.61
N VAL A 103 -26.56 17.95 2.34
CA VAL A 103 -27.32 16.81 2.85
C VAL A 103 -27.88 15.97 1.71
N MET A 104 -28.41 16.63 0.68
CA MET A 104 -28.91 15.90 -0.49
C MET A 104 -27.80 15.12 -1.16
N LEU A 105 -26.63 15.74 -1.33
CA LEU A 105 -25.52 15.05 -1.96
C LEU A 105 -25.09 13.83 -1.15
N TYR A 106 -25.01 13.97 0.17
CA TYR A 106 -24.63 12.84 1.01
C TYR A 106 -25.67 11.73 0.95
N GLN A 107 -26.96 12.08 0.98
CA GLN A 107 -28.01 11.07 0.89
C GLN A 107 -27.96 10.33 -0.43
N ILE A 108 -27.72 11.05 -1.53
CA ILE A 108 -27.58 10.40 -2.83
C ILE A 108 -26.36 9.49 -2.84
N SER A 109 -25.28 9.92 -2.19
CA SER A 109 -24.08 9.08 -2.11
C SER A 109 -24.35 7.79 -1.35
N GLU A 110 -25.21 7.86 -0.33
CA GLU A 110 -25.50 6.67 0.46
C GLU A 110 -26.19 5.59 -0.36
N GLU A 111 -27.00 5.99 -1.34
CA GLU A 111 -27.89 5.09 -2.04
C GLU A 111 -27.29 4.48 -3.30
N VAL A 112 -25.97 4.34 -3.37
CA VAL A 112 -25.29 3.84 -4.56
C VAL A 112 -24.43 2.64 -4.17
N SER A 113 -24.54 1.56 -4.94
CA SER A 113 -23.75 0.36 -4.72
C SER A 113 -22.50 0.37 -5.58
N ARG A 114 -21.66 -0.65 -5.40
CA ARG A 114 -20.38 -0.71 -6.13
C ARG A 114 -20.61 -0.85 -7.64
N SER A 115 -21.54 -1.71 -8.04
CA SER A 115 -21.86 -1.83 -9.46
C SER A 115 -22.43 -0.53 -10.01
N GLU A 116 -23.31 0.12 -9.23
CA GLU A 116 -23.83 1.41 -9.64
C GLU A 116 -22.72 2.46 -9.67
N LEU A 117 -21.75 2.36 -8.75
CA LEU A 117 -20.61 3.28 -8.78
C LEU A 117 -19.80 3.11 -10.05
N ARG A 118 -19.57 1.86 -10.47
CA ARG A 118 -18.85 1.62 -11.71
C ARG A 118 -19.65 2.12 -12.91
N SER A 119 -20.97 1.94 -12.88
CA SER A 119 -21.81 2.46 -13.95
C SER A 119 -21.72 3.97 -14.03
N PHE A 120 -21.71 4.65 -12.88
CA PHE A 120 -21.52 6.09 -12.86
C PHE A 120 -20.17 6.46 -13.46
N LYS A 121 -19.10 5.80 -13.02
CA LYS A 121 -17.76 6.13 -13.50
C LYS A 121 -17.60 5.85 -14.99
N GLY A 122 -18.37 4.92 -15.54
CA GLY A 122 -18.29 4.59 -16.94
C GLY A 122 -19.02 5.52 -17.88
N GLY A 123 -19.64 6.58 -17.36
CA GLY A 123 -20.37 7.50 -18.21
C GLY A 123 -20.00 8.95 -18.00
N LEU A 124 -18.73 9.22 -17.65
CA LEU A 124 -18.30 10.58 -17.38
C LEU A 124 -16.90 10.87 -17.93
N GLN A 125 -16.43 10.11 -18.92
CA GLN A 125 -15.07 10.28 -19.43
C GLN A 125 -14.85 11.66 -20.06
N GLU A 126 -15.92 12.34 -20.47
CA GLU A 126 -15.76 13.62 -21.14
C GLU A 126 -15.16 14.67 -20.21
N GLU A 127 -15.58 14.69 -18.96
CA GLU A 127 -15.19 15.74 -18.02
C GLU A 127 -14.01 15.34 -17.13
N ILE A 128 -14.06 14.14 -16.55
CA ILE A 128 -13.05 13.69 -15.60
C ILE A 128 -12.19 12.63 -16.26
N SER A 129 -10.88 12.77 -16.13
CA SER A 129 -9.95 11.79 -16.69
C SER A 129 -10.05 10.46 -15.96
N LYS A 130 -9.83 9.38 -16.70
CA LYS A 130 -9.91 8.05 -16.11
C LYS A 130 -8.84 7.83 -15.05
N CYS A 131 -7.66 8.42 -15.24
CA CYS A 131 -6.58 8.26 -14.26
C CYS A 131 -6.97 8.81 -12.90
N LYS A 132 -7.61 9.98 -12.86
CA LYS A 132 -8.02 10.56 -11.60
C LYS A 132 -9.14 9.76 -10.95
N LEU A 133 -9.95 9.07 -11.75
CA LEU A 133 -10.97 8.19 -11.19
C LEU A 133 -10.34 7.03 -10.43
N ASP A 134 -9.30 6.43 -11.00
CA ASP A 134 -8.58 5.31 -10.39
C ASP A 134 -9.47 4.08 -10.23
N ASP A 135 -10.70 4.15 -10.73
CA ASP A 135 -11.67 3.06 -10.75
C ASP A 135 -12.04 2.56 -9.36
N ASP A 136 -11.62 3.27 -8.30
CA ASP A 136 -11.97 2.87 -6.94
C ASP A 136 -12.28 4.04 -6.02
N MET A 137 -12.32 5.27 -6.54
CA MET A 137 -12.64 6.42 -5.71
C MET A 137 -14.10 6.35 -5.25
N ASN A 138 -14.34 6.77 -4.02
CA ASN A 138 -15.69 6.81 -3.49
C ASN A 138 -16.50 7.92 -4.17
N LEU A 139 -17.82 7.80 -4.06
CA LEU A 139 -18.70 8.74 -4.74
C LEU A 139 -18.52 10.16 -4.24
N LEU A 140 -18.10 10.33 -2.99
CA LEU A 140 -17.86 11.68 -2.47
C LEU A 140 -16.71 12.35 -3.22
N ASP A 141 -15.66 11.61 -3.53
CA ASP A 141 -14.54 12.17 -4.28
C ASP A 141 -14.99 12.55 -5.70
N ILE A 142 -15.82 11.72 -6.32
CA ILE A 142 -16.34 12.06 -7.65
C ILE A 142 -17.20 13.32 -7.58
N PHE A 143 -18.01 13.45 -6.53
CA PHE A 143 -18.86 14.62 -6.39
C PHE A 143 -18.02 15.89 -6.19
N ILE A 144 -16.98 15.82 -5.36
CA ILE A 144 -16.16 17.01 -5.16
C ILE A 144 -15.36 17.34 -6.41
N GLU A 145 -14.93 16.32 -7.16
CA GLU A 145 -14.25 16.57 -8.42
C GLU A 145 -15.17 17.27 -9.42
N MET A 146 -16.42 16.82 -9.51
CA MET A 146 -17.39 17.50 -10.38
C MET A 146 -17.65 18.92 -9.92
N GLU A 147 -17.72 19.13 -8.59
CA GLU A 147 -17.93 20.47 -8.06
C GLU A 147 -16.77 21.39 -8.42
N LYS A 148 -15.54 20.87 -8.38
CA LYS A 148 -14.37 21.70 -8.68
C LYS A 148 -14.41 22.19 -10.13
N ARG A 149 -14.81 21.32 -11.06
CA ARG A 149 -14.85 21.66 -12.47
C ARG A 149 -16.17 22.30 -12.89
N VAL A 150 -17.03 22.64 -11.93
CA VAL A 150 -18.31 23.29 -12.19
C VAL A 150 -19.12 22.45 -13.17
N ILE A 151 -19.29 21.17 -12.86
CA ILE A 151 -20.20 20.30 -13.59
C ILE A 151 -21.48 20.06 -12.80
N LEU A 152 -21.34 19.69 -11.52
CA LEU A 152 -22.47 19.54 -10.61
C LEU A 152 -22.48 20.76 -9.70
N GLY A 153 -23.26 21.77 -10.08
CA GLY A 153 -23.36 23.00 -9.34
C GLY A 153 -24.65 23.12 -8.54
N GLU A 154 -24.73 24.21 -7.79
CA GLU A 154 -25.94 24.48 -7.00
C GLU A 154 -27.14 24.67 -7.89
N GLY A 155 -26.99 25.42 -8.99
CA GLY A 155 -28.05 25.56 -9.96
C GLY A 155 -27.88 24.62 -11.13
N LYS A 156 -26.72 23.98 -11.22
CA LYS A 156 -26.41 23.05 -12.30
C LYS A 156 -26.67 21.63 -11.80
N LEU A 157 -27.88 21.14 -12.05
CA LEU A 157 -28.27 19.80 -11.66
C LEU A 157 -28.76 18.96 -12.85
N ASP A 158 -28.63 19.48 -14.07
CA ASP A 158 -29.14 18.76 -15.23
C ASP A 158 -28.33 17.50 -15.51
N ILE A 159 -27.02 17.57 -15.34
CA ILE A 159 -26.18 16.39 -15.58
C ILE A 159 -26.47 15.31 -14.55
N LEU A 160 -26.61 15.70 -13.28
CA LEU A 160 -26.97 14.74 -12.24
C LEU A 160 -28.35 14.16 -12.50
N LYS A 161 -29.30 15.01 -12.92
CA LYS A 161 -30.64 14.52 -13.22
C LYS A 161 -30.62 13.52 -14.37
N ARG A 162 -29.86 13.79 -15.42
CA ARG A 162 -29.85 12.90 -16.57
C ARG A 162 -29.14 11.59 -16.25
N VAL A 163 -28.05 11.64 -15.47
CA VAL A 163 -27.41 10.38 -15.09
C VAL A 163 -28.30 9.59 -14.12
N CYS A 164 -29.07 10.29 -13.29
CA CYS A 164 -30.04 9.62 -12.44
C CYS A 164 -31.08 8.89 -13.27
N ALA A 165 -31.70 9.61 -14.22
CA ALA A 165 -32.65 8.97 -15.13
C ALA A 165 -32.01 7.82 -15.90
N GLN A 166 -30.71 7.92 -16.16
CA GLN A 166 -29.99 6.80 -16.75
C GLN A 166 -30.00 5.58 -15.83
N ILE A 167 -29.68 5.77 -14.56
CA ILE A 167 -29.48 4.63 -13.68
C ILE A 167 -30.74 4.25 -12.92
N ASN A 168 -31.24 5.16 -12.07
CA ASN A 168 -32.33 4.81 -11.17
C ASN A 168 -33.29 5.99 -11.04
N LYS A 169 -34.58 5.68 -10.90
CA LYS A 169 -35.60 6.70 -10.75
C LYS A 169 -35.91 7.03 -9.29
N SER A 170 -35.46 6.19 -8.35
CA SER A 170 -35.72 6.46 -6.94
C SER A 170 -35.02 7.73 -6.48
N LEU A 171 -33.77 7.92 -6.89
CA LEU A 171 -33.03 9.13 -6.52
C LEU A 171 -33.61 10.36 -7.18
N LEU A 172 -34.29 10.21 -8.31
CA LEU A 172 -34.98 11.34 -8.93
C LEU A 172 -36.03 11.92 -8.01
N LYS A 173 -36.69 11.07 -7.22
CA LYS A 173 -37.66 11.57 -6.25
C LYS A 173 -36.99 12.51 -5.24
N ILE A 174 -35.83 12.09 -4.70
CA ILE A 174 -35.11 12.93 -3.76
C ILE A 174 -34.67 14.22 -4.42
N ILE A 175 -34.15 14.12 -5.65
CA ILE A 175 -33.66 15.32 -6.35
C ILE A 175 -34.80 16.31 -6.56
N ASN A 176 -35.95 15.83 -7.04
CA ASN A 176 -37.03 16.75 -7.35
C ASN A 176 -37.68 17.31 -6.09
N ASP A 177 -37.78 16.52 -5.01
CA ASP A 177 -38.32 17.10 -3.79
C ASP A 177 -37.38 18.13 -3.18
N TYR A 178 -36.06 17.90 -3.31
CA TYR A 178 -35.11 18.92 -2.89
C TYR A 178 -35.25 20.19 -3.71
N GLU A 179 -35.43 20.04 -5.03
CA GLU A 179 -35.61 21.21 -5.88
C GLU A 179 -36.91 21.95 -5.53
N GLU A 180 -37.98 21.22 -5.26
CA GLU A 180 -39.24 21.83 -4.85
C GLU A 180 -39.20 22.37 -3.43
N PHE A 181 -38.18 22.02 -2.64
CA PHE A 181 -38.04 22.58 -1.30
C PHE A 181 -37.88 24.09 -1.36
N SER A 182 -37.05 24.58 -2.29
CA SER A 182 -36.82 26.01 -2.49
C SER A 182 -36.37 26.70 -1.19
N MET B 1 9.07 -15.25 28.94
CA MET B 1 9.18 -15.66 27.55
C MET B 1 8.12 -16.72 27.23
N ASP B 2 7.85 -17.59 28.19
CA ASP B 2 6.88 -18.67 27.97
C ASP B 2 5.47 -18.12 27.80
N PHE B 3 5.11 -17.09 28.57
CA PHE B 3 3.75 -16.55 28.50
C PHE B 3 3.46 -15.95 27.13
N SER B 4 4.41 -15.19 26.59
CA SER B 4 4.22 -14.59 25.27
C SER B 4 4.14 -15.66 24.20
N ARG B 5 4.98 -16.69 24.29
CA ARG B 5 4.94 -17.78 23.33
C ARG B 5 3.61 -18.51 23.39
N ASN B 6 3.09 -18.73 24.60
CA ASN B 6 1.80 -19.39 24.75
C ASN B 6 0.67 -18.55 24.14
N LEU B 7 0.72 -17.22 24.36
CA LEU B 7 -0.29 -16.37 23.75
C LEU B 7 -0.20 -16.41 22.23
N TYR B 8 1.01 -16.40 21.70
CA TYR B 8 1.18 -16.47 20.24
C TYR B 8 0.65 -17.79 19.70
N ASP B 9 0.91 -18.88 20.40
CA ASP B 9 0.41 -20.19 19.96
C ASP B 9 -1.11 -20.22 19.99
N ILE B 10 -1.72 -19.64 21.03
CA ILE B 10 -3.18 -19.58 21.10
C ILE B 10 -3.73 -18.75 19.95
N GLY B 11 -3.10 -17.62 19.67
CA GLY B 11 -3.59 -16.76 18.59
C GLY B 11 -3.39 -17.34 17.21
N GLU B 12 -2.42 -18.23 17.04
CA GLU B 12 -2.16 -18.82 15.72
C GLU B 12 -3.18 -19.88 15.32
N GLN B 13 -4.09 -20.27 16.22
CA GLN B 13 -5.07 -21.31 15.92
C GLN B 13 -6.45 -20.74 15.61
N LEU B 14 -6.55 -19.43 15.38
CA LEU B 14 -7.83 -18.77 15.13
C LEU B 14 -7.88 -18.24 13.71
N ASP B 15 -8.92 -18.62 12.97
CA ASP B 15 -9.11 -18.17 11.60
C ASP B 15 -9.78 -16.79 11.58
N SER B 16 -10.21 -16.36 10.40
CA SER B 16 -10.77 -15.02 10.26
C SER B 16 -12.14 -14.91 10.92
N GLU B 17 -12.99 -15.93 10.74
CA GLU B 17 -14.33 -15.86 11.31
C GLU B 17 -14.30 -15.81 12.83
N ASP B 18 -13.43 -16.61 13.45
CA ASP B 18 -13.30 -16.58 14.90
C ASP B 18 -12.77 -15.24 15.37
N LEU B 19 -11.84 -14.66 14.61
CA LEU B 19 -11.32 -13.33 14.97
C LEU B 19 -12.42 -12.27 14.90
N ALA B 20 -13.27 -12.33 13.88
CA ALA B 20 -14.38 -11.40 13.78
C ALA B 20 -15.35 -11.59 14.95
N SER B 21 -15.62 -12.85 15.31
CA SER B 21 -16.50 -13.11 16.45
C SER B 21 -15.93 -12.55 17.74
N LEU B 22 -14.62 -12.73 17.95
CA LEU B 22 -13.97 -12.18 19.14
C LEU B 22 -14.03 -10.65 19.13
N LYS B 23 -13.82 -10.05 17.96
CA LYS B 23 -13.91 -8.59 17.87
C LYS B 23 -15.30 -8.09 18.23
N PHE B 24 -16.34 -8.80 17.77
CA PHE B 24 -17.70 -8.41 18.15
C PHE B 24 -17.93 -8.60 19.64
N LEU B 25 -17.46 -9.71 20.21
CA LEU B 25 -17.72 -9.98 21.63
C LEU B 25 -17.03 -8.97 22.53
N SER B 26 -15.78 -8.60 22.22
CA SER B 26 -15.02 -7.68 23.05
C SER B 26 -15.17 -6.24 22.61
N LEU B 27 -16.31 -5.89 21.99
CA LEU B 27 -16.49 -4.53 21.47
C LEU B 27 -16.58 -3.50 22.59
N ASP B 28 -17.08 -3.89 23.76
CA ASP B 28 -17.35 -2.91 24.81
C ASP B 28 -16.06 -2.32 25.38
N TYR B 29 -15.01 -3.14 25.50
CA TYR B 29 -13.82 -2.73 26.22
C TYR B 29 -12.74 -2.12 25.34
N ILE B 30 -12.98 -1.98 24.04
CA ILE B 30 -12.03 -1.30 23.17
C ILE B 30 -12.79 -0.38 22.20
N PRO B 31 -12.38 0.88 22.07
CA PRO B 31 -13.06 1.77 21.13
C PRO B 31 -12.83 1.35 19.69
N GLN B 32 -13.77 1.71 18.83
CA GLN B 32 -13.69 1.33 17.42
C GLN B 32 -12.51 1.96 16.70
N ARG B 33 -12.02 3.10 17.17
CA ARG B 33 -10.85 3.72 16.53
C ARG B 33 -9.63 2.82 16.65
N LYS B 34 -9.44 2.20 17.81
CA LYS B 34 -8.33 1.29 18.02
C LYS B 34 -8.69 -0.16 17.70
N GLN B 35 -9.91 -0.40 17.22
CA GLN B 35 -10.35 -1.75 16.88
C GLN B 35 -10.34 -2.02 15.39
N GLU B 36 -10.64 -1.03 14.56
CA GLU B 36 -10.66 -1.23 13.11
C GLU B 36 -9.32 -1.69 12.55
N PRO B 37 -8.16 -1.11 12.90
CA PRO B 37 -6.91 -1.55 12.27
C PRO B 37 -6.41 -2.90 12.76
N ILE B 38 -7.25 -3.63 13.50
CA ILE B 38 -6.85 -4.96 13.98
C ILE B 38 -6.93 -5.92 12.80
N LYS B 39 -5.77 -6.47 12.42
CA LYS B 39 -5.69 -7.43 11.32
C LYS B 39 -5.33 -8.83 11.79
N ASP B 40 -5.01 -9.02 13.07
CA ASP B 40 -4.63 -10.32 13.59
C ASP B 40 -4.91 -10.37 15.08
N ALA B 41 -4.97 -11.58 15.61
CA ALA B 41 -5.24 -11.76 17.04
C ALA B 41 -4.14 -11.18 17.92
N LEU B 42 -2.92 -11.06 17.39
CA LEU B 42 -1.83 -10.52 18.19
C LEU B 42 -2.08 -9.07 18.58
N MET B 43 -2.59 -8.26 17.65
CA MET B 43 -2.89 -6.87 17.96
C MET B 43 -4.01 -6.77 18.99
N LEU B 44 -5.02 -7.64 18.89
CA LEU B 44 -6.09 -7.65 19.87
C LEU B 44 -5.57 -8.02 21.25
N PHE B 45 -4.67 -9.00 21.31
CA PHE B 45 -4.06 -9.37 22.59
C PHE B 45 -3.24 -8.22 23.16
N GLN B 46 -2.51 -7.51 22.31
CA GLN B 46 -1.75 -6.35 22.77
C GLN B 46 -2.68 -5.27 23.31
N ARG B 47 -3.80 -5.01 22.62
CA ARG B 47 -4.75 -4.01 23.08
C ARG B 47 -5.33 -4.40 24.43
N LEU B 48 -5.69 -5.67 24.60
CA LEU B 48 -6.21 -6.12 25.89
C LEU B 48 -5.15 -6.00 26.98
N GLN B 49 -3.90 -6.32 26.65
CA GLN B 49 -2.83 -6.21 27.63
C GLN B 49 -2.62 -4.76 28.06
N GLU B 50 -2.78 -3.81 27.14
CA GLU B 50 -2.60 -2.41 27.47
C GLU B 50 -3.61 -1.94 28.51
N LYS B 51 -4.87 -2.39 28.38
CA LYS B 51 -5.95 -1.93 29.24
C LYS B 51 -6.07 -2.74 30.52
N ARG B 52 -5.12 -3.65 30.78
CA ARG B 52 -5.07 -4.44 32.01
C ARG B 52 -6.32 -5.29 32.18
N MET B 53 -6.54 -6.16 31.18
CA MET B 53 -7.53 -7.22 31.28
C MET B 53 -6.95 -8.59 30.98
N LEU B 54 -5.72 -8.68 30.51
CA LEU B 54 -5.05 -9.94 30.24
C LEU B 54 -3.57 -9.78 30.57
N GLU B 55 -3.05 -10.67 31.41
CA GLU B 55 -1.66 -10.63 31.81
C GLU B 55 -1.26 -12.00 32.34
N GLU B 56 -0.01 -12.10 32.79
CA GLU B 56 0.47 -13.38 33.32
C GLU B 56 -0.28 -13.77 34.58
N SER B 57 -0.54 -12.81 35.48
CA SER B 57 -1.23 -13.13 36.72
C SER B 57 -2.73 -13.31 36.50
N ASN B 58 -3.34 -12.53 35.62
CA ASN B 58 -4.77 -12.54 35.40
C ASN B 58 -5.07 -13.09 34.01
N LEU B 59 -5.73 -14.25 33.96
CA LEU B 59 -6.15 -14.86 32.71
C LEU B 59 -7.65 -15.12 32.67
N SER B 60 -8.41 -14.56 33.61
CA SER B 60 -9.84 -14.86 33.70
C SER B 60 -10.63 -14.35 32.51
N PHE B 61 -10.09 -13.39 31.76
CA PHE B 61 -10.81 -12.87 30.60
C PHE B 61 -10.58 -13.70 29.35
N LEU B 62 -9.35 -14.15 29.12
CA LEU B 62 -9.05 -14.96 27.94
C LEU B 62 -9.78 -16.29 27.99
N LYS B 63 -9.82 -16.92 29.16
CA LYS B 63 -10.53 -18.18 29.29
C LYS B 63 -12.02 -18.00 29.00
N GLU B 64 -12.61 -16.94 29.52
CA GLU B 64 -14.03 -16.69 29.27
C GLU B 64 -14.28 -16.42 27.79
N LEU B 65 -13.40 -15.64 27.15
CA LEU B 65 -13.57 -15.36 25.73
C LEU B 65 -13.50 -16.64 24.90
N LEU B 66 -12.52 -17.50 25.21
CA LEU B 66 -12.39 -18.74 24.46
C LEU B 66 -13.56 -19.69 24.74
N PHE B 67 -14.11 -19.64 25.95
CA PHE B 67 -15.26 -20.49 26.27
C PHE B 67 -16.54 -20.00 25.62
N ARG B 68 -16.65 -18.69 25.38
CA ARG B 68 -17.89 -18.15 24.81
C ARG B 68 -18.05 -18.53 23.35
N ILE B 69 -16.95 -18.68 22.62
CA ILE B 69 -17.02 -18.98 21.19
C ILE B 69 -16.90 -20.47 20.96
N ASN B 70 -17.12 -21.26 22.02
CA ASN B 70 -17.11 -22.72 21.94
C ASN B 70 -15.77 -23.26 21.44
N ARG B 71 -14.68 -22.59 21.80
CA ARG B 71 -13.34 -23.09 21.48
C ARG B 71 -12.76 -23.87 22.66
N LEU B 72 -13.47 -24.93 23.03
CA LEU B 72 -13.08 -25.71 24.20
C LEU B 72 -11.73 -26.40 24.04
N ASP B 73 -11.25 -26.56 22.81
CA ASP B 73 -9.98 -27.24 22.60
C ASP B 73 -8.82 -26.44 23.18
N LEU B 74 -8.76 -25.14 22.88
CA LEU B 74 -7.64 -24.33 23.32
C LEU B 74 -7.62 -24.14 24.83
N LEU B 75 -8.78 -24.19 25.47
CA LEU B 75 -8.84 -24.04 26.93
C LEU B 75 -8.07 -25.16 27.61
N ILE B 76 -8.32 -26.40 27.22
CA ILE B 76 -7.66 -27.54 27.87
C ILE B 76 -6.30 -27.82 27.27
N THR B 77 -6.03 -27.39 26.04
CA THR B 77 -4.75 -27.70 25.41
C THR B 77 -3.63 -26.85 26.00
N TYR B 78 -3.87 -25.56 26.23
CA TYR B 78 -2.83 -24.64 26.66
C TYR B 78 -3.06 -24.05 28.03
N LEU B 79 -4.26 -23.51 28.29
CA LEU B 79 -4.51 -22.84 29.57
C LEU B 79 -4.79 -23.82 30.70
N ASN B 80 -4.94 -25.10 30.41
CA ASN B 80 -5.10 -26.15 31.43
C ASN B 80 -6.32 -25.88 32.30
N THR B 81 -7.47 -25.76 31.64
CA THR B 81 -8.76 -25.58 32.32
C THR B 81 -9.79 -26.49 31.68
N ARG B 82 -10.76 -26.93 32.48
CA ARG B 82 -11.82 -27.80 32.00
C ARG B 82 -13.11 -27.02 31.81
N LYS B 83 -14.03 -27.62 31.05
CA LYS B 83 -15.30 -26.96 30.78
C LYS B 83 -16.12 -26.79 32.04
N GLU B 84 -16.14 -27.82 32.91
CA GLU B 84 -16.94 -27.74 34.12
C GLU B 84 -16.45 -26.64 35.05
N GLU B 85 -15.12 -26.48 35.17
CA GLU B 85 -14.60 -25.42 36.03
C GLU B 85 -15.00 -24.05 35.51
N MET B 86 -14.93 -23.84 34.21
CA MET B 86 -15.35 -22.56 33.63
C MET B 86 -16.84 -22.33 33.83
N GLU B 87 -17.65 -23.39 33.69
CA GLU B 87 -19.08 -23.26 33.90
C GLU B 87 -19.39 -22.87 35.34
N ARG B 88 -18.70 -23.50 36.30
CA ARG B 88 -18.91 -23.14 37.70
C ARG B 88 -18.44 -21.72 37.98
N GLU B 89 -17.33 -21.30 37.38
CA GLU B 89 -16.86 -19.93 37.54
C GLU B 89 -17.88 -18.93 37.01
N LEU B 90 -18.46 -19.21 35.84
CA LEU B 90 -19.47 -18.33 35.28
C LEU B 90 -20.78 -18.39 36.07
N GLN B 91 -21.03 -19.49 36.78
CA GLN B 91 -22.23 -19.57 37.61
C GLN B 91 -22.16 -18.59 38.77
N THR B 92 -20.97 -18.37 39.31
CA THR B 92 -20.80 -17.43 40.42
C THR B 92 -21.03 -16.00 39.92
N PRO B 93 -21.94 -15.25 40.53
CA PRO B 93 -22.18 -13.88 40.08
C PRO B 93 -21.01 -12.97 40.39
N GLY B 94 -20.90 -11.90 39.60
CA GLY B 94 -19.84 -10.92 39.77
C GLY B 94 -18.58 -11.18 38.98
N ARG B 95 -18.48 -12.33 38.30
CA ARG B 95 -17.31 -12.66 37.51
C ARG B 95 -17.63 -12.85 36.03
N ALA B 96 -18.80 -12.38 35.59
CA ALA B 96 -19.17 -12.41 34.18
C ALA B 96 -18.89 -11.03 33.60
N GLN B 97 -17.72 -10.86 32.99
CA GLN B 97 -17.33 -9.55 32.49
C GLN B 97 -18.09 -9.17 31.22
N ILE B 98 -18.56 -10.16 30.48
CA ILE B 98 -19.36 -9.90 29.28
C ILE B 98 -20.83 -10.00 29.64
N SER B 99 -21.58 -8.93 29.36
CA SER B 99 -23.00 -8.90 29.69
C SER B 99 -23.77 -9.91 28.84
N ALA B 100 -24.92 -10.32 29.37
CA ALA B 100 -25.76 -11.29 28.67
C ALA B 100 -26.26 -10.77 27.33
N TYR B 101 -26.29 -9.46 27.14
CA TYR B 101 -26.77 -8.89 25.88
C TYR B 101 -25.92 -9.35 24.71
N ARG B 102 -24.60 -9.19 24.81
CA ARG B 102 -23.71 -9.55 23.71
C ARG B 102 -23.73 -11.06 23.45
N VAL B 103 -23.73 -11.86 24.51
CA VAL B 103 -23.71 -13.30 24.32
C VAL B 103 -25.02 -13.78 23.72
N MET B 104 -26.15 -13.15 24.09
CA MET B 104 -27.42 -13.49 23.49
C MET B 104 -27.44 -13.14 22.01
N LEU B 105 -26.92 -11.95 21.66
CA LEU B 105 -26.85 -11.56 20.26
C LEU B 105 -25.98 -12.52 19.46
N TYR B 106 -24.84 -12.92 20.03
CA TYR B 106 -23.96 -13.86 19.34
C TYR B 106 -24.63 -15.21 19.17
N GLN B 107 -25.34 -15.69 20.19
CA GLN B 107 -26.05 -16.97 20.08
C GLN B 107 -27.12 -16.90 19.00
N ILE B 108 -27.83 -15.78 18.92
CA ILE B 108 -28.80 -15.59 17.84
C ILE B 108 -28.11 -15.63 16.49
N SER B 109 -26.95 -14.97 16.39
CA SER B 109 -26.20 -14.96 15.14
C SER B 109 -25.74 -16.35 14.75
N GLU B 110 -25.50 -17.22 15.74
CA GLU B 110 -24.98 -18.55 15.44
C GLU B 110 -26.03 -19.45 14.80
N GLU B 111 -27.31 -19.09 14.89
CA GLU B 111 -28.40 -19.98 14.48
C GLU B 111 -29.15 -19.44 13.27
N VAL B 112 -28.46 -18.86 12.30
CA VAL B 112 -29.11 -18.31 11.11
C VAL B 112 -28.35 -18.78 9.87
N SER B 113 -29.10 -19.27 8.88
CA SER B 113 -28.53 -19.73 7.63
C SER B 113 -28.47 -18.59 6.62
N ARG B 114 -27.98 -18.90 5.41
CA ARG B 114 -27.81 -17.86 4.40
C ARG B 114 -29.14 -17.32 3.91
N SER B 115 -30.07 -18.22 3.57
CA SER B 115 -31.41 -17.78 3.16
C SER B 115 -32.12 -17.05 4.31
N GLU B 116 -31.99 -17.58 5.52
CA GLU B 116 -32.53 -16.89 6.69
C GLU B 116 -31.87 -15.53 6.87
N LEU B 117 -30.56 -15.45 6.62
CA LEU B 117 -29.87 -14.16 6.71
C LEU B 117 -30.42 -13.16 5.70
N ARG B 118 -30.66 -13.60 4.47
CA ARG B 118 -31.18 -12.69 3.46
C ARG B 118 -32.60 -12.26 3.79
N SER B 119 -33.41 -13.17 4.33
CA SER B 119 -34.76 -12.80 4.75
C SER B 119 -34.73 -11.79 5.90
N PHE B 120 -33.84 -12.02 6.88
CA PHE B 120 -33.70 -11.09 7.99
C PHE B 120 -33.26 -9.72 7.50
N LYS B 121 -32.30 -9.68 6.56
CA LYS B 121 -31.85 -8.41 6.01
C LYS B 121 -32.98 -7.69 5.26
N GLY B 122 -33.74 -8.45 4.46
CA GLY B 122 -34.81 -7.83 3.70
C GLY B 122 -35.99 -7.40 4.55
N GLY B 123 -36.13 -7.97 5.74
CA GLY B 123 -37.22 -7.59 6.62
C GLY B 123 -37.01 -6.31 7.40
N LEU B 124 -35.86 -5.66 7.26
CA LEU B 124 -35.51 -4.49 8.05
C LEU B 124 -35.35 -3.24 7.19
N GLN B 125 -36.07 -3.17 6.07
CA GLN B 125 -35.95 -2.01 5.19
C GLN B 125 -36.40 -0.72 5.87
N GLU B 126 -37.47 -0.79 6.67
CA GLU B 126 -37.98 0.40 7.34
C GLU B 126 -36.95 0.95 8.33
N GLU B 127 -36.34 0.09 9.13
CA GLU B 127 -35.40 0.55 10.14
C GLU B 127 -34.08 0.98 9.53
N ILE B 128 -33.56 0.20 8.58
CA ILE B 128 -32.33 0.59 7.90
C ILE B 128 -32.56 1.81 7.01
N SER B 129 -33.80 2.04 6.58
CA SER B 129 -34.17 3.18 5.75
C SER B 129 -33.40 3.18 4.44
N LYS B 130 -33.27 2.00 3.82
CA LYS B 130 -32.60 1.82 2.54
C LYS B 130 -31.17 2.36 2.59
N CYS B 131 -30.47 2.10 3.70
CA CYS B 131 -29.09 2.52 3.80
C CYS B 131 -28.17 1.53 3.10
N LYS B 132 -28.19 0.27 3.54
CA LYS B 132 -27.38 -0.78 2.92
C LYS B 132 -28.15 -2.09 2.99
N LEU B 133 -28.68 -2.54 1.85
CA LEU B 133 -29.33 -3.83 1.75
C LEU B 133 -28.49 -4.85 1.00
N ASP B 134 -27.18 -4.62 0.93
CA ASP B 134 -26.28 -5.55 0.26
C ASP B 134 -26.21 -6.87 1.00
N ASP B 135 -26.05 -7.95 0.24
CA ASP B 135 -26.05 -9.30 0.81
C ASP B 135 -24.72 -9.69 1.43
N ASP B 136 -23.69 -8.86 1.31
CA ASP B 136 -22.37 -9.19 1.84
C ASP B 136 -22.22 -8.86 3.32
N MET B 137 -23.23 -8.27 3.95
CA MET B 137 -23.13 -7.87 5.34
C MET B 137 -23.37 -9.06 6.26
N ASN B 138 -22.49 -9.23 7.24
CA ASN B 138 -22.65 -10.29 8.23
C ASN B 138 -23.80 -9.96 9.18
N LEU B 139 -24.30 -10.99 9.86
CA LEU B 139 -25.35 -10.77 10.84
C LEU B 139 -24.84 -9.91 11.99
N LEU B 140 -23.59 -10.12 12.41
CA LEU B 140 -23.01 -9.25 13.43
C LEU B 140 -22.90 -7.82 12.94
N ASP B 141 -22.56 -7.64 11.65
CA ASP B 141 -22.52 -6.29 11.09
C ASP B 141 -23.89 -5.63 11.12
N ILE B 142 -24.94 -6.40 10.82
CA ILE B 142 -26.29 -5.86 10.88
C ILE B 142 -26.65 -5.49 12.31
N PHE B 143 -26.25 -6.33 13.27
CA PHE B 143 -26.50 -6.01 14.68
C PHE B 143 -25.80 -4.71 15.07
N ILE B 144 -24.55 -4.52 14.63
CA ILE B 144 -23.83 -3.29 14.94
C ILE B 144 -24.52 -2.09 14.29
N GLU B 145 -24.95 -2.24 13.04
CA GLU B 145 -25.63 -1.15 12.34
C GLU B 145 -26.91 -0.76 13.06
N MET B 146 -27.69 -1.75 13.51
CA MET B 146 -28.91 -1.44 14.25
C MET B 146 -28.58 -0.80 15.60
N GLU B 147 -27.49 -1.22 16.23
CA GLU B 147 -27.09 -0.64 17.51
C GLU B 147 -26.67 0.81 17.36
N LYS B 148 -26.07 1.17 16.23
CA LYS B 148 -25.62 2.54 16.03
C LYS B 148 -26.78 3.52 16.05
N ARG B 149 -27.90 3.17 15.41
CA ARG B 149 -29.08 4.03 15.34
C ARG B 149 -30.05 3.77 16.49
N VAL B 150 -29.57 3.23 17.60
CA VAL B 150 -30.32 2.96 18.83
C VAL B 150 -31.69 2.35 18.53
N ILE B 151 -31.78 1.63 17.42
CA ILE B 151 -33.00 0.87 17.13
C ILE B 151 -33.09 -0.36 18.03
N LEU B 152 -31.98 -1.07 18.17
CA LEU B 152 -31.88 -2.25 19.02
C LEU B 152 -31.01 -1.90 20.23
N GLY B 153 -31.64 -1.79 21.40
CA GLY B 153 -30.95 -1.41 22.61
C GLY B 153 -30.88 -2.53 23.63
N GLU B 154 -30.38 -2.18 24.80
CA GLU B 154 -30.28 -3.16 25.89
C GLU B 154 -31.65 -3.64 26.31
N GLY B 155 -32.62 -2.73 26.44
CA GLY B 155 -33.98 -3.10 26.77
C GLY B 155 -34.94 -2.87 25.62
N LYS B 156 -34.42 -2.30 24.52
CA LYS B 156 -35.23 -1.98 23.36
C LYS B 156 -35.08 -3.14 22.35
N LEU B 157 -35.72 -4.26 22.69
CA LEU B 157 -35.63 -5.48 21.89
C LEU B 157 -36.89 -5.72 21.06
N ASP B 158 -37.77 -4.73 20.95
CA ASP B 158 -39.02 -4.94 20.23
C ASP B 158 -38.79 -5.24 18.76
N ILE B 159 -37.89 -4.51 18.11
CA ILE B 159 -37.64 -4.72 16.68
C ILE B 159 -37.06 -6.11 16.43
N LEU B 160 -36.09 -6.53 17.26
CA LEU B 160 -35.48 -7.82 17.07
C LEU B 160 -36.50 -8.95 17.22
N LYS B 161 -37.33 -8.87 18.25
CA LYS B 161 -38.35 -9.90 18.45
C LYS B 161 -39.35 -9.90 17.31
N ARG B 162 -39.77 -8.71 16.86
CA ARG B 162 -40.75 -8.63 15.78
C ARG B 162 -40.20 -9.23 14.50
N VAL B 163 -38.93 -8.97 14.19
CA VAL B 163 -38.34 -9.52 12.97
C VAL B 163 -38.13 -11.02 13.09
N CYS B 164 -37.64 -11.48 14.25
CA CYS B 164 -37.36 -12.89 14.43
C CYS B 164 -38.61 -13.74 14.53
N ALA B 165 -39.76 -13.15 14.87
CA ALA B 165 -40.99 -13.92 14.95
C ALA B 165 -41.38 -14.50 13.60
N GLN B 166 -41.00 -13.83 12.51
CA GLN B 166 -41.36 -14.32 11.18
C GLN B 166 -40.67 -15.63 10.85
N ILE B 167 -39.38 -15.75 11.20
CA ILE B 167 -38.58 -16.88 10.74
C ILE B 167 -38.81 -18.11 11.60
N ASN B 168 -38.47 -18.02 12.89
CA ASN B 168 -38.50 -19.18 13.77
C ASN B 168 -38.91 -18.75 15.17
N LYS B 169 -39.31 -19.72 15.98
CA LYS B 169 -39.69 -19.48 17.36
C LYS B 169 -38.64 -19.92 18.37
N SER B 170 -37.66 -20.74 17.97
CA SER B 170 -36.59 -21.10 18.88
C SER B 170 -35.76 -19.88 19.26
N LEU B 171 -35.51 -18.99 18.30
CA LEU B 171 -34.84 -17.73 18.61
C LEU B 171 -35.68 -16.90 19.57
N LEU B 172 -37.01 -16.94 19.40
CA LEU B 172 -37.89 -16.29 20.38
C LEU B 172 -37.75 -16.95 21.74
N LYS B 173 -37.55 -18.27 21.77
CA LYS B 173 -37.32 -18.95 23.05
C LYS B 173 -36.03 -18.46 23.70
N ILE B 174 -34.97 -18.26 22.91
CA ILE B 174 -33.72 -17.75 23.44
C ILE B 174 -33.91 -16.34 23.99
N ILE B 175 -34.62 -15.50 23.25
CA ILE B 175 -34.87 -14.13 23.69
C ILE B 175 -35.68 -14.13 24.98
N ASN B 176 -36.68 -15.00 25.07
CA ASN B 176 -37.49 -15.08 26.29
C ASN B 176 -36.66 -15.57 27.46
N ASP B 177 -35.74 -16.51 27.23
CA ASP B 177 -34.84 -16.96 28.29
C ASP B 177 -33.96 -15.81 28.77
N TYR B 178 -33.43 -15.01 27.84
CA TYR B 178 -32.63 -13.86 28.23
C TYR B 178 -33.46 -12.85 29.03
N GLU B 179 -34.70 -12.63 28.61
CA GLU B 179 -35.58 -11.72 29.34
C GLU B 179 -35.84 -12.24 30.75
N GLU B 180 -36.09 -13.55 30.89
CA GLU B 180 -36.30 -14.13 32.21
C GLU B 180 -35.05 -14.06 33.06
N PHE B 181 -33.87 -14.03 32.43
CA PHE B 181 -32.63 -13.87 33.18
C PHE B 181 -32.58 -12.53 33.91
N SER B 182 -33.32 -11.53 33.45
CA SER B 182 -33.36 -10.24 34.10
C SER B 182 -34.66 -10.05 34.88
N MET C 1 16.57 -26.41 -9.98
CA MET C 1 15.60 -26.24 -11.07
C MET C 1 14.80 -27.51 -11.30
N ASP C 2 15.51 -28.64 -11.36
CA ASP C 2 14.84 -29.92 -11.62
C ASP C 2 13.90 -30.30 -10.48
N PHE C 3 14.34 -30.11 -9.24
CA PHE C 3 13.50 -30.46 -8.09
C PHE C 3 12.25 -29.59 -8.05
N SER C 4 12.39 -28.29 -8.31
CA SER C 4 11.24 -27.41 -8.35
C SER C 4 10.32 -27.80 -9.50
N ARG C 5 10.88 -28.19 -10.64
CA ARG C 5 10.06 -28.64 -11.75
C ARG C 5 9.25 -29.87 -11.38
N ASN C 6 9.88 -30.84 -10.71
CA ASN C 6 9.17 -32.04 -10.30
C ASN C 6 8.05 -31.71 -9.31
N LEU C 7 8.34 -30.85 -8.33
CA LEU C 7 7.31 -30.48 -7.36
C LEU C 7 6.14 -29.79 -8.04
N TYR C 8 6.43 -28.84 -8.93
CA TYR C 8 5.36 -28.13 -9.63
C TYR C 8 4.55 -29.07 -10.50
N ASP C 9 5.22 -29.99 -11.19
CA ASP C 9 4.51 -30.91 -12.06
C ASP C 9 3.60 -31.85 -11.26
N ILE C 10 4.08 -32.32 -10.10
CA ILE C 10 3.25 -33.16 -9.25
C ILE C 10 2.06 -32.37 -8.72
N GLY C 11 2.29 -31.13 -8.29
CA GLY C 11 1.21 -30.32 -7.77
C GLY C 11 0.21 -29.88 -8.82
N GLU C 12 0.58 -29.89 -10.09
CA GLU C 12 -0.30 -29.48 -11.16
C GLU C 12 -1.36 -30.52 -11.51
N GLN C 13 -1.31 -31.72 -10.91
CA GLN C 13 -2.23 -32.79 -11.23
C GLN C 13 -3.18 -33.10 -10.08
N LEU C 14 -3.50 -32.11 -9.25
CA LEU C 14 -4.37 -32.29 -8.10
C LEU C 14 -5.56 -31.34 -8.19
N ASP C 15 -6.76 -31.89 -8.07
CA ASP C 15 -7.99 -31.11 -8.14
C ASP C 15 -8.35 -30.60 -6.75
N SER C 16 -9.58 -30.07 -6.62
CA SER C 16 -10.01 -29.52 -5.33
C SER C 16 -10.16 -30.60 -4.27
N GLU C 17 -10.67 -31.77 -4.65
CA GLU C 17 -10.90 -32.84 -3.68
C GLU C 17 -9.58 -33.30 -3.05
N ASP C 18 -8.58 -33.56 -3.90
CA ASP C 18 -7.28 -33.98 -3.40
C ASP C 18 -6.62 -32.88 -2.58
N LEU C 19 -6.81 -31.62 -2.98
CA LEU C 19 -6.26 -30.51 -2.20
C LEU C 19 -6.88 -30.46 -0.81
N ALA C 20 -8.21 -30.65 -0.73
CA ALA C 20 -8.88 -30.67 0.57
C ALA C 20 -8.38 -31.83 1.43
N SER C 21 -8.23 -33.00 0.82
CA SER C 21 -7.74 -34.15 1.57
C SER C 21 -6.33 -33.92 2.08
N LEU C 22 -5.46 -33.35 1.24
CA LEU C 22 -4.09 -33.05 1.67
C LEU C 22 -4.08 -32.02 2.80
N LYS C 23 -4.94 -31.00 2.71
CA LYS C 23 -4.99 -30.00 3.76
C LYS C 23 -5.48 -30.61 5.07
N PHE C 24 -6.42 -31.55 5.00
CA PHE C 24 -6.93 -32.17 6.22
C PHE C 24 -5.89 -33.10 6.84
N LEU C 25 -5.17 -33.88 6.01
CA LEU C 25 -4.27 -34.88 6.56
C LEU C 25 -3.13 -34.25 7.35
N SER C 26 -2.59 -33.14 6.87
CA SER C 26 -1.42 -32.51 7.48
C SER C 26 -1.80 -31.38 8.43
N LEU C 27 -2.94 -31.50 9.12
CA LEU C 27 -3.38 -30.46 10.04
C LEU C 27 -2.47 -30.34 11.27
N ASP C 28 -1.66 -31.35 11.55
CA ASP C 28 -0.84 -31.34 12.76
C ASP C 28 0.28 -30.31 12.66
N TYR C 29 0.95 -30.28 11.51
CA TYR C 29 2.15 -29.42 11.36
C TYR C 29 1.85 -28.12 10.66
N ILE C 30 0.58 -27.84 10.36
CA ILE C 30 0.19 -26.58 9.75
C ILE C 30 -0.92 -25.94 10.58
N PRO C 31 -0.65 -24.82 11.25
CA PRO C 31 -1.70 -24.14 12.00
C PRO C 31 -2.81 -23.64 11.10
N GLN C 32 -4.01 -23.50 11.67
CA GLN C 32 -5.17 -23.08 10.89
C GLN C 32 -4.97 -21.70 10.26
N ARG C 33 -4.30 -20.79 10.98
CA ARG C 33 -4.09 -19.45 10.46
C ARG C 33 -3.27 -19.47 9.18
N LYS C 34 -2.22 -20.30 9.13
CA LYS C 34 -1.45 -20.46 7.92
C LYS C 34 -2.10 -21.41 6.93
N GLN C 35 -3.11 -22.17 7.34
CA GLN C 35 -3.77 -23.13 6.46
C GLN C 35 -4.88 -22.49 5.64
N GLU C 36 -5.59 -21.51 6.21
CA GLU C 36 -6.68 -20.87 5.49
C GLU C 36 -6.25 -20.21 4.18
N PRO C 37 -5.15 -19.42 4.13
CA PRO C 37 -4.79 -18.80 2.85
C PRO C 37 -4.37 -19.78 1.77
N ILE C 38 -4.05 -21.02 2.12
CA ILE C 38 -3.63 -22.00 1.13
C ILE C 38 -4.77 -22.27 0.16
N LYS C 39 -4.51 -22.07 -1.13
CA LYS C 39 -5.52 -22.27 -2.16
C LYS C 39 -5.06 -23.18 -3.28
N ASP C 40 -3.78 -23.58 -3.29
CA ASP C 40 -3.26 -24.46 -4.32
C ASP C 40 -2.09 -25.25 -3.75
N ALA C 41 -1.73 -26.33 -4.44
CA ALA C 41 -0.71 -27.24 -3.92
C ALA C 41 0.65 -26.56 -3.76
N LEU C 42 0.90 -25.51 -4.55
CA LEU C 42 2.19 -24.84 -4.46
C LEU C 42 2.40 -24.18 -3.10
N MET C 43 1.35 -23.54 -2.57
CA MET C 43 1.46 -22.94 -1.25
C MET C 43 1.66 -24.00 -0.18
N LEU C 44 0.98 -25.15 -0.32
CA LEU C 44 1.19 -26.26 0.61
C LEU C 44 2.63 -26.75 0.58
N PHE C 45 3.20 -26.88 -0.63
CA PHE C 45 4.58 -27.32 -0.75
C PHE C 45 5.54 -26.30 -0.15
N GLN C 46 5.28 -25.01 -0.36
CA GLN C 46 6.12 -23.98 0.25
C GLN C 46 6.05 -24.04 1.77
N ARG C 47 4.85 -24.19 2.33
CA ARG C 47 4.70 -24.25 3.77
C ARG C 47 5.40 -25.48 4.35
N LEU C 48 5.31 -26.62 3.65
CA LEU C 48 6.05 -27.79 4.09
C LEU C 48 7.56 -27.58 3.99
N GLN C 49 8.01 -26.89 2.95
CA GLN C 49 9.43 -26.62 2.80
C GLN C 49 9.96 -25.75 3.93
N GLU C 50 9.17 -24.77 4.36
CA GLU C 50 9.59 -23.92 5.47
C GLU C 50 9.79 -24.74 6.74
N LYS C 51 8.98 -25.77 6.96
CA LYS C 51 9.15 -26.49 8.25
C LYS C 51 10.21 -27.59 8.04
N ARG C 52 10.86 -27.62 6.88
CA ARG C 52 11.96 -28.55 6.63
C ARG C 52 11.51 -30.00 6.81
N MET C 53 10.50 -30.37 6.03
CA MET C 53 10.02 -31.74 5.95
C MET C 53 9.87 -32.22 4.52
N LEU C 54 10.30 -31.41 3.54
CA LEU C 54 10.18 -31.78 2.14
C LEU C 54 11.34 -31.12 1.39
N GLU C 55 12.24 -31.94 0.85
CA GLU C 55 13.42 -31.45 0.16
C GLU C 55 13.88 -32.51 -0.83
N GLU C 56 14.80 -32.10 -1.73
CA GLU C 56 15.30 -33.02 -2.74
C GLU C 56 16.03 -34.21 -2.12
N SER C 57 16.53 -34.08 -0.90
CA SER C 57 17.17 -35.19 -0.20
C SER C 57 16.26 -35.89 0.79
N ASN C 58 15.00 -35.46 0.89
CA ASN C 58 14.06 -36.05 1.85
C ASN C 58 12.65 -35.91 1.28
N LEU C 59 12.13 -36.98 0.68
CA LEU C 59 10.82 -36.98 0.06
C LEU C 59 9.84 -37.92 0.74
N SER C 60 10.13 -38.33 1.97
CA SER C 60 9.31 -39.36 2.63
C SER C 60 7.89 -38.87 2.87
N PHE C 61 7.74 -37.64 3.38
CA PHE C 61 6.41 -37.16 3.75
C PHE C 61 5.53 -36.97 2.52
N LEU C 62 6.10 -36.50 1.42
CA LEU C 62 5.32 -36.35 0.19
C LEU C 62 4.83 -37.71 -0.30
N LYS C 63 5.70 -38.72 -0.25
CA LYS C 63 5.29 -40.06 -0.65
C LYS C 63 4.18 -40.58 0.26
N GLU C 64 4.30 -40.34 1.57
CA GLU C 64 3.26 -40.78 2.49
C GLU C 64 1.94 -40.12 2.18
N LEU C 65 1.96 -38.80 1.92
CA LEU C 65 0.73 -38.09 1.60
C LEU C 65 0.12 -38.61 0.30
N LEU C 66 0.95 -38.85 -0.71
CA LEU C 66 0.42 -39.32 -1.99
C LEU C 66 -0.13 -40.74 -1.88
N PHE C 67 0.46 -41.57 -1.03
CA PHE C 67 -0.03 -42.94 -0.87
C PHE C 67 -1.29 -43.00 -0.03
N ARG C 68 -1.42 -42.12 0.97
CA ARG C 68 -2.56 -42.21 1.88
C ARG C 68 -3.88 -41.86 1.21
N ILE C 69 -3.85 -41.02 0.18
CA ILE C 69 -5.09 -40.56 -0.44
C ILE C 69 -5.42 -41.42 -1.66
N ASN C 70 -4.77 -42.59 -1.76
CA ASN C 70 -5.02 -43.55 -2.84
C ASN C 70 -4.78 -42.92 -4.21
N ARG C 71 -3.53 -42.52 -4.43
CA ARG C 71 -3.09 -42.01 -5.74
C ARG C 71 -1.67 -42.54 -5.96
N LEU C 72 -1.56 -43.60 -6.74
CA LEU C 72 -0.28 -44.28 -6.92
C LEU C 72 0.36 -44.04 -8.28
N ASP C 73 -0.40 -43.56 -9.27
CA ASP C 73 0.19 -43.28 -10.57
C ASP C 73 1.24 -42.19 -10.47
N LEU C 74 0.97 -41.15 -9.69
CA LEU C 74 1.97 -40.10 -9.48
C LEU C 74 3.20 -40.66 -8.79
N LEU C 75 3.00 -41.61 -7.87
CA LEU C 75 4.13 -42.20 -7.16
C LEU C 75 5.09 -42.90 -8.11
N ILE C 76 4.55 -43.67 -9.06
CA ILE C 76 5.41 -44.40 -9.99
C ILE C 76 5.84 -43.58 -11.19
N THR C 77 5.19 -42.44 -11.46
CA THR C 77 5.50 -41.66 -12.65
C THR C 77 6.60 -40.63 -12.38
N TYR C 78 6.42 -39.80 -11.36
CA TYR C 78 7.36 -38.73 -11.06
C TYR C 78 8.26 -39.02 -9.87
N LEU C 79 7.87 -39.94 -8.99
CA LEU C 79 8.68 -40.30 -7.84
C LEU C 79 9.35 -41.66 -7.96
N ASN C 80 8.91 -42.49 -8.92
CA ASN C 80 9.57 -43.76 -9.23
C ASN C 80 9.61 -44.69 -8.03
N THR C 81 8.44 -44.91 -7.42
CA THR C 81 8.31 -45.85 -6.31
C THR C 81 7.05 -46.67 -6.51
N ARG C 82 7.18 -47.98 -6.44
CA ARG C 82 6.04 -48.88 -6.57
C ARG C 82 5.27 -48.95 -5.24
N LYS C 83 4.13 -49.63 -5.29
CA LYS C 83 3.32 -49.82 -4.09
C LYS C 83 4.07 -50.62 -3.03
N GLU C 84 4.76 -51.69 -3.45
CA GLU C 84 5.41 -52.58 -2.49
C GLU C 84 6.52 -51.87 -1.72
N GLU C 85 7.30 -51.04 -2.41
CA GLU C 85 8.38 -50.32 -1.74
C GLU C 85 7.84 -49.37 -0.68
N MET C 86 6.78 -48.63 -1.02
CA MET C 86 6.19 -47.71 -0.06
C MET C 86 5.56 -48.46 1.10
N GLU C 87 4.91 -49.59 0.83
CA GLU C 87 4.31 -50.37 1.90
C GLU C 87 5.38 -50.90 2.86
N ARG C 88 6.50 -51.39 2.31
CA ARG C 88 7.58 -51.87 3.16
C ARG C 88 8.19 -50.73 3.96
N GLU C 89 8.34 -49.55 3.35
CA GLU C 89 8.87 -48.40 4.08
C GLU C 89 7.95 -48.00 5.22
N LEU C 90 6.64 -48.05 4.99
CA LEU C 90 5.69 -47.72 6.05
C LEU C 90 5.57 -48.84 7.08
N GLN C 91 6.00 -50.05 6.74
CA GLN C 91 5.86 -51.18 7.66
C GLN C 91 6.66 -50.97 8.93
N THR C 92 7.90 -50.49 8.80
CA THR C 92 8.74 -50.31 9.97
C THR C 92 8.19 -49.20 10.86
N PRO C 93 8.20 -49.38 12.18
CA PRO C 93 7.66 -48.35 13.07
C PRO C 93 8.51 -47.10 13.08
N GLY C 94 7.85 -45.96 13.28
CA GLY C 94 8.50 -44.68 13.45
C GLY C 94 8.61 -43.86 12.18
N ARG C 95 8.49 -44.49 11.01
CA ARG C 95 8.61 -43.76 9.75
C ARG C 95 7.30 -43.13 9.30
N ALA C 96 6.19 -43.45 9.94
CA ALA C 96 4.90 -42.85 9.61
C ALA C 96 4.77 -41.55 10.38
N GLN C 97 4.71 -40.43 9.67
CA GLN C 97 4.58 -39.11 10.28
C GLN C 97 3.13 -38.64 10.32
N ILE C 98 2.18 -39.53 10.04
CA ILE C 98 0.76 -39.25 10.17
C ILE C 98 0.17 -40.24 11.16
N SER C 99 -0.49 -39.74 12.20
CA SER C 99 -1.05 -40.61 13.21
C SER C 99 -2.14 -41.50 12.62
N ALA C 100 -2.25 -42.71 13.16
CA ALA C 100 -3.25 -43.65 12.66
C ALA C 100 -4.66 -43.12 12.84
N TYR C 101 -4.88 -42.26 13.82
CA TYR C 101 -6.22 -41.68 14.03
C TYR C 101 -6.66 -40.86 12.82
N ARG C 102 -5.75 -40.06 12.28
CA ARG C 102 -6.10 -39.21 11.14
C ARG C 102 -6.41 -40.04 9.90
N VAL C 103 -5.59 -41.04 9.61
CA VAL C 103 -5.86 -41.87 8.44
C VAL C 103 -7.12 -42.68 8.63
N MET C 104 -7.41 -43.12 9.86
CA MET C 104 -8.67 -43.80 10.13
C MET C 104 -9.85 -42.89 9.86
N LEU C 105 -9.77 -41.64 10.32
CA LEU C 105 -10.85 -40.68 10.04
C LEU C 105 -11.02 -40.46 8.55
N TYR C 106 -9.91 -40.33 7.82
CA TYR C 106 -10.00 -40.11 6.38
C TYR C 106 -10.65 -41.31 5.68
N GLN C 107 -10.25 -42.53 6.07
CA GLN C 107 -10.82 -43.72 5.45
C GLN C 107 -12.31 -43.86 5.78
N ILE C 108 -12.70 -43.50 7.00
CA ILE C 108 -14.11 -43.52 7.36
C ILE C 108 -14.88 -42.51 6.50
N SER C 109 -14.32 -41.30 6.34
CA SER C 109 -14.99 -40.28 5.55
C SER C 109 -15.10 -40.69 4.09
N GLU C 110 -14.15 -41.45 3.57
CA GLU C 110 -14.19 -41.85 2.16
C GLU C 110 -15.26 -42.90 1.86
N GLU C 111 -16.03 -43.34 2.84
CA GLU C 111 -17.02 -44.41 2.65
C GLU C 111 -18.38 -43.99 3.17
N VAL C 112 -18.83 -42.80 2.81
CA VAL C 112 -20.13 -42.28 3.21
C VAL C 112 -20.83 -41.68 2.00
N SER C 113 -22.09 -42.04 1.80
CA SER C 113 -22.87 -41.53 0.69
C SER C 113 -23.67 -40.29 1.12
N ARG C 114 -24.47 -39.76 0.20
CA ARG C 114 -25.23 -38.55 0.47
C ARG C 114 -26.29 -38.78 1.55
N SER C 115 -27.10 -39.84 1.38
CA SER C 115 -28.10 -40.16 2.40
C SER C 115 -27.42 -40.54 3.71
N GLU C 116 -26.31 -41.28 3.62
CA GLU C 116 -25.55 -41.61 4.82
C GLU C 116 -25.02 -40.35 5.49
N LEU C 117 -24.56 -39.38 4.71
CA LEU C 117 -24.08 -38.13 5.28
C LEU C 117 -25.22 -37.36 5.96
N ARG C 118 -26.40 -37.34 5.34
CA ARG C 118 -27.55 -36.67 5.96
C ARG C 118 -27.92 -37.33 7.28
N SER C 119 -27.95 -38.67 7.30
CA SER C 119 -28.27 -39.38 8.54
C SER C 119 -27.21 -39.13 9.60
N PHE C 120 -25.93 -39.10 9.20
CA PHE C 120 -24.86 -38.81 10.13
C PHE C 120 -25.01 -37.43 10.74
N LYS C 121 -25.33 -36.43 9.91
CA LYS C 121 -25.50 -35.07 10.40
C LYS C 121 -26.69 -34.97 11.34
N GLY C 122 -27.80 -35.62 10.99
CA GLY C 122 -28.98 -35.56 11.84
C GLY C 122 -28.85 -36.34 13.13
N GLY C 123 -28.02 -37.38 13.16
CA GLY C 123 -27.89 -38.18 14.36
C GLY C 123 -27.28 -37.44 15.52
N LEU C 124 -26.21 -36.69 15.26
CA LEU C 124 -25.45 -36.02 16.31
C LEU C 124 -25.66 -34.52 16.34
N GLN C 125 -26.69 -34.01 15.66
CA GLN C 125 -26.94 -32.58 15.67
C GLN C 125 -27.34 -32.05 17.04
N GLU C 126 -27.72 -32.94 17.96
CA GLU C 126 -28.11 -32.51 19.30
C GLU C 126 -26.92 -31.91 20.04
N GLU C 127 -25.75 -32.54 19.94
CA GLU C 127 -24.58 -32.05 20.66
C GLU C 127 -24.16 -30.67 20.15
N ILE C 128 -24.16 -30.48 18.82
CA ILE C 128 -23.77 -29.20 18.24
C ILE C 128 -24.91 -28.19 18.27
N SER C 129 -26.13 -28.63 18.61
CA SER C 129 -27.28 -27.75 18.83
C SER C 129 -27.61 -26.92 17.58
N LYS C 130 -28.01 -27.63 16.52
CA LYS C 130 -28.56 -27.06 15.30
C LYS C 130 -27.57 -26.19 14.53
N CYS C 131 -26.31 -26.13 14.96
CA CYS C 131 -25.33 -25.30 14.28
C CYS C 131 -24.91 -25.87 12.94
N LYS C 132 -25.23 -27.13 12.67
CA LYS C 132 -24.79 -27.82 11.45
C LYS C 132 -25.97 -28.15 10.55
N LEU C 133 -26.90 -27.21 10.41
CA LEU C 133 -28.05 -27.41 9.53
C LEU C 133 -27.70 -27.26 8.05
N ASP C 134 -26.50 -26.76 7.73
CA ASP C 134 -26.11 -26.61 6.34
C ASP C 134 -25.97 -27.96 5.66
N ASP C 135 -26.52 -28.07 4.45
CA ASP C 135 -26.52 -29.31 3.69
C ASP C 135 -25.45 -29.34 2.60
N ASP C 136 -24.57 -28.34 2.56
CA ASP C 136 -23.54 -28.24 1.53
C ASP C 136 -22.14 -28.51 2.06
N MET C 137 -22.01 -29.13 3.22
CA MET C 137 -20.72 -29.39 3.83
C MET C 137 -20.30 -30.84 3.63
N ASN C 138 -19.04 -31.11 3.93
CA ASN C 138 -18.46 -32.44 3.82
C ASN C 138 -18.20 -33.01 5.21
N LEU C 139 -17.83 -34.30 5.24
CA LEU C 139 -17.63 -34.99 6.50
C LEU C 139 -16.40 -34.51 7.24
N LEU C 140 -15.37 -34.06 6.51
CA LEU C 140 -14.15 -33.59 7.16
C LEU C 140 -14.42 -32.34 7.99
N ASP C 141 -15.27 -31.45 7.49
CA ASP C 141 -15.63 -30.27 8.26
C ASP C 141 -16.36 -30.65 9.55
N ILE C 142 -17.25 -31.63 9.47
CA ILE C 142 -17.95 -32.10 10.66
C ILE C 142 -16.97 -32.69 11.66
N PHE C 143 -15.99 -33.47 11.17
CA PHE C 143 -14.99 -34.03 12.05
C PHE C 143 -14.16 -32.94 12.74
N ILE C 144 -13.78 -31.91 11.97
CA ILE C 144 -13.03 -30.80 12.57
C ILE C 144 -13.86 -30.09 13.62
N GLU C 145 -15.15 -29.85 13.32
CA GLU C 145 -16.01 -29.18 14.27
C GLU C 145 -16.15 -29.99 15.56
N MET C 146 -16.31 -31.31 15.43
CA MET C 146 -16.37 -32.15 16.62
C MET C 146 -15.06 -32.12 17.39
N GLU C 147 -13.93 -32.08 16.67
CA GLU C 147 -12.63 -32.02 17.33
C GLU C 147 -12.46 -30.72 18.10
N LYS C 148 -13.03 -29.62 17.60
CA LYS C 148 -12.88 -28.34 18.27
C LYS C 148 -13.54 -28.36 19.65
N ARG C 149 -14.71 -28.98 19.78
CA ARG C 149 -15.41 -29.06 21.05
C ARG C 149 -14.94 -30.24 21.91
N VAL C 150 -13.78 -30.80 21.59
CA VAL C 150 -13.14 -31.93 22.29
C VAL C 150 -14.16 -33.02 22.60
N ILE C 151 -15.17 -33.17 21.73
CA ILE C 151 -16.09 -34.30 21.84
C ILE C 151 -15.63 -35.51 21.05
N LEU C 152 -14.56 -35.37 20.26
CA LEU C 152 -14.04 -36.48 19.46
C LEU C 152 -12.52 -36.30 19.39
N GLY C 153 -11.81 -37.00 20.28
CA GLY C 153 -10.37 -36.94 20.34
C GLY C 153 -9.71 -38.26 19.98
N GLU C 154 -8.38 -38.26 20.13
CA GLU C 154 -7.62 -39.48 19.88
C GLU C 154 -8.03 -40.58 20.85
N GLY C 155 -8.20 -40.24 22.13
CA GLY C 155 -8.62 -41.19 23.14
C GLY C 155 -10.11 -41.27 23.36
N LYS C 156 -10.88 -40.37 22.78
CA LYS C 156 -12.34 -40.33 22.95
C LYS C 156 -12.99 -40.66 21.61
N LEU C 157 -13.67 -41.81 21.55
CA LEU C 157 -14.34 -42.25 20.34
C LEU C 157 -15.76 -42.73 20.60
N ASP C 158 -16.29 -42.49 21.80
CA ASP C 158 -17.62 -43.02 22.14
C ASP C 158 -18.70 -42.43 21.26
N ILE C 159 -18.68 -41.12 21.03
CA ILE C 159 -19.70 -40.47 20.20
C ILE C 159 -19.62 -41.00 18.77
N LEU C 160 -18.41 -41.08 18.22
CA LEU C 160 -18.24 -41.59 16.86
C LEU C 160 -18.72 -43.03 16.77
N LYS C 161 -18.37 -43.86 17.75
CA LYS C 161 -18.80 -45.25 17.75
C LYS C 161 -20.31 -45.35 17.79
N ARG C 162 -20.96 -44.57 18.66
CA ARG C 162 -22.42 -44.62 18.75
C ARG C 162 -23.08 -44.19 17.45
N VAL C 163 -22.61 -43.09 16.86
CA VAL C 163 -23.23 -42.59 15.64
C VAL C 163 -23.03 -43.57 14.49
N CYS C 164 -21.82 -44.12 14.33
CA CYS C 164 -21.59 -45.05 13.22
C CYS C 164 -22.37 -46.34 13.43
N ALA C 165 -22.48 -46.83 14.68
CA ALA C 165 -23.30 -48.00 14.94
C ALA C 165 -24.75 -47.74 14.60
N GLN C 166 -25.25 -46.54 14.90
CA GLN C 166 -26.61 -46.18 14.50
C GLN C 166 -26.74 -46.16 12.99
N ILE C 167 -25.69 -45.72 12.28
CA ILE C 167 -25.78 -45.59 10.83
C ILE C 167 -25.53 -46.94 10.15
N ASN C 168 -24.42 -47.59 10.47
CA ASN C 168 -24.01 -48.80 9.77
C ASN C 168 -23.27 -49.71 10.74
N LYS C 169 -22.54 -50.68 10.21
CA LYS C 169 -21.79 -51.62 11.04
C LYS C 169 -20.33 -51.70 10.58
N SER C 170 -20.10 -51.50 9.28
CA SER C 170 -18.74 -51.58 8.76
C SER C 170 -17.85 -50.50 9.35
N LEU C 171 -18.40 -49.29 9.56
CA LEU C 171 -17.62 -48.23 10.18
C LEU C 171 -17.23 -48.61 11.60
N LEU C 172 -18.15 -49.22 12.35
CA LEU C 172 -17.80 -49.73 13.67
C LEU C 172 -16.72 -50.80 13.59
N LYS C 173 -16.75 -51.61 12.53
CA LYS C 173 -15.72 -52.61 12.34
C LYS C 173 -14.35 -51.95 12.14
N ILE C 174 -14.30 -50.89 11.34
CA ILE C 174 -13.04 -50.17 11.11
C ILE C 174 -12.54 -49.56 12.43
N ILE C 175 -13.45 -48.96 13.19
CA ILE C 175 -13.07 -48.35 14.47
C ILE C 175 -12.54 -49.41 15.43
N ASN C 176 -13.21 -50.57 15.46
CA ASN C 176 -12.75 -51.66 16.33
C ASN C 176 -11.38 -52.17 15.89
N ASP C 177 -11.14 -52.25 14.59
CA ASP C 177 -9.81 -52.63 14.10
C ASP C 177 -8.76 -51.64 14.56
N TYR C 178 -9.06 -50.34 14.45
CA TYR C 178 -8.11 -49.33 14.90
C TYR C 178 -7.84 -49.46 16.40
N GLU C 179 -8.90 -49.67 17.19
CA GLU C 179 -8.73 -49.79 18.64
C GLU C 179 -7.92 -51.02 19.00
N GLU C 180 -8.18 -52.15 18.33
CA GLU C 180 -7.41 -53.36 18.57
C GLU C 180 -5.97 -53.22 18.11
N PHE C 181 -5.71 -52.33 17.15
CA PHE C 181 -4.32 -52.07 16.76
C PHE C 181 -3.52 -51.50 17.93
N SER C 182 -4.11 -50.60 18.70
CA SER C 182 -3.46 -50.03 19.86
C SER C 182 -4.01 -50.62 21.15
N SER D 2 -2.47 47.46 23.04
CA SER D 2 -1.35 47.39 23.97
C SER D 2 -0.05 47.07 23.23
N ALA D 3 0.99 46.72 23.99
CA ALA D 3 2.29 46.40 23.43
C ALA D 3 2.73 44.98 23.72
N GLU D 4 2.69 44.55 24.99
CA GLU D 4 3.15 43.22 25.35
C GLU D 4 2.21 42.12 24.91
N VAL D 5 0.91 42.41 24.72
CA VAL D 5 -0.03 41.40 24.26
C VAL D 5 0.35 40.83 22.91
N ILE D 6 1.13 41.57 22.12
CA ILE D 6 1.62 41.05 20.85
C ILE D 6 2.39 39.75 21.07
N HIS D 7 3.19 39.70 22.13
CA HIS D 7 3.85 38.44 22.49
C HIS D 7 2.83 37.31 22.65
N GLN D 8 1.76 37.57 23.41
CA GLN D 8 0.72 36.56 23.57
C GLN D 8 0.11 36.19 22.22
N VAL D 9 0.08 37.14 21.29
CA VAL D 9 -0.39 36.83 19.94
C VAL D 9 0.63 35.97 19.21
N GLU D 10 1.91 36.33 19.29
CA GLU D 10 2.91 35.68 18.44
C GLU D 10 3.16 34.25 18.87
N GLU D 11 2.90 33.91 20.13
CA GLU D 11 3.00 32.53 20.58
C GLU D 11 1.79 31.69 20.22
N ALA D 12 0.71 32.33 19.74
CA ALA D 12 -0.52 31.62 19.39
C ALA D 12 -0.69 31.45 17.89
N LEU D 13 0.37 31.65 17.12
CA LEU D 13 0.30 31.58 15.67
C LEU D 13 1.21 30.47 15.14
N ASP D 14 0.83 29.92 13.99
CA ASP D 14 1.56 28.85 13.34
C ASP D 14 2.49 29.40 12.28
N THR D 15 3.38 28.53 11.79
CA THR D 15 4.36 28.95 10.78
C THR D 15 3.67 29.35 9.48
N ASP D 16 2.75 28.51 9.00
CA ASP D 16 2.01 28.84 7.78
C ASP D 16 1.13 30.07 8.00
N GLU D 17 0.52 30.18 9.18
CA GLU D 17 -0.26 31.36 9.50
C GLU D 17 0.63 32.60 9.53
N LYS D 18 1.84 32.48 10.07
CA LYS D 18 2.76 33.61 10.07
C LYS D 18 3.15 34.01 8.65
N GLU D 19 3.38 33.02 7.78
CA GLU D 19 3.71 33.32 6.39
C GLU D 19 2.55 34.03 5.69
N MET D 20 1.32 33.56 5.93
CA MET D 20 0.15 34.23 5.36
C MET D 20 0.02 35.65 5.88
N LEU D 21 0.29 35.85 7.17
CA LEU D 21 0.23 37.19 7.75
C LEU D 21 1.27 38.11 7.12
N LEU D 22 2.49 37.60 6.92
CA LEU D 22 3.54 38.40 6.28
C LEU D 22 3.14 38.76 4.85
N PHE D 23 2.58 37.80 4.10
CA PHE D 23 2.15 38.10 2.74
C PHE D 23 1.03 39.13 2.73
N LEU D 24 0.11 39.05 3.70
CA LEU D 24 -0.98 40.00 3.76
C LEU D 24 -0.49 41.41 4.09
N CYS D 25 0.45 41.51 5.03
CA CYS D 25 0.99 42.80 5.44
C CYS D 25 2.11 43.31 4.54
N ARG D 26 2.50 42.53 3.52
CA ARG D 26 3.56 42.96 2.61
C ARG D 26 3.19 44.25 1.89
N ASP D 27 1.91 44.59 1.80
CA ASP D 27 1.51 45.81 1.11
C ASP D 27 2.07 47.05 1.81
N VAL D 28 2.00 47.08 3.13
CA VAL D 28 2.48 48.23 3.89
C VAL D 28 3.73 47.85 4.69
N ASP D 31 7.49 49.99 3.54
CA ASP D 31 8.04 49.53 2.28
C ASP D 31 9.09 48.45 2.49
N VAL D 32 9.81 48.55 3.61
CA VAL D 32 10.86 47.58 3.92
C VAL D 32 10.23 46.25 4.28
N VAL D 33 10.77 45.17 3.73
CA VAL D 33 10.26 43.83 4.02
C VAL D 33 10.80 43.38 5.37
N PRO D 34 9.94 42.86 6.25
CA PRO D 34 10.41 42.38 7.55
C PRO D 34 10.84 40.93 7.46
N PRO D 35 11.98 40.57 8.03
CA PRO D 35 12.42 39.17 8.00
C PRO D 35 11.64 38.30 8.98
N ASN D 36 11.19 38.90 10.09
CA ASN D 36 10.47 38.17 11.13
C ASN D 36 9.18 38.90 11.46
N VAL D 37 8.20 38.14 11.97
CA VAL D 37 6.90 38.71 12.30
C VAL D 37 7.01 39.67 13.48
N ARG D 38 7.85 39.34 14.47
CA ARG D 38 8.03 40.22 15.61
C ARG D 38 8.58 41.58 15.19
N ASP D 39 9.55 41.58 14.27
CA ASP D 39 10.07 42.84 13.76
C ASP D 39 8.99 43.61 13.01
N LEU D 40 8.14 42.90 12.26
CA LEU D 40 7.04 43.57 11.55
C LEU D 40 6.09 44.25 12.53
N LEU D 41 5.73 43.56 13.61
CA LEU D 41 4.84 44.14 14.60
C LEU D 41 5.50 45.33 15.29
N ASP D 42 6.79 45.22 15.61
CA ASP D 42 7.49 46.34 16.24
C ASP D 42 7.52 47.55 15.31
N ILE D 43 7.78 47.31 14.02
CA ILE D 43 7.81 48.41 13.06
C ILE D 43 6.44 49.05 12.92
N LEU D 44 5.38 48.23 12.88
CA LEU D 44 4.03 48.76 12.78
C LEU D 44 3.68 49.59 14.02
N ARG D 45 4.08 49.13 15.20
CA ARG D 45 3.87 49.92 16.41
C ARG D 45 4.63 51.23 16.36
N GLU D 46 5.88 51.20 15.86
CA GLU D 46 6.66 52.42 15.76
C GLU D 46 6.02 53.42 14.81
N ARG D 47 5.51 52.94 13.67
CA ARG D 47 4.91 53.83 12.68
C ARG D 47 3.54 54.32 13.08
N GLY D 48 2.96 53.80 14.17
CA GLY D 48 1.66 54.22 14.63
C GLY D 48 0.49 53.57 13.94
N LYS D 49 0.73 52.67 12.99
CA LYS D 49 -0.37 51.98 12.32
C LYS D 49 -0.96 50.86 13.18
N LEU D 50 -0.26 50.47 14.24
CA LEU D 50 -0.79 49.44 15.13
C LEU D 50 -1.97 50.00 15.93
N SER D 51 -3.12 49.34 15.83
CA SER D 51 -4.32 49.78 16.51
C SER D 51 -5.20 48.59 16.79
N VAL D 52 -6.12 48.76 17.73
CA VAL D 52 -7.04 47.68 18.09
C VAL D 52 -7.92 47.30 16.91
N GLY D 53 -8.50 48.30 16.25
CA GLY D 53 -9.35 48.01 15.10
C GLY D 53 -8.58 47.37 13.96
N ASP D 54 -7.37 47.87 13.68
CA ASP D 54 -6.56 47.31 12.60
C ASP D 54 -6.17 45.88 12.89
N LEU D 55 -5.74 45.61 14.13
CA LEU D 55 -5.37 44.23 14.50
C LEU D 55 -6.57 43.31 14.45
N ALA D 56 -7.74 43.81 14.88
CA ALA D 56 -8.96 43.01 14.81
C ALA D 56 -9.32 42.67 13.37
N GLU D 57 -9.21 43.66 12.47
CA GLU D 57 -9.47 43.39 11.06
C GLU D 57 -8.48 42.38 10.50
N LEU D 58 -7.21 42.49 10.86
CA LEU D 58 -6.21 41.56 10.40
C LEU D 58 -6.52 40.14 10.87
N LEU D 59 -6.88 39.99 12.15
CA LEU D 59 -7.21 38.68 12.68
C LEU D 59 -8.47 38.11 12.04
N TYR D 60 -9.47 38.97 11.76
CA TYR D 60 -10.65 38.50 11.06
C TYR D 60 -10.31 38.03 9.66
N ARG D 61 -9.39 38.73 8.98
CA ARG D 61 -8.96 38.30 7.66
C ARG D 61 -8.27 36.95 7.72
N VAL D 62 -7.42 36.74 8.74
CA VAL D 62 -6.74 35.45 8.85
C VAL D 62 -7.61 34.39 9.51
N ARG D 63 -8.81 34.76 9.98
CA ARG D 63 -9.82 33.83 10.48
C ARG D 63 -9.30 33.03 11.68
N ARG D 64 -9.09 33.75 12.77
CA ARG D 64 -8.68 33.20 14.05
C ARG D 64 -9.54 33.77 15.17
N PHE D 65 -10.86 33.67 14.99
CA PHE D 65 -11.82 34.34 15.87
C PHE D 65 -11.58 34.06 17.35
N ASP D 66 -10.95 32.93 17.69
CA ASP D 66 -10.66 32.63 19.08
C ASP D 66 -9.74 33.67 19.69
N LEU D 67 -8.73 34.12 18.93
CA LEU D 67 -7.86 35.18 19.41
C LEU D 67 -8.63 36.49 19.58
N LEU D 68 -9.58 36.76 18.70
CA LEU D 68 -10.42 37.94 18.84
C LEU D 68 -11.22 37.88 20.14
N LYS D 69 -11.79 36.72 20.45
CA LYS D 69 -12.56 36.58 21.69
C LYS D 69 -11.66 36.71 22.90
N ARG D 70 -10.47 36.12 22.86
CA ARG D 70 -9.60 36.12 24.04
C ARG D 70 -8.84 37.43 24.18
N ILE D 71 -8.07 37.81 23.18
CA ILE D 71 -7.14 38.93 23.33
C ILE D 71 -7.88 40.27 23.25
N LEU D 72 -8.54 40.53 22.12
CA LEU D 72 -9.18 41.82 21.89
C LEU D 72 -10.58 41.92 22.48
N LYS D 73 -11.11 40.82 23.04
CA LYS D 73 -12.43 40.82 23.68
C LYS D 73 -13.52 41.35 22.75
N MET D 74 -13.50 40.90 21.49
CA MET D 74 -14.48 41.33 20.52
C MET D 74 -14.92 40.13 19.69
N ASP D 75 -16.11 40.25 19.10
CA ASP D 75 -16.69 39.21 18.27
C ASP D 75 -16.57 39.59 16.80
N ARG D 76 -16.99 38.67 15.93
CA ARG D 76 -16.84 38.89 14.50
C ARG D 76 -17.77 39.98 13.98
N LYS D 77 -18.92 40.18 14.63
CA LYS D 77 -19.85 41.22 14.17
C LYS D 77 -19.27 42.62 14.36
N ALA D 78 -18.61 42.85 15.49
CA ALA D 78 -18.04 44.17 15.76
C ALA D 78 -16.94 44.51 14.76
N VAL D 79 -16.03 43.57 14.51
CA VAL D 79 -14.96 43.82 13.56
C VAL D 79 -15.51 43.91 12.15
N GLU D 80 -16.56 43.15 11.83
CA GLU D 80 -17.19 43.26 10.52
C GLU D 80 -17.78 44.65 10.30
N THR D 81 -18.43 45.19 11.33
CA THR D 81 -18.94 46.56 11.23
C THR D 81 -17.81 47.57 11.11
N HIS D 82 -16.74 47.39 11.90
CA HIS D 82 -15.61 48.31 11.87
C HIS D 82 -14.85 48.25 10.54
N LEU D 83 -14.92 47.13 9.82
CA LEU D 83 -14.19 46.98 8.58
C LEU D 83 -14.65 47.99 7.54
N LEU D 84 -15.95 48.23 7.44
CA LEU D 84 -16.48 49.11 6.41
C LEU D 84 -16.00 50.55 6.55
N ARG D 85 -15.56 50.95 7.74
CA ARG D 85 -15.12 52.33 7.94
C ARG D 85 -13.77 52.60 7.29
N ASN D 86 -12.83 51.66 7.42
CA ASN D 86 -11.50 51.90 6.87
C ASN D 86 -10.75 50.59 6.63
N PRO D 87 -10.94 49.95 5.46
CA PRO D 87 -10.12 48.77 5.10
C PRO D 87 -8.78 49.17 4.51
N HIS D 88 -7.94 49.75 5.36
CA HIS D 88 -6.67 50.33 4.91
C HIS D 88 -5.50 49.37 4.99
N LEU D 89 -5.54 48.39 5.89
CA LEU D 89 -4.38 47.53 6.11
C LEU D 89 -4.18 46.57 4.94
N VAL D 90 -5.26 45.94 4.47
CA VAL D 90 -5.19 44.96 3.41
C VAL D 90 -6.20 45.32 2.33
N SER D 91 -5.75 45.28 1.08
CA SER D 91 -6.62 45.54 -0.06
C SER D 91 -7.38 44.27 -0.45
N ASP D 92 -8.40 44.45 -1.29
CA ASP D 92 -9.20 43.32 -1.72
C ASP D 92 -8.40 42.34 -2.56
N TYR D 93 -7.43 42.84 -3.34
CA TYR D 93 -6.62 41.96 -4.19
C TYR D 93 -5.80 40.99 -3.35
N ARG D 94 -5.18 41.47 -2.28
CA ARG D 94 -4.39 40.59 -1.41
C ARG D 94 -5.28 39.57 -0.72
N VAL D 95 -6.47 39.98 -0.28
CA VAL D 95 -7.41 39.04 0.34
C VAL D 95 -7.81 37.97 -0.66
N LEU D 96 -8.09 38.36 -1.90
CA LEU D 96 -8.41 37.39 -2.94
C LEU D 96 -7.27 36.42 -3.16
N MET D 97 -6.03 36.92 -3.23
CA MET D 97 -4.89 36.04 -3.46
C MET D 97 -4.72 35.05 -2.31
N ALA D 98 -4.86 35.52 -1.07
CA ALA D 98 -4.74 34.62 0.08
C ALA D 98 -5.85 33.59 0.09
N GLU D 99 -7.08 34.00 -0.21
CA GLU D 99 -8.20 33.06 -0.22
C GLU D 99 -8.03 32.01 -1.30
N ILE D 100 -7.55 32.41 -2.48
CA ILE D 100 -7.28 31.45 -3.54
C ILE D 100 -6.16 30.50 -3.12
N GLY D 101 -5.11 31.03 -2.50
CA GLY D 101 -4.01 30.19 -2.07
C GLY D 101 -4.41 29.17 -1.01
N GLU D 102 -5.37 29.52 -0.16
CA GLU D 102 -5.83 28.60 0.87
C GLU D 102 -6.89 27.61 0.35
N ASP D 103 -6.97 27.40 -0.96
CA ASP D 103 -7.92 26.45 -1.54
C ASP D 103 -7.27 25.49 -2.53
N LEU D 104 -5.96 25.25 -2.40
CA LEU D 104 -5.24 24.37 -3.30
C LEU D 104 -4.52 23.30 -2.50
N ASP D 105 -4.66 22.06 -2.92
CA ASP D 105 -4.01 20.93 -2.25
C ASP D 105 -2.60 20.75 -2.82
N LYS D 106 -1.93 19.67 -2.40
CA LYS D 106 -0.55 19.46 -2.81
C LYS D 106 -0.44 19.18 -4.31
N SER D 107 -1.34 18.36 -4.85
CA SER D 107 -1.26 18.02 -6.27
C SER D 107 -1.44 19.25 -7.14
N ASP D 108 -2.39 20.12 -6.80
CA ASP D 108 -2.64 21.30 -7.63
C ASP D 108 -1.46 22.26 -7.60
N VAL D 109 -0.86 22.48 -6.43
CA VAL D 109 0.28 23.38 -6.38
C VAL D 109 1.49 22.77 -7.08
N SER D 110 1.65 21.44 -7.01
CA SER D 110 2.73 20.79 -7.74
C SER D 110 2.54 20.97 -9.25
N SER D 111 1.31 20.79 -9.74
CA SER D 111 1.04 21.00 -11.15
C SER D 111 1.27 22.45 -11.54
N LEU D 112 0.90 23.39 -10.65
CA LEU D 112 1.08 24.81 -10.96
C LEU D 112 2.56 25.16 -11.09
N ILE D 113 3.38 24.68 -10.16
CA ILE D 113 4.81 25.00 -10.24
C ILE D 113 5.43 24.30 -11.44
N PHE D 114 4.99 23.08 -11.75
CA PHE D 114 5.51 22.40 -12.93
C PHE D 114 5.16 23.16 -14.21
N LEU D 115 3.94 23.68 -14.31
CA LEU D 115 3.53 24.42 -15.50
C LEU D 115 4.26 25.75 -15.59
N MET D 116 4.41 26.46 -14.46
CA MET D 116 5.04 27.77 -14.47
C MET D 116 6.56 27.71 -14.50
N LYS D 117 7.15 26.53 -14.35
CA LYS D 117 8.60 26.41 -14.56
C LYS D 117 9.02 26.69 -15.99
N ASP D 118 8.05 26.72 -16.93
CA ASP D 118 8.39 26.93 -18.33
C ASP D 118 9.07 28.28 -18.56
N TYR D 119 8.55 29.35 -17.95
CA TYR D 119 9.13 30.67 -18.10
C TYR D 119 9.29 31.36 -16.75
N MET D 120 9.83 30.64 -15.78
CA MET D 120 10.17 31.20 -14.48
C MET D 120 11.47 30.59 -14.01
N GLY D 121 12.18 31.32 -13.14
CA GLY D 121 13.43 30.83 -12.60
C GLY D 121 13.31 29.50 -11.90
N ARG D 122 14.13 28.54 -12.31
CA ARG D 122 14.06 27.17 -11.78
C ARG D 122 14.86 27.12 -10.47
N GLY D 123 14.22 27.60 -9.40
CA GLY D 123 14.84 27.62 -8.09
C GLY D 123 14.17 28.57 -7.13
N LYS D 127 12.92 23.50 -0.19
CA LYS D 127 12.94 24.15 -1.49
C LYS D 127 11.54 24.21 -2.08
N GLU D 128 10.71 23.22 -1.77
CA GLU D 128 9.35 23.20 -2.25
C GLU D 128 8.57 24.38 -1.70
N LYS D 129 7.80 25.03 -2.57
CA LYS D 129 7.13 26.28 -2.25
C LYS D 129 5.64 26.16 -2.55
N SER D 130 4.85 26.94 -1.83
CA SER D 130 3.39 26.92 -1.96
C SER D 130 2.93 28.08 -2.85
N PHE D 131 1.61 28.22 -2.96
CA PHE D 131 1.04 29.26 -3.82
C PHE D 131 1.41 30.66 -3.33
N LEU D 132 1.37 30.86 -2.02
CA LEU D 132 1.76 32.16 -1.48
C LEU D 132 3.24 32.45 -1.72
N ASP D 133 4.07 31.42 -1.74
CA ASP D 133 5.48 31.59 -2.03
C ASP D 133 5.75 31.80 -3.51
N LEU D 134 4.78 31.51 -4.38
CA LEU D 134 4.92 31.73 -5.81
C LEU D 134 4.32 33.05 -6.28
N VAL D 135 3.30 33.54 -5.57
CA VAL D 135 2.72 34.83 -5.94
C VAL D 135 3.74 35.95 -5.77
N VAL D 136 4.55 35.87 -4.72
CA VAL D 136 5.58 36.90 -4.52
C VAL D 136 6.61 36.87 -5.65
N GLU D 137 7.00 35.67 -6.08
CA GLU D 137 7.93 35.58 -7.21
C GLU D 137 7.32 36.13 -8.49
N LEU D 138 6.04 35.84 -8.72
CA LEU D 138 5.37 36.38 -9.90
C LEU D 138 5.28 37.90 -9.84
N GLU D 139 5.02 38.45 -8.65
CA GLU D 139 5.02 39.90 -8.49
C GLU D 139 6.38 40.50 -8.76
N LYS D 140 7.45 39.82 -8.29
CA LYS D 140 8.80 40.26 -8.61
C LYS D 140 9.03 40.26 -10.11
N LEU D 141 8.55 39.22 -10.80
CA LEU D 141 8.64 39.16 -12.25
C LEU D 141 7.72 40.19 -12.92
N ASN D 142 6.79 40.78 -12.17
CA ASN D 142 5.99 41.92 -12.62
C ASN D 142 5.10 41.54 -13.81
N LEU D 143 4.27 40.51 -13.60
CA LEU D 143 3.18 40.22 -14.52
C LEU D 143 1.87 39.90 -13.83
N VAL D 144 1.83 39.81 -12.51
CA VAL D 144 0.58 39.65 -11.77
C VAL D 144 0.33 40.92 -10.97
N ALA D 145 -0.47 41.82 -11.53
CA ALA D 145 -0.76 43.11 -10.93
C ALA D 145 -2.21 43.18 -10.49
N PRO D 146 -2.54 44.09 -9.56
CA PRO D 146 -3.94 44.19 -9.12
C PRO D 146 -4.91 44.57 -10.23
N ASP D 147 -4.43 45.14 -11.33
CA ASP D 147 -5.30 45.52 -12.44
C ASP D 147 -5.32 44.49 -13.57
N GLN D 148 -4.21 43.78 -13.80
CA GLN D 148 -4.13 42.78 -14.85
C GLN D 148 -3.89 41.40 -14.23
N LEU D 149 -4.74 40.44 -14.60
CA LEU D 149 -4.63 39.08 -14.07
C LEU D 149 -4.86 38.03 -15.14
N ASP D 150 -4.71 38.37 -16.42
CA ASP D 150 -5.00 37.44 -17.49
C ASP D 150 -4.06 36.24 -17.47
N LEU D 151 -2.77 36.47 -17.23
CA LEU D 151 -1.81 35.38 -17.20
C LEU D 151 -2.11 34.40 -16.08
N LEU D 152 -2.44 34.92 -14.89
CA LEU D 152 -2.80 34.06 -13.77
C LEU D 152 -4.05 33.25 -14.07
N GLU D 153 -5.05 33.88 -14.68
CA GLU D 153 -6.27 33.16 -15.03
C GLU D 153 -5.99 32.06 -16.04
N LYS D 154 -5.17 32.36 -17.06
CA LYS D 154 -4.84 31.35 -18.06
C LYS D 154 -4.08 30.19 -17.43
N CYS D 155 -3.13 30.49 -16.55
CA CYS D 155 -2.39 29.42 -15.87
C CYS D 155 -3.32 28.58 -15.00
N LEU D 156 -4.25 29.23 -14.30
CA LEU D 156 -5.15 28.52 -13.41
C LEU D 156 -6.14 27.66 -14.17
N LYS D 157 -6.52 28.09 -15.38
CA LYS D 157 -7.45 27.30 -16.19
C LYS D 157 -6.85 25.98 -16.63
N ASN D 158 -5.52 25.86 -16.63
CA ASN D 158 -4.88 24.65 -17.14
C ASN D 158 -4.88 23.51 -16.13
N ILE D 159 -5.16 23.78 -14.86
CA ILE D 159 -5.25 22.72 -13.86
C ILE D 159 -6.69 22.31 -13.58
N HIS D 160 -7.64 22.76 -14.41
CA HIS D 160 -9.03 22.33 -14.35
C HIS D 160 -9.68 22.72 -13.01
N ARG D 161 -9.62 24.02 -12.71
CA ARG D 161 -10.26 24.59 -11.54
C ARG D 161 -11.06 25.81 -12.01
N ILE D 162 -12.30 25.57 -12.45
CA ILE D 162 -13.11 26.66 -12.99
C ILE D 162 -13.75 27.49 -11.89
N ASP D 163 -13.92 26.94 -10.68
CA ASP D 163 -14.51 27.71 -9.60
C ASP D 163 -13.66 28.92 -9.24
N LEU D 164 -12.34 28.75 -9.18
CA LEU D 164 -11.46 29.88 -8.90
C LEU D 164 -11.45 30.87 -10.06
N LYS D 165 -11.64 30.38 -11.29
CA LYS D 165 -11.79 31.28 -12.43
C LYS D 165 -13.04 32.15 -12.26
N THR D 166 -14.14 31.55 -11.79
CA THR D 166 -15.34 32.33 -11.51
C THR D 166 -15.10 33.31 -10.37
N LYS D 167 -14.30 32.91 -9.38
CA LYS D 167 -13.94 33.85 -8.32
C LYS D 167 -13.18 35.05 -8.87
N ILE D 168 -12.24 34.80 -9.78
CA ILE D 168 -11.49 35.89 -10.42
C ILE D 168 -12.43 36.78 -11.22
N GLN D 169 -13.37 36.18 -11.94
CA GLN D 169 -14.34 36.96 -12.70
C GLN D 169 -15.20 37.82 -11.77
N LYS D 170 -15.60 37.27 -10.63
CA LYS D 170 -16.37 38.03 -9.65
C LYS D 170 -15.56 39.21 -9.12
N TYR D 171 -14.28 38.98 -8.83
CA TYR D 171 -13.43 40.08 -8.37
C TYR D 171 -13.30 41.16 -9.43
N LYS D 172 -13.14 40.75 -10.69
CA LYS D 172 -13.05 41.73 -11.77
C LYS D 172 -14.34 42.54 -11.89
N GLN D 173 -15.49 41.87 -11.78
CA GLN D 173 -16.76 42.57 -11.84
C GLN D 173 -16.97 43.49 -10.64
N SER D 174 -16.39 43.15 -9.49
CA SER D 174 -16.58 43.96 -8.30
C SER D 174 -16.01 45.37 -8.48
N VAL D 175 -14.83 45.48 -9.07
CA VAL D 175 -14.22 46.78 -9.29
C VAL D 175 -14.73 47.40 -10.58
N MET E 1 40.04 7.59 29.66
CA MET E 1 39.52 8.45 30.71
C MET E 1 39.67 9.92 30.32
N SER E 2 40.49 10.17 29.29
CA SER E 2 40.73 11.52 28.82
C SER E 2 39.54 12.03 28.02
N ALA E 3 39.71 13.21 27.42
CA ALA E 3 38.63 13.83 26.67
C ALA E 3 38.24 13.06 25.41
N GLU E 4 39.12 12.20 24.90
CA GLU E 4 38.77 11.43 23.72
C GLU E 4 37.67 10.42 24.02
N VAL E 5 37.61 9.91 25.25
CA VAL E 5 36.55 8.97 25.60
C VAL E 5 35.18 9.63 25.51
N ILE E 6 35.04 10.80 26.15
CA ILE E 6 33.75 11.49 26.11
C ILE E 6 33.46 12.02 24.70
N HIS E 7 34.50 12.41 23.96
CA HIS E 7 34.29 12.82 22.58
C HIS E 7 33.72 11.69 21.74
N GLN E 8 34.27 10.48 21.88
CA GLN E 8 33.77 9.33 21.14
C GLN E 8 32.36 8.96 21.61
N VAL E 9 32.10 9.08 22.92
CA VAL E 9 30.76 8.80 23.42
C VAL E 9 29.74 9.74 22.80
N GLU E 10 30.07 11.04 22.76
CA GLU E 10 29.17 12.01 22.14
C GLU E 10 29.02 11.75 20.65
N GLU E 11 30.10 11.35 19.98
CA GLU E 11 30.05 11.09 18.55
C GLU E 11 29.14 9.91 18.23
N ALA E 12 29.23 8.84 19.03
CA ALA E 12 28.49 7.61 18.74
C ALA E 12 27.02 7.67 19.17
N LEU E 13 26.64 8.64 19.99
CA LEU E 13 25.27 8.70 20.48
C LEU E 13 24.30 9.12 19.38
N ASP E 14 23.08 8.61 19.47
CA ASP E 14 22.01 8.98 18.55
C ASP E 14 21.32 10.26 19.03
N THR E 15 20.56 10.87 18.12
CA THR E 15 19.88 12.12 18.44
C THR E 15 18.89 11.93 19.58
N ASP E 16 18.10 10.85 19.55
CA ASP E 16 17.19 10.56 20.65
C ASP E 16 17.95 10.31 21.94
N GLU E 17 19.11 9.64 21.85
CA GLU E 17 19.95 9.44 23.02
C GLU E 17 20.42 10.77 23.59
N LYS E 18 20.84 11.70 22.72
CA LYS E 18 21.26 13.02 23.19
C LYS E 18 20.12 13.75 23.88
N GLU E 19 18.93 13.71 23.28
CA GLU E 19 17.78 14.38 23.89
C GLU E 19 17.44 13.80 25.25
N MET E 20 17.43 12.45 25.34
CA MET E 20 17.12 11.82 26.62
C MET E 20 18.17 12.13 27.67
N LEU E 21 19.44 12.13 27.27
CA LEU E 21 20.51 12.47 28.22
C LEU E 21 20.39 13.92 28.69
N LEU E 22 20.08 14.84 27.77
CA LEU E 22 19.92 16.23 28.15
C LEU E 22 18.77 16.41 29.12
N PHE E 23 17.65 15.73 28.87
CA PHE E 23 16.54 15.79 29.82
C PHE E 23 16.92 15.19 31.17
N LEU E 24 17.63 14.05 31.16
CA LEU E 24 17.90 13.35 32.41
C LEU E 24 18.91 14.09 33.27
N CYS E 25 19.83 14.82 32.66
CA CYS E 25 20.84 15.56 33.41
C CYS E 25 20.32 16.90 33.92
N ARG E 26 19.00 17.09 34.00
CA ARG E 26 18.45 18.37 34.41
C ARG E 26 18.68 18.65 35.90
N ASP E 27 18.67 17.61 36.73
CA ASP E 27 18.78 17.81 38.17
C ASP E 27 20.11 18.44 38.55
N VAL E 28 21.20 17.98 37.94
CA VAL E 28 22.52 18.55 38.22
C VAL E 28 22.82 19.77 37.37
N ALA E 29 21.91 20.16 36.47
CA ALA E 29 22.09 21.32 35.61
C ALA E 29 21.44 22.58 36.18
N ILE E 30 21.31 22.65 37.51
CA ILE E 30 20.70 23.83 38.12
C ILE E 30 21.58 25.06 37.95
N ASP E 31 22.90 24.89 37.97
CA ASP E 31 23.80 26.03 37.82
C ASP E 31 23.66 26.68 36.45
N VAL E 32 23.55 25.87 35.39
CA VAL E 32 23.42 26.39 34.03
C VAL E 32 22.77 25.30 33.19
N VAL E 33 22.00 25.73 32.19
CA VAL E 33 21.33 24.80 31.27
C VAL E 33 22.00 24.87 29.91
N PRO E 34 22.84 23.91 29.57
CA PRO E 34 23.52 23.94 28.26
C PRO E 34 22.66 23.30 27.19
N PRO E 35 22.36 24.03 26.12
CA PRO E 35 21.59 23.42 25.01
C PRO E 35 22.30 22.25 24.35
N ASN E 36 23.63 22.25 24.34
CA ASN E 36 24.41 21.20 23.68
C ASN E 36 24.84 20.14 24.69
N VAL E 37 24.84 18.89 24.24
CA VAL E 37 25.21 17.78 25.11
C VAL E 37 26.70 17.83 25.44
N ARG E 38 27.54 18.19 24.46
CA ARG E 38 28.97 18.26 24.70
C ARG E 38 29.31 19.35 25.71
N ASP E 39 28.64 20.50 25.62
CA ASP E 39 28.85 21.57 26.60
C ASP E 39 28.47 21.11 28.00
N LEU E 40 27.34 20.42 28.13
CA LEU E 40 26.92 19.90 29.43
C LEU E 40 27.92 18.88 29.96
N LEU E 41 28.43 18.01 29.09
CA LEU E 41 29.43 17.04 29.52
C LEU E 41 30.70 17.73 30.00
N ASP E 42 31.14 18.76 29.29
CA ASP E 42 32.33 19.49 29.70
C ASP E 42 32.11 20.18 31.04
N ILE E 43 30.93 20.80 31.23
CA ILE E 43 30.63 21.48 32.49
C ILE E 43 30.61 20.48 33.64
N LEU E 44 30.01 19.31 33.43
CA LEU E 44 29.99 18.30 34.48
C LEU E 44 31.38 17.75 34.77
N ARG E 45 32.21 17.60 33.73
CA ARG E 45 33.56 17.09 33.94
C ARG E 45 34.42 18.08 34.70
N GLU E 46 34.33 19.37 34.36
CA GLU E 46 35.13 20.37 35.06
C GLU E 46 34.65 20.59 36.49
N ARG E 47 33.40 20.26 36.80
CA ARG E 47 32.88 20.41 38.15
C ARG E 47 33.33 19.31 39.09
N GLY E 48 33.89 18.22 38.57
CA GLY E 48 34.36 17.12 39.38
C GLY E 48 33.32 16.06 39.69
N LYS E 49 32.07 16.28 39.32
CA LYS E 49 31.02 15.29 39.58
C LYS E 49 30.98 14.18 38.55
N LEU E 50 31.68 14.33 37.42
CA LEU E 50 31.67 13.33 36.36
C LEU E 50 32.82 12.37 36.58
N SER E 51 32.50 11.16 37.03
CA SER E 51 33.48 10.09 37.22
C SER E 51 33.18 8.95 36.25
N VAL E 52 34.01 7.91 36.33
CA VAL E 52 33.78 6.72 35.51
C VAL E 52 32.46 6.06 35.88
N GLY E 53 32.17 5.97 37.18
CA GLY E 53 30.89 5.43 37.61
C GLY E 53 29.73 6.28 37.14
N ASP E 54 29.92 7.60 37.08
CA ASP E 54 28.88 8.48 36.57
C ASP E 54 28.58 8.19 35.10
N LEU E 55 29.62 8.03 34.29
CA LEU E 55 29.42 7.71 32.88
C LEU E 55 28.77 6.35 32.72
N ALA E 56 29.16 5.37 33.54
CA ALA E 56 28.53 4.06 33.48
C ALA E 56 27.06 4.15 33.83
N GLU E 57 26.73 4.94 34.85
CA GLU E 57 25.33 5.14 35.24
C GLU E 57 24.53 5.74 34.10
N LEU E 58 25.08 6.78 33.45
CA LEU E 58 24.38 7.42 32.35
C LEU E 58 24.18 6.45 31.19
N LEU E 59 25.22 5.69 30.85
CA LEU E 59 25.11 4.73 29.75
C LEU E 59 24.09 3.64 30.06
N TYR E 60 24.06 3.17 31.30
CA TYR E 60 23.05 2.19 31.69
C TYR E 60 21.65 2.78 31.62
N ARG E 61 21.51 4.07 31.91
CA ARG E 61 20.21 4.73 31.87
C ARG E 61 19.82 5.19 30.47
N VAL E 62 20.70 5.06 29.48
CA VAL E 62 20.30 5.36 28.11
C VAL E 62 20.27 4.08 27.27
N ARG E 63 20.42 2.93 27.93
CA ARG E 63 20.30 1.62 27.29
C ARG E 63 21.25 1.48 26.10
N ARG E 64 22.55 1.57 26.39
CA ARG E 64 23.61 1.47 25.39
C ARG E 64 24.72 0.55 25.87
N PHE E 65 24.33 -0.66 26.31
CA PHE E 65 25.28 -1.58 26.94
C PHE E 65 26.46 -1.89 26.04
N ASP E 66 26.28 -1.80 24.72
CA ASP E 66 27.39 -2.07 23.80
C ASP E 66 28.54 -1.11 24.03
N LEU E 67 28.23 0.18 24.23
CA LEU E 67 29.28 1.15 24.56
C LEU E 67 29.94 0.81 25.89
N LEU E 68 29.14 0.37 26.87
CA LEU E 68 29.68 0.00 28.16
C LEU E 68 30.71 -1.12 28.03
N LYS E 69 30.40 -2.13 27.23
CA LYS E 69 31.33 -3.25 27.07
C LYS E 69 32.53 -2.87 26.21
N ARG E 70 32.31 -2.11 25.14
CA ARG E 70 33.37 -1.85 24.17
C ARG E 70 34.36 -0.81 24.68
N ILE E 71 33.89 0.20 25.42
CA ILE E 71 34.72 1.34 25.80
C ILE E 71 35.17 1.28 27.25
N LEU E 72 34.25 1.12 28.19
CA LEU E 72 34.58 1.14 29.60
C LEU E 72 34.90 -0.23 30.17
N LYS E 73 34.81 -1.29 29.35
CA LYS E 73 35.13 -2.65 29.77
C LYS E 73 34.33 -3.06 31.01
N MET E 74 33.05 -2.70 31.02
CA MET E 74 32.16 -3.01 32.13
C MET E 74 30.87 -3.60 31.59
N ASP E 75 30.29 -4.51 32.36
CA ASP E 75 29.06 -5.21 32.00
C ASP E 75 27.90 -4.67 32.83
N ARG E 76 26.70 -5.22 32.57
CA ARG E 76 25.51 -4.77 33.29
C ARG E 76 25.56 -5.15 34.76
N LYS E 77 26.17 -6.30 35.09
CA LYS E 77 26.24 -6.73 36.48
C LYS E 77 27.04 -5.75 37.33
N ALA E 78 28.19 -5.31 36.82
CA ALA E 78 29.03 -4.38 37.59
C ALA E 78 28.34 -3.04 37.80
N VAL E 79 27.71 -2.51 36.76
CA VAL E 79 27.02 -1.23 36.91
C VAL E 79 25.81 -1.37 37.82
N GLU E 80 25.13 -2.53 37.79
CA GLU E 80 24.01 -2.74 38.70
C GLU E 80 24.48 -2.80 40.15
N THR E 81 25.61 -3.48 40.40
CA THR E 81 26.16 -3.50 41.75
C THR E 81 26.57 -2.10 42.21
N HIS E 82 27.20 -1.33 41.31
CA HIS E 82 27.57 0.05 41.64
C HIS E 82 26.34 0.88 41.96
N LEU E 83 25.27 0.72 41.18
CA LEU E 83 24.03 1.46 41.43
C LEU E 83 23.42 1.07 42.77
N LEU E 84 23.41 -0.23 43.08
CA LEU E 84 22.81 -0.69 44.34
C LEU E 84 23.61 -0.20 45.54
N ARG E 85 24.93 -0.24 45.46
CA ARG E 85 25.76 0.12 46.60
C ARG E 85 25.94 1.63 46.71
N ASN E 86 26.57 2.23 45.71
CA ASN E 86 26.92 3.65 45.76
C ASN E 86 25.70 4.53 45.58
N PRO E 87 25.77 5.78 46.06
CA PRO E 87 24.61 6.69 45.93
C PRO E 87 24.27 6.96 44.47
N HIS E 88 22.99 7.20 44.23
CA HIS E 88 22.49 7.42 42.89
C HIS E 88 22.64 8.88 42.48
N LEU E 89 23.07 9.11 41.25
CA LEU E 89 23.26 10.48 40.77
C LEU E 89 21.93 11.19 40.58
N VAL E 90 20.98 10.54 39.89
CA VAL E 90 19.71 11.15 39.53
C VAL E 90 18.58 10.41 40.24
N SER E 91 17.56 11.16 40.61
CA SER E 91 16.40 10.56 41.27
C SER E 91 15.63 9.66 40.31
N ASP E 92 14.93 8.68 40.89
CA ASP E 92 14.11 7.77 40.09
C ASP E 92 12.93 8.47 39.42
N TYR E 93 12.60 9.69 39.84
CA TYR E 93 11.52 10.43 39.20
C TYR E 93 11.82 10.69 37.73
N ARG E 94 13.05 11.11 37.43
CA ARG E 94 13.43 11.33 36.04
C ARG E 94 13.41 10.03 35.25
N VAL E 95 13.85 8.93 35.87
CA VAL E 95 13.84 7.64 35.18
C VAL E 95 12.41 7.23 34.86
N LEU E 96 11.49 7.41 35.82
CA LEU E 96 10.10 7.08 35.58
C LEU E 96 9.52 7.94 34.47
N MET E 97 9.85 9.23 34.46
CA MET E 97 9.38 10.10 33.39
C MET E 97 9.89 9.64 32.03
N ALA E 98 11.18 9.30 31.96
CA ALA E 98 11.75 8.84 30.69
C ALA E 98 11.10 7.54 30.23
N GLU E 99 10.87 6.62 31.15
CA GLU E 99 10.25 5.35 30.79
C GLU E 99 8.82 5.57 30.29
N ILE E 100 8.06 6.45 30.97
CA ILE E 100 6.71 6.75 30.53
C ILE E 100 6.72 7.36 29.14
N GLY E 101 7.66 8.28 28.89
CA GLY E 101 7.77 8.85 27.56
C GLY E 101 8.12 7.83 26.50
N GLU E 102 9.00 6.88 26.84
CA GLU E 102 9.40 5.86 25.88
C GLU E 102 8.25 4.90 25.57
N ASP E 103 7.44 4.58 26.57
CA ASP E 103 6.39 3.57 26.40
C ASP E 103 5.17 4.09 25.67
N LEU E 104 5.01 5.40 25.55
CA LEU E 104 3.82 5.96 24.91
C LEU E 104 3.93 5.89 23.39
N ASP E 105 2.82 5.51 22.75
CA ASP E 105 2.79 5.42 21.31
C ASP E 105 2.81 6.81 20.67
N LYS E 106 3.09 6.84 19.37
CA LYS E 106 3.17 8.10 18.64
C LYS E 106 1.80 8.79 18.59
N SER E 107 0.73 8.02 18.39
CA SER E 107 -0.60 8.63 18.27
C SER E 107 -1.09 9.16 19.61
N ASP E 108 -0.76 8.51 20.72
CA ASP E 108 -1.32 8.89 22.00
C ASP E 108 -0.81 10.24 22.49
N VAL E 109 0.40 10.63 22.10
CA VAL E 109 0.94 11.90 22.57
C VAL E 109 0.14 13.07 22.00
N SER E 110 -0.35 12.94 20.77
CA SER E 110 -1.19 14.00 20.20
C SER E 110 -2.48 14.16 21.00
N SER E 111 -3.11 13.04 21.36
CA SER E 111 -4.32 13.11 22.18
C SER E 111 -4.03 13.71 23.55
N LEU E 112 -2.89 13.35 24.14
CA LEU E 112 -2.52 13.93 25.42
C LEU E 112 -2.32 15.44 25.32
N ILE E 113 -1.66 15.88 24.25
CA ILE E 113 -1.46 17.32 24.03
C ILE E 113 -2.80 18.02 23.87
N PHE E 114 -3.71 17.42 23.10
CA PHE E 114 -5.03 18.02 22.92
C PHE E 114 -5.77 18.11 24.24
N LEU E 115 -5.70 17.07 25.06
CA LEU E 115 -6.40 17.07 26.34
C LEU E 115 -5.81 18.11 27.30
N MET E 116 -4.49 18.25 27.31
CA MET E 116 -3.81 19.13 28.26
C MET E 116 -3.63 20.55 27.74
N LYS E 117 -4.06 20.84 26.52
CA LYS E 117 -3.86 22.18 25.96
C LYS E 117 -4.75 23.22 26.61
N ASP E 118 -5.83 22.81 27.28
CA ASP E 118 -6.70 23.77 27.93
C ASP E 118 -6.01 24.46 29.10
N TYR E 119 -5.28 23.69 29.91
CA TYR E 119 -4.61 24.27 31.07
C TYR E 119 -3.52 25.25 30.66
N MET E 120 -2.72 24.89 29.66
CA MET E 120 -1.64 25.75 29.21
C MET E 120 -2.12 26.61 28.03
N GLY E 121 -1.18 27.33 27.41
CA GLY E 121 -1.49 28.16 26.26
C GLY E 121 -2.38 29.33 26.59
N GLU E 128 4.65 16.75 16.56
CA GLU E 128 5.25 18.08 16.66
C GLU E 128 6.08 18.21 17.92
N LYS E 129 5.46 17.96 19.06
CA LYS E 129 6.12 18.08 20.36
C LYS E 129 6.20 16.70 21.01
N SER E 130 7.39 16.33 21.46
CA SER E 130 7.59 15.06 22.13
C SER E 130 7.00 15.10 23.54
N PHE E 131 6.87 13.91 24.14
CA PHE E 131 6.36 13.82 25.50
C PHE E 131 7.30 14.50 26.50
N LEU E 132 8.62 14.43 26.26
CA LEU E 132 9.57 15.08 27.15
C LEU E 132 9.39 16.58 27.13
N ASP E 133 9.12 17.15 25.96
CA ASP E 133 8.84 18.58 25.86
C ASP E 133 7.59 18.93 26.66
N LEU E 134 6.56 18.09 26.59
CA LEU E 134 5.35 18.33 27.39
C LEU E 134 5.67 18.29 28.87
N VAL E 135 6.49 17.33 29.30
CA VAL E 135 6.82 17.21 30.72
C VAL E 135 7.58 18.45 31.20
N VAL E 136 8.57 18.88 30.42
CA VAL E 136 9.35 20.04 30.86
C VAL E 136 8.51 21.31 30.83
N GLU E 137 7.60 21.42 29.85
CA GLU E 137 6.71 22.59 29.82
C GLU E 137 5.79 22.59 31.03
N LEU E 138 5.24 21.44 31.41
CA LEU E 138 4.38 21.38 32.58
C LEU E 138 5.16 21.67 33.85
N GLU E 139 6.42 21.21 33.91
CA GLU E 139 7.26 21.52 35.07
C GLU E 139 7.54 23.01 35.17
N LYS E 140 7.73 23.66 34.02
CA LYS E 140 7.95 25.11 34.02
C LYS E 140 6.74 25.85 34.60
N LEU E 141 5.54 25.43 34.23
CA LEU E 141 4.32 26.00 34.81
C LEU E 141 4.10 25.57 36.25
N ASN E 142 4.91 24.63 36.76
CA ASN E 142 4.83 24.16 38.15
C ASN E 142 3.45 23.57 38.45
N LEU E 143 2.96 22.74 37.53
CA LEU E 143 1.73 21.99 37.73
C LEU E 143 1.99 20.55 38.18
N VAL E 144 3.02 19.91 37.64
CA VAL E 144 3.43 18.57 38.04
C VAL E 144 4.83 18.64 38.61
N ALA E 145 5.04 18.00 39.76
CA ALA E 145 6.28 18.07 40.51
C ALA E 145 6.62 16.66 40.99
N PRO E 146 7.89 16.42 41.35
CA PRO E 146 8.28 15.08 41.82
C PRO E 146 7.49 14.59 43.02
N ASP E 147 6.68 15.42 43.66
CA ASP E 147 5.85 15.00 44.78
C ASP E 147 4.37 14.90 44.44
N GLN E 148 3.88 15.68 43.47
CA GLN E 148 2.49 15.64 43.05
C GLN E 148 2.40 15.10 41.63
N LEU E 149 1.58 14.06 41.45
CA LEU E 149 1.42 13.44 40.14
C LEU E 149 -0.04 13.21 39.78
N ASP E 150 -0.96 13.90 40.46
CA ASP E 150 -2.38 13.73 40.17
C ASP E 150 -2.71 14.18 38.76
N LEU E 151 -2.14 15.32 38.33
CA LEU E 151 -2.41 15.83 36.98
C LEU E 151 -1.95 14.85 35.92
N LEU E 152 -0.89 14.10 36.19
CA LEU E 152 -0.41 13.13 35.22
C LEU E 152 -1.18 11.82 35.31
N GLU E 153 -1.40 11.32 36.52
CA GLU E 153 -2.07 10.03 36.69
C GLU E 153 -3.51 10.08 36.20
N LYS E 154 -4.25 11.12 36.58
CA LYS E 154 -5.64 11.24 36.15
C LYS E 154 -5.73 11.37 34.64
N CYS E 155 -4.84 12.18 34.05
CA CYS E 155 -4.85 12.34 32.59
C CYS E 155 -4.51 11.03 31.89
N LEU E 156 -3.55 10.27 32.43
CA LEU E 156 -3.20 8.99 31.84
C LEU E 156 -4.36 8.01 31.92
N LYS E 157 -5.07 8.00 33.05
CA LYS E 157 -6.25 7.15 33.16
C LYS E 157 -7.34 7.61 32.19
N ASN E 158 -7.37 8.90 31.87
CA ASN E 158 -8.42 9.42 31.00
C ASN E 158 -8.26 8.93 29.56
N ILE E 159 -7.04 8.58 29.15
CA ILE E 159 -6.79 8.20 27.75
C ILE E 159 -6.86 6.69 27.61
N HIS E 160 -7.45 6.02 28.59
CA HIS E 160 -7.72 4.58 28.61
C HIS E 160 -6.47 3.73 28.69
N ARG E 161 -5.28 4.33 28.74
CA ARG E 161 -4.04 3.56 28.87
C ARG E 161 -3.70 3.40 30.36
N ILE E 162 -4.43 2.48 30.99
CA ILE E 162 -4.31 2.26 32.43
C ILE E 162 -3.04 1.52 32.81
N ASP E 163 -2.22 1.12 31.83
CA ASP E 163 -1.04 0.32 32.13
C ASP E 163 -0.02 1.12 32.93
N LEU E 164 0.31 2.34 32.46
CA LEU E 164 1.32 3.14 33.14
C LEU E 164 0.85 3.64 34.50
N LYS E 165 -0.45 3.63 34.75
CA LYS E 165 -0.96 4.01 36.07
C LYS E 165 -0.43 3.07 37.14
N THR E 166 -0.26 1.79 36.81
CA THR E 166 0.31 0.86 37.79
C THR E 166 1.74 1.23 38.14
N LYS E 167 2.55 1.58 37.14
CA LYS E 167 3.92 2.01 37.42
C LYS E 167 3.95 3.29 38.24
N ILE E 168 3.07 4.23 37.91
CA ILE E 168 3.02 5.48 38.67
C ILE E 168 2.64 5.20 40.12
N GLN E 169 1.66 4.32 40.34
CA GLN E 169 1.26 3.97 41.70
C GLN E 169 2.39 3.25 42.42
N LYS E 170 3.14 2.41 41.71
CA LYS E 170 4.28 1.73 42.32
C LYS E 170 5.33 2.74 42.79
N TYR E 171 5.64 3.73 41.95
CA TYR E 171 6.58 4.76 42.35
C TYR E 171 6.04 5.56 43.53
N LYS E 172 4.74 5.86 43.52
CA LYS E 172 4.15 6.61 44.62
C LYS E 172 4.23 5.83 45.93
N GLN E 173 4.03 4.51 45.86
CA GLN E 173 4.20 3.68 47.05
C GLN E 173 5.66 3.56 47.45
N SER E 174 6.58 3.75 46.51
CA SER E 174 8.00 3.63 46.79
C SER E 174 8.59 4.87 47.45
N VAL E 175 7.87 5.99 47.48
CA VAL E 175 8.44 7.21 48.06
C VAL E 175 8.36 7.20 49.59
N GLN E 176 7.46 6.41 50.17
CA GLN E 176 7.33 6.34 51.62
C GLN E 176 8.50 5.58 52.23
N MET F 1 37.90 4.56 -9.21
CA MET F 1 38.53 5.04 -8.00
C MET F 1 38.14 6.49 -7.72
N SER F 2 37.83 7.23 -8.78
CA SER F 2 37.49 8.64 -8.69
C SER F 2 36.03 8.78 -8.26
N ALA F 3 35.52 10.01 -8.29
CA ALA F 3 34.15 10.28 -7.88
C ALA F 3 33.13 9.80 -8.89
N GLU F 4 33.54 9.45 -10.11
CA GLU F 4 32.59 9.00 -11.12
C GLU F 4 31.89 7.71 -10.69
N VAL F 5 32.69 6.72 -10.24
CA VAL F 5 32.10 5.45 -9.84
C VAL F 5 31.22 5.63 -8.61
N ILE F 6 31.63 6.48 -7.68
CA ILE F 6 30.82 6.74 -6.49
C ILE F 6 29.49 7.38 -6.89
N HIS F 7 29.53 8.34 -7.80
CA HIS F 7 28.31 9.00 -8.25
C HIS F 7 27.37 8.03 -8.92
N GLN F 8 27.91 7.17 -9.80
CA GLN F 8 27.07 6.20 -10.48
C GLN F 8 26.47 5.19 -9.50
N VAL F 9 27.27 4.74 -8.52
CA VAL F 9 26.75 3.81 -7.51
C VAL F 9 25.63 4.47 -6.71
N GLU F 10 25.81 5.73 -6.33
CA GLU F 10 24.76 6.42 -5.58
C GLU F 10 23.49 6.55 -6.42
N GLU F 11 23.63 6.89 -7.70
CA GLU F 11 22.45 7.11 -8.53
C GLU F 11 21.85 5.80 -9.06
N ALA F 12 22.51 4.67 -8.87
CA ALA F 12 22.00 3.41 -9.36
C ALA F 12 21.17 2.66 -8.32
N LEU F 13 21.72 2.45 -7.13
CA LEU F 13 21.04 1.69 -6.11
C LEU F 13 19.81 2.42 -5.60
N ASP F 14 18.76 1.66 -5.27
CA ASP F 14 17.57 2.21 -4.64
C ASP F 14 17.74 2.17 -3.12
N THR F 15 16.73 2.67 -2.41
CA THR F 15 16.83 2.78 -0.96
C THR F 15 16.87 1.41 -0.28
N ASP F 16 16.19 0.41 -0.83
CA ASP F 16 16.15 -0.90 -0.20
C ASP F 16 17.54 -1.51 -0.13
N GLU F 17 18.30 -1.43 -1.21
CA GLU F 17 19.68 -1.91 -1.18
C GLU F 17 20.59 -0.96 -0.43
N LYS F 18 20.26 0.34 -0.41
CA LYS F 18 21.08 1.30 0.31
C LYS F 18 21.07 1.02 1.81
N GLU F 19 19.90 0.62 2.35
CA GLU F 19 19.83 0.28 3.78
C GLU F 19 20.71 -0.93 4.09
N MET F 20 20.68 -1.96 3.24
CA MET F 20 21.52 -3.12 3.46
C MET F 20 22.99 -2.77 3.35
N LEU F 21 23.35 -1.91 2.40
CA LEU F 21 24.74 -1.48 2.28
C LEU F 21 25.18 -0.71 3.51
N LEU F 22 24.31 0.14 4.05
CA LEU F 22 24.62 0.85 5.29
C LEU F 22 24.83 -0.13 6.44
N PHE F 23 23.98 -1.16 6.51
CA PHE F 23 24.12 -2.14 7.59
C PHE F 23 25.43 -2.90 7.46
N LEU F 24 25.81 -3.31 6.25
CA LEU F 24 26.97 -4.17 6.08
C LEU F 24 28.25 -3.47 6.53
N CYS F 25 28.40 -2.18 6.20
CA CYS F 25 29.59 -1.43 6.56
C CYS F 25 29.48 -0.79 7.94
N ARG F 26 28.50 -1.20 8.76
CA ARG F 26 28.36 -0.62 10.08
C ARG F 26 29.55 -0.96 10.98
N ASP F 27 30.04 -2.20 10.90
CA ASP F 27 31.09 -2.64 11.81
C ASP F 27 32.45 -2.06 11.44
N VAL F 28 32.73 -1.91 10.14
CA VAL F 28 34.04 -1.40 9.73
C VAL F 28 34.19 0.07 10.12
N ALA F 29 33.11 0.85 9.99
CA ALA F 29 33.11 2.26 10.41
C ALA F 29 32.74 2.29 11.90
N ILE F 30 33.73 2.01 12.74
CA ILE F 30 33.51 1.87 14.17
C ILE F 30 33.20 3.20 14.87
N ASP F 31 33.47 4.33 14.22
CA ASP F 31 33.30 5.64 14.85
C ASP F 31 32.16 6.45 14.26
N VAL F 32 32.05 6.52 12.94
CA VAL F 32 31.07 7.37 12.27
C VAL F 32 29.83 6.55 11.94
N VAL F 33 28.68 7.21 11.92
CA VAL F 33 27.41 6.58 11.59
C VAL F 33 26.73 7.38 10.47
N PRO F 34 27.24 7.30 9.25
CA PRO F 34 26.67 8.11 8.15
C PRO F 34 25.23 7.76 7.89
N PRO F 35 24.39 8.74 7.56
CA PRO F 35 22.99 8.45 7.23
C PRO F 35 22.79 8.13 5.76
N ASN F 36 23.78 8.47 4.93
CA ASN F 36 23.70 8.30 3.49
C ASN F 36 24.81 7.36 3.02
N VAL F 37 24.91 7.20 1.70
CA VAL F 37 25.90 6.32 1.10
C VAL F 37 27.06 7.15 0.58
N ARG F 38 26.78 8.41 0.22
CA ARG F 38 27.83 9.28 -0.29
C ARG F 38 28.93 9.48 0.74
N ASP F 39 28.55 9.88 1.95
CA ASP F 39 29.54 10.11 3.00
C ASP F 39 30.22 8.83 3.45
N LEU F 40 29.48 7.72 3.47
CA LEU F 40 30.10 6.44 3.83
C LEU F 40 31.19 6.07 2.83
N LEU F 41 30.90 6.19 1.53
CA LEU F 41 31.90 5.89 0.52
C LEU F 41 33.06 6.89 0.56
N ASP F 42 32.78 8.15 0.86
CA ASP F 42 33.85 9.13 1.01
C ASP F 42 34.77 8.77 2.16
N ILE F 43 34.21 8.34 3.28
CA ILE F 43 35.00 7.94 4.44
C ILE F 43 35.84 6.71 4.10
N LEU F 44 35.24 5.74 3.40
CA LEU F 44 36.00 4.56 3.00
C LEU F 44 37.14 4.93 2.06
N ARG F 45 36.90 5.86 1.13
CA ARG F 45 37.96 6.31 0.23
C ARG F 45 39.08 7.01 1.01
N GLU F 46 38.72 7.88 1.94
CA GLU F 46 39.73 8.62 2.70
C GLU F 46 40.55 7.69 3.58
N ARG F 47 39.90 6.71 4.23
CA ARG F 47 40.61 5.79 5.10
C ARG F 47 41.54 4.87 4.31
N GLY F 48 41.33 4.72 3.01
CA GLY F 48 42.16 3.88 2.18
C GLY F 48 41.69 2.45 2.04
N LYS F 49 40.66 2.05 2.78
CA LYS F 49 40.13 0.69 2.62
C LYS F 49 39.40 0.51 1.30
N LEU F 50 38.78 1.58 0.79
CA LEU F 50 38.04 1.48 -0.45
C LEU F 50 38.99 1.22 -1.63
N SER F 51 38.59 0.29 -2.49
CA SER F 51 39.38 -0.07 -3.66
C SER F 51 38.45 -0.69 -4.69
N VAL F 52 39.01 -0.96 -5.87
CA VAL F 52 38.23 -1.60 -6.93
C VAL F 52 37.73 -2.97 -6.46
N GLY F 53 38.64 -3.76 -5.90
CA GLY F 53 38.24 -5.07 -5.39
C GLY F 53 37.25 -4.96 -4.24
N ASP F 54 37.48 -4.01 -3.32
CA ASP F 54 36.57 -3.83 -2.21
C ASP F 54 35.18 -3.39 -2.67
N LEU F 55 35.14 -2.46 -3.62
CA LEU F 55 33.84 -2.01 -4.14
C LEU F 55 33.12 -3.15 -4.86
N ALA F 56 33.87 -3.96 -5.62
CA ALA F 56 33.27 -5.12 -6.26
C ALA F 56 32.72 -6.09 -5.23
N GLU F 57 33.46 -6.32 -4.15
CA GLU F 57 32.98 -7.18 -3.08
C GLU F 57 31.70 -6.65 -2.45
N LEU F 58 31.67 -5.36 -2.15
CA LEU F 58 30.48 -4.77 -1.55
C LEU F 58 29.28 -4.89 -2.47
N LEU F 59 29.46 -4.61 -3.77
CA LEU F 59 28.35 -4.74 -4.70
C LEU F 59 27.94 -6.19 -4.90
N TYR F 60 28.87 -7.12 -4.76
CA TYR F 60 28.54 -8.54 -4.87
C TYR F 60 27.71 -9.00 -3.68
N ARG F 61 28.01 -8.48 -2.49
CA ARG F 61 27.20 -8.83 -1.32
C ARG F 61 25.76 -8.35 -1.47
N VAL F 62 25.58 -7.16 -2.07
CA VAL F 62 24.25 -6.62 -2.30
C VAL F 62 23.55 -7.34 -3.45
N ARG F 63 24.26 -8.15 -4.22
CA ARG F 63 23.72 -8.86 -5.38
C ARG F 63 23.18 -7.88 -6.43
N ARG F 64 24.10 -7.09 -6.98
CA ARG F 64 23.84 -6.23 -8.13
C ARG F 64 24.95 -6.51 -9.15
N PHE F 65 24.76 -7.56 -9.95
CA PHE F 65 25.82 -8.02 -10.84
C PHE F 65 25.98 -7.12 -12.06
N ASP F 66 24.89 -6.52 -12.53
CA ASP F 66 24.96 -5.68 -13.72
C ASP F 66 25.85 -4.47 -13.49
N LEU F 67 25.90 -3.97 -12.25
CA LEU F 67 26.82 -2.88 -11.93
C LEU F 67 28.27 -3.33 -12.07
N LEU F 68 28.57 -4.55 -11.65
CA LEU F 68 29.91 -5.09 -11.86
C LEU F 68 30.22 -5.22 -13.34
N LYS F 69 29.25 -5.71 -14.12
CA LYS F 69 29.48 -5.88 -15.55
C LYS F 69 29.70 -4.53 -16.24
N ARG F 70 28.96 -3.50 -15.84
CA ARG F 70 28.99 -2.23 -16.53
C ARG F 70 30.07 -1.28 -15.99
N ILE F 71 30.02 -1.00 -14.69
CA ILE F 71 30.89 0.03 -14.12
C ILE F 71 32.31 -0.51 -13.94
N LEU F 72 32.46 -1.57 -13.15
CA LEU F 72 33.78 -2.11 -12.86
C LEU F 72 34.36 -2.94 -13.99
N LYS F 73 33.56 -3.24 -15.03
CA LYS F 73 34.02 -4.03 -16.17
C LYS F 73 34.55 -5.39 -15.72
N MET F 74 33.86 -6.01 -14.77
CA MET F 74 34.23 -7.31 -14.24
C MET F 74 33.01 -8.22 -14.22
N ASP F 75 33.26 -9.53 -14.29
CA ASP F 75 32.21 -10.52 -14.16
C ASP F 75 32.23 -11.12 -12.76
N ARG F 76 31.28 -12.02 -12.50
CA ARG F 76 31.18 -12.60 -11.16
C ARG F 76 32.29 -13.61 -10.88
N LYS F 77 32.89 -14.19 -11.94
CA LYS F 77 33.97 -15.15 -11.73
C LYS F 77 35.19 -14.50 -11.09
N ALA F 78 35.55 -13.30 -11.54
CA ALA F 78 36.73 -12.64 -11.00
C ALA F 78 36.56 -12.30 -9.53
N VAL F 79 35.41 -11.72 -9.17
CA VAL F 79 35.17 -11.38 -7.77
C VAL F 79 35.04 -12.64 -6.92
N GLU F 80 34.45 -13.70 -7.48
CA GLU F 80 34.37 -14.96 -6.75
C GLU F 80 35.77 -15.51 -6.46
N THR F 81 36.67 -15.48 -7.44
CA THR F 81 38.03 -15.94 -7.21
C THR F 81 38.75 -15.05 -6.22
N HIS F 82 38.51 -13.74 -6.28
CA HIS F 82 39.13 -12.82 -5.33
C HIS F 82 38.68 -13.13 -3.91
N LEU F 83 37.39 -13.39 -3.72
CA LEU F 83 36.90 -13.79 -2.40
C LEU F 83 37.49 -15.13 -1.98
N LEU F 84 37.66 -16.04 -2.94
CA LEU F 84 38.26 -17.34 -2.63
C LEU F 84 39.68 -17.18 -2.11
N ARG F 85 40.47 -16.31 -2.73
CA ARG F 85 41.87 -16.14 -2.34
C ARG F 85 42.05 -14.97 -1.36
N ASN F 86 41.70 -13.77 -1.77
CA ASN F 86 41.94 -12.60 -0.93
C ASN F 86 40.98 -12.59 0.26
N PRO F 87 41.46 -12.22 1.45
CA PRO F 87 40.56 -12.16 2.61
C PRO F 87 39.48 -11.11 2.43
N HIS F 88 38.32 -11.38 3.01
CA HIS F 88 37.17 -10.50 2.93
C HIS F 88 37.28 -9.36 3.94
N LEU F 89 36.51 -8.30 3.69
CA LEU F 89 36.43 -7.18 4.62
C LEU F 89 35.23 -7.32 5.55
N VAL F 90 34.03 -7.49 4.98
CA VAL F 90 32.84 -7.68 5.79
C VAL F 90 32.90 -9.04 6.46
N SER F 91 32.47 -9.11 7.72
CA SER F 91 32.49 -10.36 8.44
C SER F 91 31.39 -11.29 7.94
N ASP F 92 31.61 -12.60 8.13
CA ASP F 92 30.60 -13.58 7.75
C ASP F 92 29.34 -13.42 8.58
N TYR F 93 29.47 -12.91 9.81
CA TYR F 93 28.30 -12.72 10.67
C TYR F 93 27.32 -11.74 10.06
N ARG F 94 27.81 -10.62 9.53
CA ARG F 94 26.93 -9.62 8.94
C ARG F 94 26.22 -10.15 7.71
N VAL F 95 26.94 -10.85 6.84
CA VAL F 95 26.30 -11.38 5.63
C VAL F 95 25.32 -12.49 5.99
N LEU F 96 25.61 -13.27 7.04
CA LEU F 96 24.64 -14.27 7.49
C LEU F 96 23.38 -13.59 8.00
N MET F 97 23.52 -12.51 8.76
CA MET F 97 22.35 -11.77 9.22
C MET F 97 21.54 -11.22 8.06
N ALA F 98 22.22 -10.69 7.05
CA ALA F 98 21.51 -10.17 5.88
C ALA F 98 20.78 -11.29 5.15
N GLU F 99 21.41 -12.45 4.99
CA GLU F 99 20.76 -13.58 4.33
C GLU F 99 19.53 -14.04 5.10
N ILE F 100 19.63 -14.10 6.43
CA ILE F 100 18.48 -14.49 7.23
C ILE F 100 17.36 -13.48 7.08
N GLY F 101 17.69 -12.19 7.14
CA GLY F 101 16.66 -11.16 7.02
C GLY F 101 16.05 -11.06 5.63
N GLU F 102 16.75 -11.55 4.61
CA GLU F 102 16.20 -11.52 3.26
C GLU F 102 14.95 -12.37 3.12
N ASP F 103 14.81 -13.41 3.95
CA ASP F 103 13.73 -14.38 3.75
C ASP F 103 12.47 -14.05 4.54
N LEU F 104 12.59 -13.44 5.71
CA LEU F 104 11.43 -13.18 6.54
C LEU F 104 10.51 -12.15 5.89
N ASP F 105 9.20 -12.37 6.03
CA ASP F 105 8.20 -11.45 5.51
C ASP F 105 7.67 -10.58 6.65
N LYS F 106 6.66 -9.76 6.34
CA LYS F 106 6.14 -8.81 7.32
C LYS F 106 5.48 -9.51 8.51
N SER F 107 4.70 -10.56 8.25
CA SER F 107 4.04 -11.26 9.34
C SER F 107 5.05 -11.90 10.29
N ASP F 108 6.10 -12.51 9.74
CA ASP F 108 7.10 -13.17 10.58
C ASP F 108 7.85 -12.15 11.45
N VAL F 109 8.23 -11.02 10.87
CA VAL F 109 8.96 -10.03 11.67
C VAL F 109 8.04 -9.39 12.70
N SER F 110 6.74 -9.23 12.37
CA SER F 110 5.79 -8.74 13.37
C SER F 110 5.67 -9.71 14.53
N SER F 111 5.58 -11.01 14.24
CA SER F 111 5.51 -12.01 15.30
C SER F 111 6.78 -12.00 16.13
N LEU F 112 7.93 -11.88 15.47
CA LEU F 112 9.20 -11.85 16.18
C LEU F 112 9.30 -10.66 17.12
N ILE F 113 8.90 -9.47 16.65
CA ILE F 113 8.97 -8.30 17.50
C ILE F 113 7.97 -8.39 18.65
N PHE F 114 6.79 -8.98 18.39
CA PHE F 114 5.85 -9.19 19.48
C PHE F 114 6.43 -10.12 20.54
N LEU F 115 7.11 -11.19 20.12
CA LEU F 115 7.73 -12.10 21.07
C LEU F 115 8.84 -11.41 21.85
N MET F 116 9.65 -10.60 21.17
CA MET F 116 10.82 -9.99 21.79
C MET F 116 10.51 -8.69 22.52
N LYS F 117 9.25 -8.21 22.48
CA LYS F 117 8.91 -6.96 23.16
C LYS F 117 9.18 -7.00 24.66
N ASP F 118 9.22 -8.20 25.27
CA ASP F 118 9.45 -8.26 26.71
C ASP F 118 10.86 -7.84 27.07
N TYR F 119 11.85 -8.18 26.24
CA TYR F 119 13.25 -7.93 26.57
C TYR F 119 13.69 -6.51 26.28
N MET F 120 12.87 -5.70 25.61
CA MET F 120 13.24 -4.34 25.25
C MET F 120 12.03 -3.43 25.44
N GLY F 121 12.13 -2.22 24.92
CA GLY F 121 11.06 -1.25 25.04
C GLY F 121 10.11 -1.25 23.86
N SER F 126 7.41 -0.86 19.37
CA SER F 126 6.39 0.18 19.26
C SER F 126 6.17 0.59 17.81
N LYS F 127 7.28 0.83 17.10
CA LYS F 127 7.21 1.22 15.70
C LYS F 127 7.26 0.00 14.79
N GLU F 128 7.10 0.25 13.50
CA GLU F 128 7.19 -0.79 12.47
C GLU F 128 8.52 -0.65 11.74
N LYS F 129 9.25 -1.76 11.62
CA LYS F 129 10.60 -1.70 11.08
C LYS F 129 10.92 -3.03 10.40
N SER F 130 11.99 -3.01 9.61
CA SER F 130 12.47 -4.21 8.94
C SER F 130 13.30 -5.05 9.92
N PHE F 131 13.68 -6.25 9.45
CA PHE F 131 14.46 -7.14 10.30
C PHE F 131 15.83 -6.57 10.63
N LEU F 132 16.44 -5.85 9.68
CA LEU F 132 17.77 -5.29 9.92
C LEU F 132 17.74 -4.27 11.06
N ASP F 133 16.70 -3.43 11.11
CA ASP F 133 16.58 -2.50 12.22
C ASP F 133 16.43 -3.24 13.54
N LEU F 134 15.66 -4.34 13.53
CA LEU F 134 15.48 -5.12 14.75
C LEU F 134 16.79 -5.73 15.23
N VAL F 135 17.59 -6.28 14.30
CA VAL F 135 18.84 -6.89 14.72
C VAL F 135 19.83 -5.81 15.18
N VAL F 136 19.80 -4.63 14.57
CA VAL F 136 20.63 -3.53 15.06
C VAL F 136 20.23 -3.14 16.47
N GLU F 137 18.92 -3.05 16.71
CA GLU F 137 18.43 -2.71 18.06
C GLU F 137 18.84 -3.76 19.07
N LEU F 138 18.75 -5.04 18.71
CA LEU F 138 19.18 -6.10 19.61
C LEU F 138 20.67 -6.02 19.89
N GLU F 139 21.47 -5.77 18.85
CA GLU F 139 22.91 -5.64 19.05
C GLU F 139 23.24 -4.43 19.92
N LYS F 140 22.38 -3.40 19.90
CA LYS F 140 22.58 -2.27 20.80
C LYS F 140 22.47 -2.70 22.25
N LEU F 141 21.52 -3.59 22.56
CA LEU F 141 21.33 -4.07 23.92
C LEU F 141 22.25 -5.24 24.27
N ASN F 142 23.15 -5.61 23.37
CA ASN F 142 24.15 -6.66 23.64
C ASN F 142 23.49 -8.01 23.91
N LEU F 143 22.46 -8.34 23.12
CA LEU F 143 21.81 -9.64 23.19
C LEU F 143 22.18 -10.55 22.03
N VAL F 144 22.55 -9.99 20.89
CA VAL F 144 22.98 -10.76 19.72
C VAL F 144 24.41 -10.35 19.39
N ALA F 145 25.30 -11.32 19.30
CA ALA F 145 26.71 -11.09 19.10
C ALA F 145 27.23 -12.03 18.00
N PRO F 146 28.37 -11.70 17.39
CA PRO F 146 28.94 -12.62 16.40
C PRO F 146 29.29 -13.99 16.96
N ASP F 147 29.43 -14.12 18.27
CA ASP F 147 29.66 -15.41 18.91
C ASP F 147 28.51 -15.88 19.79
N GLN F 148 27.58 -15.00 20.14
CA GLN F 148 26.41 -15.35 20.94
C GLN F 148 25.17 -15.33 20.03
N LEU F 149 24.52 -16.47 19.88
CA LEU F 149 23.38 -16.57 18.99
C LEU F 149 22.23 -17.39 19.57
N ASP F 150 22.28 -17.73 20.86
CA ASP F 150 21.27 -18.62 21.43
C ASP F 150 19.88 -18.01 21.37
N LEU F 151 19.77 -16.71 21.67
CA LEU F 151 18.45 -16.07 21.71
C LEU F 151 17.78 -16.11 20.35
N LEU F 152 18.49 -15.69 19.31
CA LEU F 152 17.90 -15.65 17.98
C LEU F 152 17.54 -17.05 17.48
N GLU F 153 18.45 -18.02 17.70
CA GLU F 153 18.18 -19.38 17.26
C GLU F 153 16.97 -19.97 17.98
N LYS F 154 16.87 -19.72 19.29
CA LYS F 154 15.73 -20.24 20.05
C LYS F 154 14.43 -19.58 19.61
N CYS F 155 14.45 -18.26 19.36
CA CYS F 155 13.24 -17.57 18.97
C CYS F 155 12.81 -17.88 17.54
N LEU F 156 13.76 -18.25 16.67
CA LEU F 156 13.41 -18.57 15.29
C LEU F 156 12.72 -19.91 15.16
N LYS F 157 12.79 -20.77 16.17
CA LYS F 157 12.11 -22.06 16.12
C LYS F 157 10.66 -21.96 16.56
N ASN F 158 10.36 -21.10 17.54
CA ASN F 158 9.00 -21.00 18.06
C ASN F 158 8.03 -20.40 17.05
N ILE F 159 8.52 -19.81 15.97
CA ILE F 159 7.64 -19.23 14.95
C ILE F 159 7.51 -20.21 13.80
N HIS F 160 7.94 -21.44 14.02
CA HIS F 160 7.87 -22.51 13.02
C HIS F 160 8.61 -22.13 11.74
N ARG F 161 9.92 -21.91 11.90
CA ARG F 161 10.81 -21.62 10.78
C ARG F 161 12.13 -22.33 11.10
N ILE F 162 12.35 -23.49 10.47
CA ILE F 162 13.49 -24.33 10.83
C ILE F 162 14.63 -24.24 9.82
N ASP F 163 14.37 -23.80 8.59
CA ASP F 163 15.46 -23.64 7.63
C ASP F 163 16.45 -22.57 8.09
N LEU F 164 15.95 -21.46 8.64
CA LEU F 164 16.84 -20.44 9.17
C LEU F 164 17.64 -20.96 10.35
N LYS F 165 17.00 -21.77 11.20
CA LYS F 165 17.72 -22.40 12.30
C LYS F 165 18.83 -23.31 11.78
N THR F 166 18.56 -24.04 10.69
CA THR F 166 19.59 -24.88 10.09
C THR F 166 20.73 -24.04 9.54
N LYS F 167 20.41 -22.89 8.94
CA LYS F 167 21.45 -21.98 8.45
C LYS F 167 22.32 -21.49 9.60
N ILE F 168 21.69 -21.12 10.71
CA ILE F 168 22.46 -20.65 11.88
C ILE F 168 23.33 -21.76 12.43
N GLN F 169 22.79 -22.98 12.49
CA GLN F 169 23.58 -24.12 12.96
C GLN F 169 24.76 -24.40 12.04
N LYS F 170 24.55 -24.27 10.72
CA LYS F 170 25.63 -24.45 9.77
C LYS F 170 26.72 -23.41 9.97
N TYR F 171 26.32 -22.14 10.18
CA TYR F 171 27.29 -21.10 10.44
C TYR F 171 28.08 -21.39 11.72
N LYS F 172 27.38 -21.83 12.77
CA LYS F 172 28.06 -22.15 14.03
C LYS F 172 29.04 -23.30 13.84
N GLN F 173 28.67 -24.29 13.02
CA GLN F 173 29.59 -25.37 12.69
C GLN F 173 30.81 -24.84 11.95
N SER F 174 30.60 -23.87 11.05
CA SER F 174 31.72 -23.27 10.34
C SER F 174 32.67 -22.53 11.28
N VAL F 175 32.18 -22.09 12.44
CA VAL F 175 33.00 -21.38 13.43
C VAL F 175 33.64 -20.15 12.82
N MET G 1 6.84 19.54 -26.81
CA MET G 1 8.03 20.03 -26.12
C MET G 1 7.63 20.88 -24.92
N SER G 2 6.45 21.48 -24.99
CA SER G 2 5.95 22.29 -23.88
C SER G 2 5.60 21.42 -22.68
N ALA G 3 5.49 22.06 -21.52
CA ALA G 3 5.13 21.33 -20.32
C ALA G 3 3.65 20.93 -20.31
N GLU G 4 2.81 21.68 -21.01
CA GLU G 4 1.38 21.39 -20.99
C GLU G 4 1.07 20.03 -21.60
N VAL G 5 1.71 19.69 -22.72
CA VAL G 5 1.45 18.41 -23.36
C VAL G 5 1.94 17.26 -22.48
N ILE G 6 3.09 17.44 -21.83
CA ILE G 6 3.60 16.41 -20.93
C ILE G 6 2.64 16.20 -19.77
N HIS G 7 2.15 17.29 -19.19
CA HIS G 7 1.20 17.18 -18.08
C HIS G 7 -0.09 16.49 -18.51
N GLN G 8 -0.60 16.85 -19.69
CA GLN G 8 -1.84 16.24 -20.17
C GLN G 8 -1.66 14.74 -20.43
N VAL G 9 -0.54 14.36 -21.04
CA VAL G 9 -0.27 12.95 -21.28
C VAL G 9 -0.15 12.19 -19.96
N GLU G 10 0.53 12.80 -18.97
CA GLU G 10 0.67 12.16 -17.67
C GLU G 10 -0.70 11.95 -17.01
N GLU G 11 -1.55 12.97 -17.01
CA GLU G 11 -2.84 12.85 -16.36
C GLU G 11 -3.84 12.02 -17.17
N ALA G 12 -3.53 11.72 -18.43
CA ALA G 12 -4.39 10.89 -19.26
C ALA G 12 -3.94 9.43 -19.31
N LEU G 13 -2.96 9.05 -18.50
CA LEU G 13 -2.42 7.69 -18.48
C LEU G 13 -2.90 6.97 -17.23
N ASP G 14 -3.43 5.77 -17.41
CA ASP G 14 -3.87 4.96 -16.28
C ASP G 14 -2.68 4.42 -15.52
N THR G 15 -2.94 3.97 -14.28
CA THR G 15 -1.87 3.48 -13.42
C THR G 15 -1.23 2.20 -13.94
N ASP G 16 -1.93 1.45 -14.80
CA ASP G 16 -1.39 0.17 -15.26
C ASP G 16 -0.27 0.37 -16.27
N GLU G 17 -0.43 1.31 -17.21
CA GLU G 17 0.55 1.51 -18.25
C GLU G 17 1.70 2.40 -17.84
N LYS G 18 1.63 3.04 -16.67
CA LYS G 18 2.78 3.81 -16.19
C LYS G 18 3.97 2.91 -15.94
N GLU G 19 3.74 1.72 -15.37
CA GLU G 19 4.82 0.77 -15.17
C GLU G 19 5.37 0.30 -16.51
N MET G 20 4.50 0.11 -17.50
CA MET G 20 4.95 -0.26 -18.85
C MET G 20 5.87 0.81 -19.41
N LEU G 21 5.48 2.08 -19.27
CA LEU G 21 6.31 3.17 -19.78
C LEU G 21 7.64 3.25 -19.04
N LEU G 22 7.62 3.08 -17.72
CA LEU G 22 8.85 3.10 -16.94
C LEU G 22 9.80 1.99 -17.36
N PHE G 23 9.26 0.78 -17.57
CA PHE G 23 10.10 -0.31 -18.03
C PHE G 23 10.65 -0.05 -19.43
N LEU G 24 9.82 0.51 -20.32
CA LEU G 24 10.25 0.77 -21.69
C LEU G 24 11.38 1.80 -21.72
N CYS G 25 11.28 2.85 -20.92
CA CYS G 25 12.26 3.92 -20.94
C CYS G 25 13.51 3.60 -20.12
N ARG G 26 13.74 2.33 -19.77
CA ARG G 26 14.91 2.00 -18.97
C ARG G 26 16.20 2.18 -19.77
N ASP G 27 16.16 1.90 -21.07
CA ASP G 27 17.38 1.98 -21.88
C ASP G 27 17.91 3.40 -21.96
N VAL G 28 17.03 4.38 -22.18
CA VAL G 28 17.48 5.76 -22.33
C VAL G 28 18.01 6.30 -21.01
N ALA G 29 17.26 6.09 -19.93
CA ALA G 29 17.65 6.53 -18.59
C ALA G 29 18.31 5.35 -17.89
N ILE G 30 19.60 5.18 -18.12
CA ILE G 30 20.34 4.05 -17.57
C ILE G 30 21.08 4.39 -16.28
N ASP G 31 21.37 5.67 -16.05
CA ASP G 31 22.12 6.06 -14.85
C ASP G 31 21.23 6.49 -13.70
N VAL G 32 19.97 6.84 -13.97
CA VAL G 32 19.04 7.30 -12.95
C VAL G 32 17.76 6.50 -13.03
N VAL G 33 17.00 6.51 -11.94
CA VAL G 33 15.72 5.84 -11.84
C VAL G 33 14.66 6.89 -11.48
N PRO G 34 13.65 7.11 -12.33
CA PRO G 34 12.62 8.09 -12.00
C PRO G 34 11.46 7.43 -11.27
N PRO G 35 10.87 8.12 -10.30
CA PRO G 35 9.76 7.52 -9.53
C PRO G 35 8.45 7.49 -10.29
N ASN G 36 8.14 8.55 -11.05
CA ASN G 36 6.87 8.65 -11.74
C ASN G 36 7.09 9.02 -13.21
N VAL G 37 5.99 9.05 -13.95
CA VAL G 37 6.06 9.29 -15.39
C VAL G 37 6.49 10.74 -15.68
N ARG G 38 5.95 11.70 -14.94
CA ARG G 38 6.27 13.10 -15.20
C ARG G 38 7.75 13.37 -15.01
N ASP G 39 8.35 12.82 -13.96
CA ASP G 39 9.79 13.01 -13.74
C ASP G 39 10.60 12.38 -14.87
N LEU G 40 10.18 11.20 -15.34
CA LEU G 40 10.89 10.56 -16.45
C LEU G 40 10.82 11.41 -17.71
N LEU G 41 9.63 11.93 -18.02
CA LEU G 41 9.48 12.76 -19.20
C LEU G 41 10.29 14.04 -19.08
N ASP G 42 10.33 14.63 -17.88
CA ASP G 42 11.15 15.82 -17.66
C ASP G 42 12.62 15.52 -17.84
N ILE G 43 13.08 14.36 -17.36
CA ILE G 43 14.47 13.97 -17.55
C ILE G 43 14.79 13.80 -19.03
N LEU G 44 13.89 13.17 -19.78
CA LEU G 44 14.11 13.03 -21.22
C LEU G 44 14.15 14.38 -21.91
N ARG G 45 13.25 15.30 -21.52
CA ARG G 45 13.26 16.62 -22.12
C ARG G 45 14.56 17.36 -21.81
N GLU G 46 15.04 17.25 -20.58
CA GLU G 46 16.30 17.88 -20.21
C GLU G 46 17.46 17.29 -20.99
N ARG G 47 17.45 15.97 -21.18
CA ARG G 47 18.54 15.30 -21.87
C ARG G 47 18.54 15.54 -23.38
N GLY G 48 17.51 16.18 -23.91
CA GLY G 48 17.45 16.49 -25.33
C GLY G 48 17.02 15.35 -26.22
N LYS G 49 16.70 14.18 -25.65
CA LYS G 49 16.24 13.04 -26.43
C LYS G 49 14.72 12.96 -26.50
N LEU G 50 14.04 14.09 -26.33
CA LEU G 50 12.58 14.13 -26.36
C LEU G 50 12.13 15.05 -27.48
N SER G 51 11.15 14.58 -28.27
CA SER G 51 10.59 15.36 -29.36
C SER G 51 9.20 14.82 -29.65
N VAL G 52 8.58 15.36 -30.70
CA VAL G 52 7.26 14.89 -31.11
C VAL G 52 7.32 13.43 -31.55
N GLY G 53 8.35 13.08 -32.32
CA GLY G 53 8.47 11.71 -32.79
C GLY G 53 8.69 10.72 -31.65
N ASP G 54 9.48 11.12 -30.65
CA ASP G 54 9.73 10.23 -29.52
C ASP G 54 8.46 9.95 -28.73
N LEU G 55 7.68 11.00 -28.47
CA LEU G 55 6.42 10.82 -27.78
C LEU G 55 5.46 9.96 -28.59
N ALA G 56 5.41 10.19 -29.91
CA ALA G 56 4.56 9.38 -30.77
C ALA G 56 4.97 7.92 -30.72
N GLU G 57 6.28 7.64 -30.75
CA GLU G 57 6.75 6.26 -30.68
C GLU G 57 6.40 5.63 -29.34
N LEU G 58 6.56 6.38 -28.24
CA LEU G 58 6.23 5.85 -26.93
C LEU G 58 4.75 5.50 -26.85
N LEU G 59 3.88 6.40 -27.32
CA LEU G 59 2.45 6.13 -27.25
C LEU G 59 2.04 5.00 -28.19
N TYR G 60 2.73 4.85 -29.32
CA TYR G 60 2.48 3.71 -30.20
C TYR G 60 2.88 2.40 -29.53
N ARG G 61 4.01 2.40 -28.83
CA ARG G 61 4.46 1.20 -28.14
C ARG G 61 3.50 0.82 -27.01
N VAL G 62 3.02 1.82 -26.26
CA VAL G 62 2.09 1.52 -25.17
C VAL G 62 0.69 1.22 -25.68
N ARG G 63 0.43 1.38 -26.98
CA ARG G 63 -0.85 1.05 -27.60
C ARG G 63 -2.00 1.86 -26.99
N ARG G 64 -1.91 3.18 -27.16
CA ARG G 64 -2.93 4.13 -26.73
C ARG G 64 -3.20 5.14 -27.84
N PHE G 65 -3.48 4.63 -29.04
CA PHE G 65 -3.55 5.46 -30.24
C PHE G 65 -4.57 6.59 -30.14
N ASP G 66 -5.59 6.44 -29.29
CA ASP G 66 -6.57 7.51 -29.14
C ASP G 66 -5.92 8.79 -28.61
N LEU G 67 -4.97 8.65 -27.69
CA LEU G 67 -4.22 9.81 -27.23
C LEU G 67 -3.36 10.39 -28.34
N LEU G 68 -2.81 9.54 -29.22
CA LEU G 68 -2.08 10.05 -30.37
C LEU G 68 -2.97 10.90 -31.25
N LYS G 69 -4.20 10.45 -31.50
CA LYS G 69 -5.14 11.25 -32.28
C LYS G 69 -5.48 12.56 -31.57
N ARG G 70 -5.80 12.48 -30.27
CA ARG G 70 -6.28 13.66 -29.56
C ARG G 70 -5.14 14.64 -29.27
N ILE G 71 -4.00 14.13 -28.80
CA ILE G 71 -2.94 15.01 -28.30
C ILE G 71 -1.99 15.38 -29.43
N LEU G 72 -1.35 14.39 -30.03
CA LEU G 72 -0.34 14.65 -31.05
C LEU G 72 -0.94 14.86 -32.44
N LYS G 73 -2.24 14.60 -32.61
CA LYS G 73 -2.92 14.79 -33.89
C LYS G 73 -2.27 13.97 -35.00
N MET G 74 -1.98 12.71 -34.71
CA MET G 74 -1.37 11.80 -35.67
C MET G 74 -2.14 10.48 -35.69
N ASP G 75 -2.05 9.79 -36.83
CA ASP G 75 -2.69 8.48 -37.01
C ASP G 75 -1.62 7.39 -37.00
N ARG G 76 -2.08 6.14 -37.12
CA ARG G 76 -1.16 5.01 -37.10
C ARG G 76 -0.22 5.03 -38.30
N LYS G 77 -0.72 5.41 -39.47
CA LYS G 77 0.08 5.37 -40.69
C LYS G 77 1.28 6.30 -40.58
N ALA G 78 1.05 7.54 -40.12
CA ALA G 78 2.13 8.53 -40.06
C ALA G 78 3.21 8.10 -39.08
N VAL G 79 2.82 7.68 -37.88
CA VAL G 79 3.80 7.30 -36.87
C VAL G 79 4.54 6.04 -37.31
N GLU G 80 3.82 5.10 -37.95
CA GLU G 80 4.48 3.89 -38.44
C GLU G 80 5.52 4.21 -39.51
N THR G 81 5.17 5.10 -40.45
CA THR G 81 6.14 5.49 -41.47
C THR G 81 7.33 6.21 -40.86
N HIS G 82 7.08 7.11 -39.91
CA HIS G 82 8.17 7.83 -39.26
C HIS G 82 9.10 6.88 -38.53
N LEU G 83 8.53 5.90 -37.81
CA LEU G 83 9.35 4.90 -37.14
C LEU G 83 10.11 4.04 -38.14
N LEU G 84 9.51 3.76 -39.30
CA LEU G 84 10.21 3.02 -40.34
C LEU G 84 11.42 3.79 -40.85
N ARG G 85 11.28 5.11 -41.02
CA ARG G 85 12.36 5.91 -41.60
C ARG G 85 13.25 6.55 -40.54
N ASN G 86 13.04 6.26 -39.25
CA ASN G 86 13.86 6.83 -38.20
C ASN G 86 14.34 5.72 -37.25
N PRO G 87 15.46 5.95 -36.56
CA PRO G 87 15.91 4.97 -35.57
C PRO G 87 14.92 4.87 -34.42
N HIS G 88 14.85 3.68 -33.83
CA HIS G 88 13.91 3.42 -32.75
C HIS G 88 14.48 3.87 -31.42
N LEU G 89 13.66 4.55 -30.62
CA LEU G 89 14.09 4.95 -29.28
C LEU G 89 14.20 3.75 -28.35
N VAL G 90 13.34 2.75 -28.52
CA VAL G 90 13.32 1.55 -27.68
C VAL G 90 13.69 0.34 -28.54
N SER G 91 14.60 -0.47 -28.04
CA SER G 91 15.04 -1.65 -28.77
C SER G 91 13.92 -2.69 -28.85
N ASP G 92 14.06 -3.60 -29.82
CA ASP G 92 13.05 -4.65 -29.98
C ASP G 92 13.02 -5.61 -28.79
N TYR G 93 14.10 -5.70 -28.02
CA TYR G 93 14.11 -6.57 -26.86
C TYR G 93 13.08 -6.10 -25.83
N ARG G 94 13.03 -4.80 -25.56
CA ARG G 94 12.09 -4.27 -24.57
C ARG G 94 10.65 -4.45 -25.03
N VAL G 95 10.36 -4.17 -26.30
CA VAL G 95 8.99 -4.34 -26.78
C VAL G 95 8.61 -5.82 -26.79
N LEU G 96 9.56 -6.71 -27.08
CA LEU G 96 9.27 -8.14 -27.01
C LEU G 96 8.94 -8.57 -25.58
N MET G 97 9.71 -8.07 -24.61
CA MET G 97 9.41 -8.38 -23.21
C MET G 97 8.04 -7.85 -22.81
N ALA G 98 7.71 -6.64 -23.25
CA ALA G 98 6.40 -6.07 -22.95
C ALA G 98 5.29 -6.92 -23.55
N GLU G 99 5.47 -7.36 -24.80
CA GLU G 99 4.44 -8.16 -25.46
C GLU G 99 4.28 -9.53 -24.77
N ILE G 100 5.39 -10.13 -24.32
CA ILE G 100 5.30 -11.36 -23.56
C ILE G 100 4.53 -11.14 -22.26
N GLY G 101 4.87 -10.07 -21.54
CA GLY G 101 4.19 -9.79 -20.29
C GLY G 101 2.72 -9.47 -20.48
N GLU G 102 2.36 -8.98 -21.66
CA GLU G 102 0.95 -8.68 -21.94
C GLU G 102 0.11 -9.94 -22.09
N ASP G 103 0.74 -11.12 -22.19
CA ASP G 103 0.01 -12.35 -22.49
C ASP G 103 0.00 -13.34 -21.33
N LEU G 104 0.36 -12.92 -20.13
CA LEU G 104 0.37 -13.78 -18.96
C LEU G 104 -0.60 -13.24 -17.91
N ASP G 105 -1.47 -14.10 -17.42
CA ASP G 105 -2.45 -13.72 -16.41
C ASP G 105 -1.82 -13.80 -15.03
N LYS G 106 -2.64 -13.67 -13.98
CA LYS G 106 -2.14 -13.67 -12.62
C LYS G 106 -1.80 -15.06 -12.11
N SER G 107 -2.28 -16.11 -12.77
CA SER G 107 -2.06 -17.48 -12.31
C SER G 107 -0.78 -18.09 -12.84
N ASP G 108 -0.04 -17.38 -13.69
CA ASP G 108 1.20 -17.90 -14.26
C ASP G 108 2.45 -17.24 -13.72
N VAL G 109 2.38 -15.96 -13.35
CA VAL G 109 3.53 -15.28 -12.78
C VAL G 109 3.90 -15.90 -11.44
N SER G 110 2.90 -16.35 -10.68
CA SER G 110 3.17 -17.04 -9.42
C SER G 110 3.94 -18.33 -9.66
N SER G 111 3.52 -19.11 -10.66
CA SER G 111 4.25 -20.33 -10.99
C SER G 111 5.68 -20.01 -11.44
N LEU G 112 5.83 -18.95 -12.24
CA LEU G 112 7.16 -18.55 -12.68
C LEU G 112 8.07 -18.21 -11.50
N ILE G 113 7.58 -17.36 -10.58
CA ILE G 113 8.42 -16.96 -9.46
C ILE G 113 8.70 -18.12 -8.53
N PHE G 114 7.76 -19.07 -8.41
CA PHE G 114 8.02 -20.26 -7.63
C PHE G 114 9.10 -21.11 -8.27
N LEU G 115 9.06 -21.25 -9.60
CA LEU G 115 10.01 -22.12 -10.29
C LEU G 115 11.44 -21.63 -10.13
N MET G 116 11.65 -20.32 -10.19
CA MET G 116 12.98 -19.73 -10.13
C MET G 116 13.39 -19.32 -8.73
N LYS G 117 12.66 -19.75 -7.70
CA LYS G 117 12.94 -19.31 -6.34
C LYS G 117 14.33 -19.77 -5.88
N ASP G 118 14.87 -20.82 -6.48
CA ASP G 118 16.17 -21.32 -6.07
C ASP G 118 17.29 -20.39 -6.52
N TYR G 119 17.21 -19.86 -7.74
CA TYR G 119 18.27 -19.01 -8.28
C TYR G 119 18.35 -17.68 -7.55
N MET G 120 17.21 -17.06 -7.28
CA MET G 120 17.13 -15.72 -6.72
C MET G 120 16.60 -15.78 -5.28
N GLY G 121 16.37 -14.60 -4.71
CA GLY G 121 15.86 -14.52 -3.35
C GLY G 121 14.39 -14.92 -3.26
N ARG G 122 13.92 -15.01 -2.02
CA ARG G 122 12.55 -15.44 -1.72
C ARG G 122 11.69 -14.34 -1.13
N GLY G 123 12.16 -13.68 -0.06
CA GLY G 123 11.34 -12.72 0.63
C GLY G 123 11.05 -11.45 -0.15
N LYS G 124 11.90 -11.11 -1.12
CA LYS G 124 11.67 -9.91 -1.91
C LYS G 124 10.55 -10.08 -2.92
N ILE G 125 10.44 -11.28 -3.51
CA ILE G 125 9.43 -11.53 -4.54
C ILE G 125 8.22 -12.19 -3.92
N SER G 126 8.17 -12.25 -2.58
CA SER G 126 7.02 -12.82 -1.90
C SER G 126 5.75 -12.03 -2.18
N LYS G 127 5.89 -10.72 -2.34
CA LYS G 127 4.74 -9.88 -2.68
C LYS G 127 4.26 -10.18 -4.10
N GLU G 128 2.99 -9.87 -4.37
CA GLU G 128 2.45 -10.04 -5.70
C GLU G 128 3.26 -9.22 -6.71
N LYS G 129 3.64 -9.87 -7.81
CA LYS G 129 4.54 -9.28 -8.78
C LYS G 129 3.94 -9.37 -10.18
N SER G 130 4.45 -8.53 -11.08
CA SER G 130 4.12 -8.57 -12.49
C SER G 130 5.31 -9.12 -13.27
N PHE G 131 5.03 -9.61 -14.48
CA PHE G 131 6.09 -10.23 -15.26
C PHE G 131 7.20 -9.25 -15.58
N LEU G 132 6.87 -7.98 -15.80
CA LEU G 132 7.89 -6.98 -16.05
C LEU G 132 8.80 -6.80 -14.84
N ASP G 133 8.22 -6.82 -13.64
CA ASP G 133 9.03 -6.71 -12.42
C ASP G 133 9.96 -7.91 -12.29
N LEU G 134 9.46 -9.11 -12.60
CA LEU G 134 10.31 -10.29 -12.55
C LEU G 134 11.44 -10.21 -13.57
N VAL G 135 11.14 -9.69 -14.77
CA VAL G 135 12.17 -9.53 -15.78
C VAL G 135 13.23 -8.55 -15.31
N VAL G 136 12.81 -7.45 -14.69
CA VAL G 136 13.76 -6.47 -14.16
C VAL G 136 14.63 -7.12 -13.08
N GLU G 137 14.01 -7.88 -12.19
CA GLU G 137 14.76 -8.53 -11.12
C GLU G 137 15.78 -9.52 -11.68
N LEU G 138 15.38 -10.29 -12.70
CA LEU G 138 16.34 -11.21 -13.33
C LEU G 138 17.47 -10.44 -14.00
N GLU G 139 17.15 -9.33 -14.65
CA GLU G 139 18.18 -8.52 -15.31
C GLU G 139 19.15 -7.93 -14.30
N LYS G 140 18.68 -7.68 -13.07
CA LYS G 140 19.57 -7.17 -12.03
C LYS G 140 20.69 -8.16 -11.73
N LEU G 141 20.37 -9.45 -11.69
CA LEU G 141 21.35 -10.49 -11.42
C LEU G 141 22.09 -10.94 -12.68
N ASN G 142 21.82 -10.31 -13.83
CA ASN G 142 22.49 -10.61 -15.09
C ASN G 142 22.27 -12.08 -15.49
N LEU G 143 20.99 -12.42 -15.66
CA LEU G 143 20.59 -13.74 -16.12
C LEU G 143 19.94 -13.72 -17.50
N VAL G 144 19.27 -12.62 -17.85
CA VAL G 144 18.63 -12.47 -19.15
C VAL G 144 19.21 -11.24 -19.84
N ALA G 145 19.56 -11.40 -21.11
CA ALA G 145 20.21 -10.35 -21.88
C ALA G 145 19.61 -10.34 -23.28
N PRO G 146 19.77 -9.23 -24.02
CA PRO G 146 19.29 -9.22 -25.40
C PRO G 146 19.89 -10.32 -26.26
N ASP G 147 21.14 -10.71 -26.00
CA ASP G 147 21.79 -11.78 -26.73
C ASP G 147 21.73 -13.12 -25.99
N GLN G 148 21.09 -13.18 -24.82
CA GLN G 148 21.05 -14.40 -24.03
C GLN G 148 19.63 -14.55 -23.48
N LEU G 149 18.89 -15.54 -24.01
CA LEU G 149 17.51 -15.77 -23.61
C LEU G 149 17.24 -17.24 -23.34
N ASP G 150 18.27 -18.03 -23.04
CA ASP G 150 18.08 -19.46 -22.83
C ASP G 150 17.22 -19.74 -21.62
N LEU G 151 17.52 -19.10 -20.49
CA LEU G 151 16.82 -19.40 -19.24
C LEU G 151 15.35 -19.07 -19.34
N LEU G 152 15.02 -17.89 -19.88
CA LEU G 152 13.62 -17.49 -20.00
C LEU G 152 12.85 -18.43 -20.93
N GLU G 153 13.46 -18.80 -22.06
CA GLU G 153 12.81 -19.71 -22.98
C GLU G 153 12.56 -21.07 -22.35
N LYS G 154 13.55 -21.60 -21.63
CA LYS G 154 13.39 -22.89 -20.97
C LYS G 154 12.30 -22.82 -19.91
N CYS G 155 12.27 -21.74 -19.12
CA CYS G 155 11.24 -21.59 -18.10
C CYS G 155 9.84 -21.51 -18.74
N LEU G 156 9.71 -20.78 -19.84
CA LEU G 156 8.42 -20.69 -20.51
C LEU G 156 8.00 -22.04 -21.07
N LYS G 157 8.97 -22.82 -21.58
CA LYS G 157 8.64 -24.15 -22.06
C LYS G 157 8.17 -25.05 -20.93
N ASN G 158 8.79 -24.94 -19.75
CA ASN G 158 8.46 -25.82 -18.64
C ASN G 158 7.04 -25.63 -18.11
N ILE G 159 6.41 -24.48 -18.38
CA ILE G 159 5.10 -24.19 -17.81
C ILE G 159 4.00 -24.46 -18.82
N HIS G 160 4.30 -25.27 -19.84
CA HIS G 160 3.32 -25.69 -20.84
C HIS G 160 2.77 -24.50 -21.62
N ARG G 161 3.67 -23.67 -22.13
CA ARG G 161 3.32 -22.60 -23.06
C ARG G 161 4.34 -22.59 -24.18
N ILE G 162 3.90 -22.90 -25.39
CA ILE G 162 4.81 -23.10 -26.51
C ILE G 162 4.79 -21.90 -27.44
N ASP G 163 3.64 -21.24 -27.55
CA ASP G 163 3.51 -20.13 -28.48
C ASP G 163 4.49 -19.00 -28.15
N LEU G 164 4.65 -18.69 -26.86
CA LEU G 164 5.64 -17.69 -26.47
C LEU G 164 7.05 -18.15 -26.77
N LYS G 165 7.32 -19.45 -26.64
CA LYS G 165 8.62 -19.97 -27.06
C LYS G 165 8.82 -19.78 -28.55
N THR G 166 7.77 -19.99 -29.35
CA THR G 166 7.87 -19.74 -30.78
C THR G 166 8.13 -18.27 -31.07
N LYS G 167 7.50 -17.38 -30.30
CA LYS G 167 7.76 -15.94 -30.48
C LYS G 167 9.20 -15.59 -30.15
N ILE G 168 9.74 -16.19 -29.08
CA ILE G 168 11.14 -15.96 -28.72
C ILE G 168 12.06 -16.46 -29.83
N GLN G 169 11.76 -17.65 -30.36
CA GLN G 169 12.57 -18.17 -31.47
C GLN G 169 12.46 -17.28 -32.70
N LYS G 170 11.27 -16.72 -32.95
CA LYS G 170 11.09 -15.81 -34.06
C LYS G 170 11.96 -14.57 -33.91
N TYR G 171 11.96 -13.99 -32.70
CA TYR G 171 12.80 -12.81 -32.47
C TYR G 171 14.28 -13.14 -32.62
N LYS G 172 14.70 -14.29 -32.09
CA LYS G 172 16.10 -14.69 -32.20
C LYS G 172 16.49 -14.90 -33.67
N GLN G 173 15.57 -15.46 -34.46
CA GLN G 173 15.82 -15.62 -35.89
C GLN G 173 15.88 -14.27 -36.60
N SER G 174 15.12 -13.29 -36.12
CA SER G 174 15.11 -11.97 -36.75
C SER G 174 16.49 -11.32 -36.68
N VAL G 175 17.17 -11.44 -35.54
CA VAL G 175 18.48 -10.85 -35.38
C VAL G 175 19.56 -11.94 -35.34
N MET H 1 -20.09 10.56 -29.23
CA MET H 1 -20.15 11.38 -28.03
C MET H 1 -21.13 10.80 -27.01
N ASP H 2 -21.91 11.67 -26.37
CA ASP H 2 -22.84 11.22 -25.35
C ASP H 2 -23.88 10.23 -25.88
N PRO H 3 -24.51 10.42 -27.04
CA PRO H 3 -25.38 9.36 -27.56
C PRO H 3 -24.66 8.04 -27.78
N PHE H 4 -23.40 8.09 -28.23
CA PHE H 4 -22.62 6.86 -28.36
C PHE H 4 -22.46 6.18 -27.01
N LEU H 5 -22.15 6.97 -25.98
CA LEU H 5 -21.95 6.40 -24.64
C LEU H 5 -23.24 5.81 -24.09
N VAL H 6 -24.38 6.49 -24.29
CA VAL H 6 -25.64 5.95 -23.79
C VAL H 6 -26.02 4.69 -24.54
N LEU H 7 -25.75 4.63 -25.84
CA LEU H 7 -26.00 3.40 -26.59
C LEU H 7 -25.14 2.27 -26.08
N LEU H 8 -23.86 2.55 -25.81
CA LEU H 8 -22.96 1.52 -25.28
C LEU H 8 -23.43 1.03 -23.92
N HIS H 9 -23.84 1.95 -23.04
CA HIS H 9 -24.32 1.54 -21.73
C HIS H 9 -25.60 0.72 -21.84
N SER H 10 -26.50 1.12 -22.74
CA SER H 10 -27.75 0.37 -22.91
C SER H 10 -27.48 -1.04 -23.42
N VAL H 11 -26.57 -1.19 -24.38
CA VAL H 11 -26.28 -2.52 -24.89
C VAL H 11 -25.53 -3.35 -23.86
N SER H 12 -24.72 -2.71 -23.01
CA SER H 12 -24.04 -3.45 -21.95
C SER H 12 -24.99 -3.90 -20.86
N SER H 13 -26.04 -3.11 -20.60
CA SER H 13 -26.98 -3.43 -19.52
C SER H 13 -27.86 -4.63 -19.83
N SER H 14 -27.84 -5.14 -21.06
CA SER H 14 -28.72 -6.23 -21.45
C SER H 14 -27.93 -7.46 -21.88
N LEU H 15 -26.90 -7.81 -21.10
CA LEU H 15 -26.06 -8.96 -21.40
C LEU H 15 -26.01 -9.87 -20.18
N SER H 16 -25.78 -11.16 -20.44
CA SER H 16 -25.72 -12.18 -19.39
C SER H 16 -24.27 -12.62 -19.17
N SER H 17 -24.07 -13.37 -18.09
CA SER H 17 -22.74 -13.84 -17.74
C SER H 17 -22.17 -14.76 -18.81
N SER H 18 -22.98 -15.69 -19.31
CA SER H 18 -22.54 -16.55 -20.41
C SER H 18 -22.23 -15.73 -21.65
N GLU H 19 -23.10 -14.78 -21.97
CA GLU H 19 -22.81 -13.86 -23.07
C GLU H 19 -21.55 -13.06 -22.79
N LEU H 20 -21.35 -12.65 -21.53
CA LEU H 20 -20.17 -11.88 -21.18
C LEU H 20 -18.89 -12.67 -21.45
N THR H 21 -18.83 -13.92 -20.98
CA THR H 21 -17.62 -14.71 -21.19
C THR H 21 -17.43 -15.11 -22.65
N GLU H 22 -18.53 -15.38 -23.35
CA GLU H 22 -18.42 -15.67 -24.78
C GLU H 22 -17.87 -14.48 -25.55
N LEU H 23 -18.35 -13.28 -25.21
CA LEU H 23 -17.82 -12.06 -25.83
C LEU H 23 -16.36 -11.85 -25.44
N LYS H 24 -16.01 -12.15 -24.19
CA LYS H 24 -14.62 -12.00 -23.75
C LYS H 24 -13.69 -12.90 -24.55
N GLY H 25 -14.10 -14.15 -24.80
CA GLY H 25 -13.30 -15.01 -25.66
C GLY H 25 -13.24 -14.49 -27.08
N LEU H 26 -14.39 -14.05 -27.62
CA LEU H 26 -14.47 -13.74 -29.04
C LEU H 26 -13.52 -12.62 -29.45
N CYS H 27 -13.11 -11.76 -28.51
CA CYS H 27 -12.18 -10.67 -28.79
C CYS H 27 -10.81 -10.96 -28.18
N LEU H 28 -10.40 -12.22 -28.19
CA LEU H 28 -9.11 -12.59 -27.60
C LEU H 28 -7.93 -12.01 -28.37
N GLY H 29 -8.07 -11.86 -29.69
CA GLY H 29 -6.95 -11.37 -30.48
C GLY H 29 -6.57 -9.94 -30.18
N ARG H 30 -7.56 -9.06 -30.03
CA ARG H 30 -7.26 -7.60 -29.88
C ARG H 30 -6.90 -7.22 -28.43
N VAL H 31 -7.18 -8.08 -27.45
CA VAL H 31 -6.94 -7.75 -26.05
C VAL H 31 -6.06 -8.81 -25.43
N GLY H 32 -5.06 -8.38 -24.67
CA GLY H 32 -4.20 -9.33 -23.98
C GLY H 32 -4.94 -10.07 -22.90
N LYS H 33 -4.37 -11.22 -22.52
CA LYS H 33 -4.99 -12.07 -21.51
C LYS H 33 -5.04 -11.39 -20.15
N ARG H 34 -3.98 -10.64 -19.81
CA ARG H 34 -3.95 -9.98 -18.50
C ARG H 34 -5.09 -8.99 -18.36
N LYS H 35 -5.34 -8.18 -19.40
CA LYS H 35 -6.44 -7.23 -19.33
C LYS H 35 -7.78 -7.94 -19.26
N LEU H 36 -7.96 -9.02 -20.04
CA LEU H 36 -9.20 -9.77 -20.00
C LEU H 36 -9.42 -10.47 -18.66
N GLU H 37 -8.36 -10.69 -17.88
CA GLU H 37 -8.51 -11.31 -16.58
C GLU H 37 -9.34 -10.44 -15.64
N ARG H 38 -9.13 -9.13 -15.69
CA ARG H 38 -9.79 -8.19 -14.78
C ARG H 38 -11.09 -7.63 -15.35
N VAL H 39 -11.55 -8.12 -16.49
CA VAL H 39 -12.79 -7.63 -17.08
C VAL H 39 -13.97 -8.28 -16.38
N GLN H 40 -14.86 -7.46 -15.83
CA GLN H 40 -16.07 -7.95 -15.18
C GLN H 40 -17.35 -7.37 -15.77
N SER H 41 -17.27 -6.33 -16.59
CA SER H 41 -18.43 -5.71 -17.19
C SER H 41 -18.18 -5.47 -18.67
N GLY H 42 -19.27 -5.51 -19.45
CA GLY H 42 -19.14 -5.26 -20.88
C GLY H 42 -18.70 -3.85 -21.21
N LEU H 43 -19.10 -2.88 -20.39
CA LEU H 43 -18.71 -1.49 -20.65
C LEU H 43 -17.20 -1.32 -20.52
N ASP H 44 -16.58 -1.98 -19.54
CA ASP H 44 -15.14 -1.90 -19.39
C ASP H 44 -14.41 -2.47 -20.60
N LEU H 45 -14.88 -3.62 -21.11
CA LEU H 45 -14.27 -4.21 -22.30
C LEU H 45 -14.46 -3.30 -23.51
N PHE H 46 -15.65 -2.69 -23.63
CA PHE H 46 -15.89 -1.78 -24.74
C PHE H 46 -14.97 -0.56 -24.67
N SER H 47 -14.76 -0.02 -23.47
CA SER H 47 -13.83 1.09 -23.31
C SER H 47 -12.40 0.68 -23.64
N MET H 48 -12.01 -0.52 -23.21
CA MET H 48 -10.67 -1.01 -23.54
C MET H 48 -10.48 -1.14 -25.04
N LEU H 49 -11.49 -1.64 -25.75
CA LEU H 49 -11.42 -1.72 -27.20
C LEU H 49 -11.36 -0.33 -27.82
N LEU H 50 -12.17 0.60 -27.30
CA LEU H 50 -12.19 1.96 -27.82
C LEU H 50 -10.84 2.65 -27.61
N GLU H 51 -10.07 2.21 -26.61
CA GLU H 51 -8.76 2.78 -26.39
C GLU H 51 -7.86 2.63 -27.61
N GLN H 52 -7.98 1.52 -28.34
CA GLN H 52 -7.27 1.32 -29.60
C GLN H 52 -8.06 1.83 -30.80
N ASN H 53 -9.12 2.61 -30.55
CA ASN H 53 -9.96 3.25 -31.57
C ASN H 53 -10.47 2.26 -32.63
N ASP H 54 -10.48 0.96 -32.31
CA ASP H 54 -11.12 0.01 -33.21
C ASP H 54 -12.63 0.20 -33.23
N LEU H 55 -13.20 0.59 -32.09
CA LEU H 55 -14.62 0.93 -31.99
C LEU H 55 -14.73 2.44 -31.87
N GLU H 56 -15.39 3.07 -32.85
CA GLU H 56 -15.53 4.51 -32.89
C GLU H 56 -16.91 4.84 -33.45
N PRO H 57 -17.45 6.01 -33.11
CA PRO H 57 -18.75 6.39 -33.69
C PRO H 57 -18.72 6.49 -35.21
N GLY H 58 -17.58 6.86 -35.80
CA GLY H 58 -17.47 6.90 -37.23
C GLY H 58 -17.30 5.56 -37.91
N HIS H 59 -16.94 4.52 -37.16
CA HIS H 59 -16.77 3.18 -37.72
C HIS H 59 -17.12 2.18 -36.63
N THR H 60 -18.35 1.68 -36.66
CA THR H 60 -18.84 0.71 -35.68
C THR H 60 -19.09 -0.66 -36.30
N GLU H 61 -18.47 -0.94 -37.45
CA GLU H 61 -18.70 -2.21 -38.13
C GLU H 61 -18.21 -3.39 -37.29
N LEU H 62 -17.07 -3.21 -36.61
CA LEU H 62 -16.53 -4.30 -35.79
C LEU H 62 -17.50 -4.69 -34.68
N LEU H 63 -18.03 -3.69 -33.96
CA LEU H 63 -19.02 -3.98 -32.94
C LEU H 63 -20.28 -4.59 -33.55
N ARG H 64 -20.67 -4.12 -34.74
CA ARG H 64 -21.86 -4.66 -35.40
C ARG H 64 -21.71 -6.15 -35.66
N GLU H 65 -20.61 -6.55 -36.30
CA GLU H 65 -20.42 -7.97 -36.58
C GLU H 65 -20.19 -8.77 -35.31
N LEU H 66 -19.54 -8.16 -34.30
CA LEU H 66 -19.31 -8.86 -33.05
C LEU H 66 -20.63 -9.18 -32.35
N LEU H 67 -21.58 -8.24 -32.37
CA LEU H 67 -22.90 -8.52 -31.80
C LEU H 67 -23.68 -9.49 -32.68
N ALA H 68 -23.55 -9.37 -34.00
CA ALA H 68 -24.26 -10.27 -34.90
C ALA H 68 -23.83 -11.70 -34.71
N SER H 69 -22.55 -11.92 -34.39
CA SER H 69 -22.07 -13.28 -34.14
C SER H 69 -22.77 -13.91 -32.93
N LEU H 70 -23.29 -13.09 -32.03
CA LEU H 70 -24.01 -13.56 -30.86
C LEU H 70 -25.50 -13.79 -31.14
N ARG H 71 -25.96 -13.48 -32.34
CA ARG H 71 -27.36 -13.65 -32.73
C ARG H 71 -28.28 -12.86 -31.81
N ARG H 72 -28.11 -11.53 -31.83
CA ARG H 72 -28.93 -10.61 -31.07
C ARG H 72 -29.62 -9.67 -32.07
N HIS H 73 -30.92 -9.89 -32.27
CA HIS H 73 -31.65 -9.11 -33.28
C HIS H 73 -31.95 -7.70 -32.79
N ASP H 74 -32.53 -7.58 -31.60
CA ASP H 74 -32.98 -6.28 -31.12
C ASP H 74 -31.81 -5.32 -30.92
N LEU H 75 -30.71 -5.81 -30.33
CA LEU H 75 -29.55 -4.95 -30.13
C LEU H 75 -28.96 -4.50 -31.46
N LEU H 76 -28.86 -5.42 -32.42
CA LEU H 76 -28.30 -5.06 -33.72
C LEU H 76 -29.16 -4.03 -34.44
N ARG H 77 -30.49 -4.19 -34.39
CA ARG H 77 -31.35 -3.23 -35.06
C ARG H 77 -31.34 -1.88 -34.33
N ARG H 78 -31.23 -1.89 -33.01
CA ARG H 78 -31.11 -0.63 -32.27
C ARG H 78 -29.82 0.09 -32.63
N VAL H 79 -28.71 -0.66 -32.75
CA VAL H 79 -27.44 -0.06 -33.16
C VAL H 79 -27.56 0.51 -34.56
N ASP H 80 -28.19 -0.23 -35.48
CA ASP H 80 -28.37 0.27 -36.84
C ASP H 80 -29.25 1.52 -36.87
N ASP H 81 -30.22 1.62 -35.96
CA ASP H 81 -31.05 2.80 -35.86
C ASP H 81 -30.41 3.94 -35.07
N PHE H 82 -29.28 3.68 -34.41
CA PHE H 82 -28.65 4.71 -33.60
C PHE H 82 -28.19 5.89 -34.46
N GLU H 83 -27.49 5.60 -35.56
CA GLU H 83 -26.97 6.67 -36.40
C GLU H 83 -28.06 7.37 -37.22
N ALA H 84 -29.23 6.76 -37.35
CA ALA H 84 -30.33 7.36 -38.08
C ALA H 84 -31.40 7.89 -37.15
N MET I 1 -6.57 -15.66 -36.20
CA MET I 1 -7.39 -15.50 -37.39
C MET I 1 -8.87 -15.38 -37.02
N ASP I 2 -9.48 -14.26 -37.40
CA ASP I 2 -10.87 -14.02 -37.04
C ASP I 2 -11.82 -15.07 -37.62
N PRO I 3 -11.74 -15.45 -38.90
CA PRO I 3 -12.58 -16.57 -39.36
C PRO I 3 -12.32 -17.86 -38.60
N PHE I 4 -11.06 -18.15 -38.29
CA PHE I 4 -10.74 -19.33 -37.50
C PHE I 4 -11.37 -19.25 -36.11
N LEU I 5 -11.28 -18.08 -35.48
CA LEU I 5 -11.84 -17.91 -34.15
C LEU I 5 -13.35 -18.07 -34.16
N VAL I 6 -14.02 -17.49 -35.16
CA VAL I 6 -15.48 -17.61 -35.21
C VAL I 6 -15.89 -19.05 -35.54
N LEU I 7 -15.11 -19.76 -36.37
CA LEU I 7 -15.39 -21.17 -36.60
C LEU I 7 -15.24 -21.98 -35.31
N LEU I 8 -14.19 -21.70 -34.54
CA LEU I 8 -14.00 -22.40 -33.27
C LEU I 8 -15.14 -22.11 -32.31
N HIS I 9 -15.59 -20.86 -32.27
CA HIS I 9 -16.74 -20.49 -31.45
C HIS I 9 -17.99 -21.24 -31.87
N SER I 10 -18.24 -21.33 -33.19
CA SER I 10 -19.40 -22.05 -33.67
C SER I 10 -19.32 -23.53 -33.32
N VAL I 11 -18.13 -24.12 -33.44
CA VAL I 11 -17.95 -25.52 -33.09
C VAL I 11 -18.23 -25.74 -31.61
N SER I 12 -17.69 -24.87 -30.76
CA SER I 12 -17.91 -25.01 -29.32
C SER I 12 -19.35 -24.73 -28.93
N SER I 13 -20.09 -23.97 -29.73
CA SER I 13 -21.47 -23.64 -29.39
C SER I 13 -22.42 -24.80 -29.59
N SER I 14 -22.14 -25.70 -30.54
CA SER I 14 -23.07 -26.76 -30.90
C SER I 14 -22.97 -27.98 -30.00
N LEU I 15 -22.05 -28.01 -29.05
CA LEU I 15 -21.88 -29.17 -28.19
C LEU I 15 -22.85 -29.13 -27.01
N SER I 16 -22.80 -30.17 -26.18
CA SER I 16 -23.66 -30.29 -25.02
C SER I 16 -22.80 -30.65 -23.80
N SER I 17 -23.45 -30.77 -22.64
CA SER I 17 -22.73 -31.06 -21.40
C SER I 17 -22.08 -32.44 -21.44
N SER I 18 -22.80 -33.45 -21.93
CA SER I 18 -22.25 -34.79 -21.99
C SER I 18 -21.06 -34.85 -22.95
N GLU I 19 -21.20 -34.23 -24.12
CA GLU I 19 -20.08 -34.16 -25.06
C GLU I 19 -18.93 -33.36 -24.47
N LEU I 20 -19.24 -32.31 -23.70
CA LEU I 20 -18.19 -31.53 -23.04
C LEU I 20 -17.41 -32.39 -22.06
N THR I 21 -18.11 -33.20 -21.26
CA THR I 21 -17.43 -34.07 -20.31
C THR I 21 -16.60 -35.14 -21.02
N GLU I 22 -17.16 -35.70 -22.10
CA GLU I 22 -16.42 -36.71 -22.86
C GLU I 22 -15.14 -36.12 -23.45
N LEU I 23 -15.23 -34.91 -24.02
CA LEU I 23 -14.04 -34.24 -24.55
C LEU I 23 -13.05 -33.93 -23.44
N LYS I 24 -13.55 -33.49 -22.28
CA LYS I 24 -12.67 -33.18 -21.15
C LYS I 24 -11.89 -34.41 -20.71
N GLY I 25 -12.56 -35.57 -20.66
CA GLY I 25 -11.83 -36.81 -20.38
C GLY I 25 -10.81 -37.10 -21.48
N LEU I 26 -11.24 -36.97 -22.75
CA LEU I 26 -10.40 -37.37 -23.86
C LEU I 26 -9.14 -36.52 -23.98
N CYS I 27 -9.13 -35.33 -23.38
CA CYS I 27 -7.98 -34.44 -23.43
C CYS I 27 -7.12 -34.51 -22.18
N LEU I 28 -7.38 -35.49 -21.30
CA LEU I 28 -6.61 -35.60 -20.07
C LEU I 28 -5.13 -35.89 -20.33
N GLY I 29 -4.84 -36.57 -21.44
CA GLY I 29 -3.45 -36.90 -21.75
C GLY I 29 -2.60 -35.67 -21.97
N ARG I 30 -3.12 -34.69 -22.70
CA ARG I 30 -2.38 -33.46 -22.99
C ARG I 30 -2.60 -32.40 -21.91
N VAL I 31 -3.87 -32.02 -21.70
CA VAL I 31 -4.20 -30.98 -20.73
C VAL I 31 -4.09 -31.54 -19.33
N GLY I 32 -3.55 -30.72 -18.41
CA GLY I 32 -3.46 -31.13 -17.03
C GLY I 32 -4.82 -31.22 -16.36
N LYS I 33 -4.88 -32.06 -15.32
CA LYS I 33 -6.14 -32.26 -14.61
C LYS I 33 -6.60 -30.98 -13.90
N ARG I 34 -5.67 -30.26 -13.29
CA ARG I 34 -6.05 -29.04 -12.58
C ARG I 34 -6.63 -27.99 -13.53
N LYS I 35 -5.98 -27.81 -14.69
CA LYS I 35 -6.50 -26.86 -15.67
C LYS I 35 -7.83 -27.33 -16.25
N LEU I 36 -7.98 -28.64 -16.46
CA LEU I 36 -9.26 -29.18 -16.91
C LEU I 36 -10.36 -28.99 -15.88
N GLU I 37 -10.00 -28.92 -14.60
CA GLU I 37 -11.01 -28.72 -13.55
C GLU I 37 -11.70 -27.37 -13.70
N ARG I 38 -10.93 -26.33 -14.00
CA ARG I 38 -11.46 -24.96 -13.99
C ARG I 38 -12.26 -24.60 -15.23
N VAL I 39 -12.27 -25.44 -16.26
CA VAL I 39 -12.99 -25.10 -17.49
C VAL I 39 -14.48 -25.14 -17.23
N GLN I 40 -15.21 -24.23 -17.89
CA GLN I 40 -16.66 -24.19 -17.79
C GLN I 40 -17.35 -24.45 -19.12
N SER I 41 -16.66 -24.33 -20.24
CA SER I 41 -17.23 -24.59 -21.55
C SER I 41 -16.13 -25.07 -22.48
N GLY I 42 -16.53 -25.70 -23.58
CA GLY I 42 -15.56 -26.17 -24.55
C GLY I 42 -14.76 -25.07 -25.21
N LEU I 43 -15.26 -23.84 -25.17
CA LEU I 43 -14.53 -22.71 -25.74
C LEU I 43 -13.22 -22.48 -24.99
N ASP I 44 -13.26 -22.51 -23.66
CA ASP I 44 -12.05 -22.37 -22.88
C ASP I 44 -11.10 -23.52 -23.14
N LEU I 45 -11.63 -24.73 -23.31
CA LEU I 45 -10.80 -25.87 -23.64
C LEU I 45 -10.10 -25.67 -24.98
N PHE I 46 -10.83 -25.14 -25.98
CA PHE I 46 -10.22 -24.88 -27.28
C PHE I 46 -9.13 -23.82 -27.18
N SER I 47 -9.37 -22.77 -26.39
CA SER I 47 -8.33 -21.76 -26.20
C SER I 47 -7.10 -22.36 -25.53
N MET I 48 -7.31 -23.16 -24.48
CA MET I 48 -6.19 -23.78 -23.80
C MET I 48 -5.42 -24.70 -24.73
N LEU I 49 -6.13 -25.47 -25.56
CA LEU I 49 -5.46 -26.30 -26.55
C LEU I 49 -4.64 -25.46 -27.52
N LEU I 50 -5.18 -24.32 -27.94
CA LEU I 50 -4.40 -23.39 -28.76
C LEU I 50 -3.15 -22.94 -28.02
N GLU I 51 -3.20 -22.88 -26.69
CA GLU I 51 -2.05 -22.40 -25.92
C GLU I 51 -0.83 -23.31 -26.09
N GLN I 52 -1.01 -24.63 -26.01
CA GLN I 52 0.15 -25.52 -26.14
C GLN I 52 0.63 -25.68 -27.57
N ASN I 53 -0.01 -25.01 -28.54
CA ASN I 53 0.38 -25.00 -29.95
C ASN I 53 0.17 -26.34 -30.63
N ASP I 54 -0.29 -27.38 -29.92
CA ASP I 54 -0.59 -28.64 -30.59
C ASP I 54 -1.76 -28.49 -31.54
N LEU I 55 -2.64 -27.53 -31.29
CA LEU I 55 -3.72 -27.17 -32.20
C LEU I 55 -3.47 -25.76 -32.71
N GLU I 56 -3.44 -25.60 -34.03
CA GLU I 56 -3.16 -24.30 -34.65
C GLU I 56 -4.19 -24.04 -35.74
N PRO I 57 -4.46 -22.76 -36.04
CA PRO I 57 -5.42 -22.47 -37.11
C PRO I 57 -5.03 -23.02 -38.46
N GLY I 58 -3.73 -23.03 -38.79
CA GLY I 58 -3.31 -23.56 -40.07
C GLY I 58 -3.53 -25.06 -40.20
N HIS I 59 -3.27 -25.80 -39.14
CA HIS I 59 -3.37 -27.26 -39.15
C HIS I 59 -4.22 -27.70 -37.97
N THR I 60 -5.39 -28.26 -38.27
CA THR I 60 -6.36 -28.65 -37.25
C THR I 60 -6.61 -30.17 -37.28
N GLU I 61 -5.55 -30.95 -37.45
CA GLU I 61 -5.71 -32.40 -37.51
C GLU I 61 -6.22 -32.96 -36.19
N LEU I 62 -5.75 -32.42 -35.06
CA LEU I 62 -6.23 -32.87 -33.76
C LEU I 62 -7.71 -32.56 -33.59
N LEU I 63 -8.15 -31.39 -34.06
CA LEU I 63 -9.57 -31.06 -34.01
C LEU I 63 -10.39 -32.04 -34.84
N ARG I 64 -9.92 -32.37 -36.04
CA ARG I 64 -10.62 -33.35 -36.87
C ARG I 64 -10.70 -34.70 -36.17
N GLU I 65 -9.60 -35.14 -35.56
CA GLU I 65 -9.61 -36.43 -34.86
C GLU I 65 -10.59 -36.41 -33.70
N LEU I 66 -10.59 -35.33 -32.90
CA LEU I 66 -11.50 -35.24 -31.77
C LEU I 66 -12.96 -35.24 -32.22
N LEU I 67 -13.26 -34.49 -33.29
CA LEU I 67 -14.64 -34.44 -33.78
C LEU I 67 -15.08 -35.77 -34.36
N ALA I 68 -14.19 -36.46 -35.07
CA ALA I 68 -14.53 -37.77 -35.61
C ALA I 68 -14.73 -38.79 -34.50
N SER I 69 -13.98 -38.63 -33.40
CA SER I 69 -14.14 -39.54 -32.27
C SER I 69 -15.53 -39.44 -31.66
N LEU I 70 -16.08 -38.23 -31.58
CA LEU I 70 -17.39 -38.02 -31.00
C LEU I 70 -18.54 -38.40 -31.94
N ARG I 71 -18.24 -38.97 -33.10
CA ARG I 71 -19.26 -39.37 -34.08
C ARG I 71 -20.14 -38.18 -34.47
N ARG I 72 -19.52 -37.03 -34.71
CA ARG I 72 -20.22 -35.83 -35.16
C ARG I 72 -19.64 -35.47 -36.52
N HIS I 73 -20.20 -36.06 -37.58
CA HIS I 73 -19.67 -35.84 -38.91
C HIS I 73 -20.06 -34.47 -39.46
N ASP I 74 -21.15 -33.87 -38.95
CA ASP I 74 -21.56 -32.57 -39.43
C ASP I 74 -20.54 -31.49 -39.08
N LEU I 75 -20.00 -31.53 -37.87
CA LEU I 75 -19.01 -30.52 -37.47
C LEU I 75 -17.69 -30.72 -38.22
N LEU I 76 -17.30 -31.98 -38.44
CA LEU I 76 -16.13 -32.24 -39.27
C LEU I 76 -16.33 -31.74 -40.68
N ARG I 77 -17.54 -31.90 -41.22
CA ARG I 77 -17.87 -31.37 -42.54
C ARG I 77 -17.76 -29.85 -42.55
N ARG I 78 -18.24 -29.20 -41.49
CA ARG I 78 -18.09 -27.75 -41.39
C ARG I 78 -16.61 -27.35 -41.38
N VAL I 79 -15.79 -28.10 -40.63
CA VAL I 79 -14.37 -27.78 -40.55
C VAL I 79 -13.71 -27.90 -41.92
N ASP I 80 -13.97 -29.00 -42.62
CA ASP I 80 -13.33 -29.18 -43.91
C ASP I 80 -13.90 -28.25 -44.98
N ASP I 81 -15.15 -27.81 -44.82
CA ASP I 81 -15.68 -26.77 -45.70
C ASP I 81 -14.96 -25.45 -45.45
N PHE I 82 -14.66 -25.14 -44.18
CA PHE I 82 -13.84 -23.97 -43.89
C PHE I 82 -12.45 -24.10 -44.51
N GLU I 83 -11.88 -25.30 -44.44
CA GLU I 83 -10.56 -25.51 -45.03
C GLU I 83 -10.58 -25.28 -46.54
N ALA I 84 -11.63 -25.75 -47.21
CA ALA I 84 -11.77 -25.57 -48.65
C ALA I 84 -12.38 -24.20 -48.96
N MET J 1 -1.48 -45.01 -24.44
CA MET J 1 -1.35 -43.74 -25.15
C MET J 1 -2.64 -43.39 -25.88
N ASP J 2 -2.50 -42.69 -27.01
CA ASP J 2 -3.67 -42.31 -27.80
C ASP J 2 -4.47 -43.51 -28.29
N PRO J 3 -3.86 -44.55 -28.89
CA PRO J 3 -4.67 -45.74 -29.23
C PRO J 3 -5.32 -46.39 -28.02
N PHE J 4 -4.61 -46.45 -26.88
CA PHE J 4 -5.20 -47.02 -25.68
C PHE J 4 -6.39 -46.19 -25.20
N LEU J 5 -6.24 -44.87 -25.19
CA LEU J 5 -7.34 -44.00 -24.75
C LEU J 5 -8.53 -44.11 -25.68
N VAL J 6 -8.30 -44.15 -27.00
CA VAL J 6 -9.43 -44.22 -27.92
C VAL J 6 -10.11 -45.58 -27.83
N LEU J 7 -9.34 -46.65 -27.61
CA LEU J 7 -9.95 -47.96 -27.39
C LEU J 7 -10.78 -47.96 -26.13
N LEU J 8 -10.27 -47.36 -25.05
CA LEU J 8 -11.02 -47.29 -23.80
C LEU J 8 -12.31 -46.51 -23.99
N HIS J 9 -12.25 -45.38 -24.69
CA HIS J 9 -13.45 -44.60 -24.95
C HIS J 9 -14.46 -45.38 -25.79
N SER J 10 -13.98 -46.08 -26.82
CA SER J 10 -14.88 -46.86 -27.66
C SER J 10 -15.54 -47.98 -26.89
N VAL J 11 -14.79 -48.68 -26.04
CA VAL J 11 -15.38 -49.78 -25.28
C VAL J 11 -16.31 -49.25 -24.20
N SER J 12 -16.06 -48.05 -23.69
CA SER J 12 -16.96 -47.47 -22.70
C SER J 12 -18.23 -46.94 -23.35
N SER J 13 -18.16 -46.54 -24.62
CA SER J 13 -19.33 -46.00 -25.29
C SER J 13 -20.42 -47.06 -25.45
N SER J 14 -20.01 -48.31 -25.69
CA SER J 14 -20.97 -49.39 -25.87
C SER J 14 -21.69 -49.79 -24.59
N LEU J 15 -21.25 -49.28 -23.44
CA LEU J 15 -21.89 -49.64 -22.17
C LEU J 15 -23.30 -49.08 -22.10
N SER J 16 -24.14 -49.77 -21.33
CA SER J 16 -25.52 -49.37 -21.11
C SER J 16 -25.75 -49.06 -19.63
N SER J 17 -26.93 -48.52 -19.34
CA SER J 17 -27.25 -48.15 -17.96
C SER J 17 -27.25 -49.36 -17.05
N SER J 18 -27.90 -50.45 -17.48
CA SER J 18 -27.86 -51.68 -16.70
C SER J 18 -26.45 -52.24 -16.59
N GLU J 19 -25.71 -52.21 -17.70
CA GLU J 19 -24.32 -52.64 -17.67
C GLU J 19 -23.50 -51.75 -16.76
N LEU J 20 -23.75 -50.44 -16.78
CA LEU J 20 -23.04 -49.53 -15.89
C LEU J 20 -23.32 -49.85 -14.43
N THR J 21 -24.58 -50.11 -14.09
CA THR J 21 -24.92 -50.44 -12.71
C THR J 21 -24.29 -51.76 -12.29
N GLU J 22 -24.29 -52.76 -13.18
CA GLU J 22 -23.67 -54.04 -12.86
C GLU J 22 -22.17 -53.87 -12.65
N LEU J 23 -21.51 -53.08 -13.50
CA LEU J 23 -20.08 -52.86 -13.35
C LEU J 23 -19.78 -52.11 -12.06
N LYS J 24 -20.61 -51.13 -11.70
CA LYS J 24 -20.43 -50.42 -10.43
C LYS J 24 -20.58 -51.37 -9.25
N GLY J 25 -21.59 -52.25 -9.29
CA GLY J 25 -21.77 -53.21 -8.21
C GLY J 25 -20.58 -54.15 -8.10
N LEU J 26 -20.05 -54.60 -9.25
CA LEU J 26 -18.88 -55.47 -9.23
C LEU J 26 -17.65 -54.74 -8.70
N CYS J 27 -17.46 -53.48 -9.09
CA CYS J 27 -16.29 -52.70 -8.71
C CYS J 27 -16.41 -52.11 -7.31
N LEU J 28 -17.56 -52.23 -6.66
CA LEU J 28 -17.74 -51.70 -5.31
C LEU J 28 -16.66 -52.20 -4.35
N GLY J 29 -16.19 -53.44 -4.54
CA GLY J 29 -15.12 -53.95 -3.69
C GLY J 29 -13.76 -53.36 -3.97
N ARG J 30 -13.53 -52.85 -5.18
CA ARG J 30 -12.21 -52.34 -5.55
C ARG J 30 -11.93 -51.00 -4.88
N VAL J 31 -12.90 -50.09 -4.90
CA VAL J 31 -12.73 -48.74 -4.42
C VAL J 31 -13.89 -48.38 -3.50
N GLY J 32 -13.81 -47.18 -2.90
CA GLY J 32 -14.80 -46.77 -1.94
C GLY J 32 -16.13 -46.43 -2.59
N LYS J 33 -17.17 -46.40 -1.74
CA LYS J 33 -18.51 -46.07 -2.22
C LYS J 33 -18.59 -44.64 -2.73
N ARG J 34 -17.96 -43.70 -2.03
CA ARG J 34 -18.06 -42.29 -2.42
C ARG J 34 -17.46 -42.05 -3.80
N LYS J 35 -16.30 -42.67 -4.08
CA LYS J 35 -15.68 -42.52 -5.39
C LYS J 35 -16.51 -43.15 -6.50
N LEU J 36 -17.38 -44.11 -6.17
CA LEU J 36 -18.22 -44.77 -7.14
C LEU J 36 -19.64 -44.22 -7.18
N GLU J 37 -19.90 -43.18 -6.37
CA GLU J 37 -21.28 -42.62 -6.28
C GLU J 37 -21.45 -41.49 -7.29
N ARG J 38 -20.32 -40.86 -7.71
CA ARG J 38 -20.44 -39.74 -8.65
C ARG J 38 -20.25 -40.15 -10.10
N VAL J 39 -19.77 -41.38 -10.33
CA VAL J 39 -19.46 -41.83 -11.72
C VAL J 39 -20.77 -42.02 -12.51
N GLN J 40 -20.88 -41.37 -13.67
CA GLN J 40 -22.05 -41.51 -14.51
C GLN J 40 -21.83 -42.37 -15.74
N SER J 41 -20.60 -42.81 -16.00
CA SER J 41 -20.32 -43.63 -17.16
C SER J 41 -19.10 -44.50 -16.88
N GLY J 42 -18.97 -45.57 -17.65
CA GLY J 42 -17.78 -46.39 -17.56
C GLY J 42 -16.52 -45.67 -17.96
N LEU J 43 -16.64 -44.62 -18.76
CA LEU J 43 -15.49 -43.79 -19.11
C LEU J 43 -14.85 -43.19 -17.87
N ASP J 44 -15.64 -42.53 -17.04
CA ASP J 44 -15.12 -41.95 -15.81
C ASP J 44 -14.70 -43.03 -14.82
N LEU J 45 -15.36 -44.20 -14.86
CA LEU J 45 -14.94 -45.30 -14.01
C LEU J 45 -13.53 -45.76 -14.37
N PHE J 46 -13.24 -45.90 -15.67
CA PHE J 46 -11.89 -46.25 -16.09
C PHE J 46 -10.90 -45.15 -15.75
N SER J 47 -11.32 -43.89 -15.89
CA SER J 47 -10.46 -42.78 -15.48
C SER J 47 -10.10 -42.88 -14.00
N MET J 48 -11.09 -43.18 -13.15
CA MET J 48 -10.83 -43.35 -11.73
C MET J 48 -9.90 -44.54 -11.48
N LEU J 49 -10.14 -45.66 -12.17
CA LEU J 49 -9.31 -46.84 -11.99
C LEU J 49 -7.86 -46.58 -12.38
N LEU J 50 -7.65 -45.70 -13.38
CA LEU J 50 -6.28 -45.37 -13.78
C LEU J 50 -5.48 -44.75 -12.65
N GLU J 51 -6.16 -44.11 -11.70
CA GLU J 51 -5.47 -43.47 -10.58
C GLU J 51 -4.80 -44.50 -9.67
N GLN J 52 -5.48 -45.62 -9.39
CA GLN J 52 -4.95 -46.62 -8.48
C GLN J 52 -3.95 -47.56 -9.13
N ASN J 53 -3.63 -47.37 -10.40
CA ASN J 53 -2.63 -48.15 -11.13
C ASN J 53 -3.03 -49.61 -11.29
N ASP J 54 -4.29 -49.96 -11.04
CA ASP J 54 -4.74 -51.33 -11.29
C ASP J 54 -4.93 -51.60 -12.78
N LEU J 55 -5.24 -50.55 -13.55
CA LEU J 55 -5.46 -50.66 -14.99
C LEU J 55 -4.41 -49.83 -15.71
N GLU J 56 -3.67 -50.46 -16.61
CA GLU J 56 -2.68 -49.77 -17.44
C GLU J 56 -2.72 -50.40 -18.83
N PRO J 57 -2.33 -49.65 -19.86
CA PRO J 57 -2.30 -50.25 -21.21
C PRO J 57 -1.39 -51.45 -21.32
N GLY J 58 -0.27 -51.46 -20.60
CA GLY J 58 0.62 -52.61 -20.64
C GLY J 58 0.01 -53.85 -20.03
N HIS J 59 -0.67 -53.70 -18.90
CA HIS J 59 -1.26 -54.81 -18.16
C HIS J 59 -2.76 -54.56 -18.03
N THR J 60 -3.56 -55.22 -18.88
CA THR J 60 -5.00 -55.03 -18.90
C THR J 60 -5.75 -56.27 -18.40
N GLU J 61 -5.11 -57.10 -17.58
CA GLU J 61 -5.75 -58.33 -17.13
C GLU J 61 -7.01 -58.04 -16.32
N LEU J 62 -6.95 -57.06 -15.42
CA LEU J 62 -8.13 -56.71 -14.64
C LEU J 62 -9.26 -56.21 -15.53
N LEU J 63 -8.92 -55.42 -16.56
CA LEU J 63 -9.95 -54.89 -17.45
C LEU J 63 -10.69 -56.01 -18.18
N ARG J 64 -9.94 -56.97 -18.73
CA ARG J 64 -10.59 -58.06 -19.45
C ARG J 64 -11.33 -58.99 -18.49
N GLU J 65 -10.82 -59.17 -17.27
CA GLU J 65 -11.55 -59.96 -16.28
C GLU J 65 -12.90 -59.31 -15.96
N LEU J 66 -12.90 -58.00 -15.73
CA LEU J 66 -14.15 -57.31 -15.45
C LEU J 66 -15.09 -57.37 -16.65
N LEU J 67 -14.56 -57.22 -17.86
CA LEU J 67 -15.40 -57.27 -19.05
C LEU J 67 -16.01 -58.66 -19.24
N ALA J 68 -15.22 -59.71 -19.04
CA ALA J 68 -15.74 -61.07 -19.14
C ALA J 68 -16.72 -61.40 -18.03
N SER J 69 -16.60 -60.72 -16.87
CA SER J 69 -17.59 -60.91 -15.82
C SER J 69 -18.98 -60.48 -16.27
N LEU J 70 -19.06 -59.51 -17.19
CA LEU J 70 -20.34 -59.09 -17.74
C LEU J 70 -20.73 -59.86 -18.99
N ARG J 71 -19.88 -60.79 -19.45
CA ARG J 71 -20.19 -61.66 -20.58
C ARG J 71 -20.42 -60.87 -21.86
N ARG J 72 -19.44 -60.05 -22.23
CA ARG J 72 -19.46 -59.28 -23.48
C ARG J 72 -18.23 -59.70 -24.28
N HIS J 73 -18.40 -60.74 -25.10
CA HIS J 73 -17.28 -61.28 -25.86
C HIS J 73 -16.82 -60.31 -26.95
N ASP J 74 -17.70 -59.42 -27.41
CA ASP J 74 -17.31 -58.45 -28.43
C ASP J 74 -16.23 -57.51 -27.89
N LEU J 75 -16.38 -57.03 -26.65
CA LEU J 75 -15.35 -56.18 -26.07
C LEU J 75 -14.07 -56.95 -25.83
N LEU J 76 -14.18 -58.24 -25.46
CA LEU J 76 -12.99 -59.06 -25.27
C LEU J 76 -12.22 -59.20 -26.58
N ARG J 77 -12.91 -59.48 -27.68
CA ARG J 77 -12.22 -59.60 -28.96
C ARG J 77 -11.69 -58.25 -29.42
N ARG J 78 -12.37 -57.16 -29.08
CA ARG J 78 -11.88 -55.83 -29.44
C ARG J 78 -10.56 -55.53 -28.73
N VAL J 79 -10.50 -55.78 -27.41
CA VAL J 79 -9.26 -55.53 -26.68
C VAL J 79 -8.17 -56.50 -27.12
N ASP J 80 -8.52 -57.73 -27.46
CA ASP J 80 -7.54 -58.67 -27.99
C ASP J 80 -6.98 -58.19 -29.31
N ASP J 81 -7.83 -57.64 -30.18
CA ASP J 81 -7.36 -57.07 -31.44
C ASP J 81 -6.44 -55.88 -31.19
N PHE J 82 -6.78 -55.05 -30.20
CA PHE J 82 -5.91 -53.93 -29.86
C PHE J 82 -4.54 -54.41 -29.42
N GLU J 83 -4.49 -55.33 -28.45
CA GLU J 83 -3.22 -55.80 -27.93
C GLU J 83 -2.55 -56.82 -28.83
N ALA J 84 -3.27 -57.37 -29.81
CA ALA J 84 -2.70 -58.35 -30.72
C ALA J 84 -3.42 -58.32 -32.07
N MET K 1 20.65 57.63 -8.88
CA MET K 1 20.71 59.07 -9.10
C MET K 1 21.08 59.80 -7.82
N SER K 2 20.21 59.72 -6.82
CA SER K 2 20.42 60.34 -5.53
C SER K 2 20.87 59.30 -4.50
N ALA K 3 20.95 59.70 -3.24
CA ALA K 3 21.31 58.79 -2.17
C ALA K 3 20.12 58.04 -1.59
N GLU K 4 18.92 58.61 -1.68
CA GLU K 4 17.73 57.94 -1.16
C GLU K 4 17.30 56.77 -2.06
N VAL K 5 17.43 56.93 -3.38
CA VAL K 5 17.09 55.83 -4.29
C VAL K 5 18.04 54.65 -4.09
N ILE K 6 19.31 54.93 -3.77
CA ILE K 6 20.25 53.86 -3.48
C ILE K 6 19.80 53.07 -2.25
N HIS K 7 19.39 53.79 -1.20
CA HIS K 7 18.89 53.12 0.00
C HIS K 7 17.63 52.32 -0.30
N GLN K 8 16.71 52.88 -1.10
CA GLN K 8 15.49 52.16 -1.44
C GLN K 8 15.79 50.88 -2.20
N VAL K 9 16.74 50.94 -3.15
CA VAL K 9 17.12 49.74 -3.88
C VAL K 9 17.77 48.72 -2.96
N GLU K 10 18.62 49.20 -2.04
CA GLU K 10 19.33 48.29 -1.13
C GLU K 10 18.36 47.57 -0.21
N GLU K 11 17.37 48.28 0.34
CA GLU K 11 16.43 47.66 1.25
C GLU K 11 15.41 46.77 0.54
N ALA K 12 15.23 46.94 -0.76
CA ALA K 12 14.28 46.13 -1.53
C ALA K 12 14.93 44.91 -2.16
N LEU K 13 16.22 44.70 -1.94
CA LEU K 13 16.93 43.54 -2.49
C LEU K 13 17.36 42.63 -1.35
N ASP K 14 17.09 41.34 -1.52
CA ASP K 14 17.44 40.35 -0.51
C ASP K 14 18.86 39.83 -0.72
N THR K 15 19.36 39.15 0.32
CA THR K 15 20.72 38.61 0.25
C THR K 15 20.85 37.48 -0.76
N ASP K 16 19.72 36.87 -1.17
CA ASP K 16 19.79 35.81 -2.17
C ASP K 16 20.31 36.32 -3.50
N GLU K 17 19.86 37.50 -3.92
CA GLU K 17 20.32 38.11 -5.16
C GLU K 17 21.50 39.05 -4.96
N LYS K 18 21.91 39.29 -3.71
CA LYS K 18 23.10 40.11 -3.48
C LYS K 18 24.35 39.44 -4.05
N GLU K 19 24.48 38.12 -3.88
CA GLU K 19 25.59 37.40 -4.48
C GLU K 19 25.53 37.45 -6.00
N MET K 20 24.32 37.35 -6.57
CA MET K 20 24.18 37.45 -8.01
C MET K 20 24.64 38.82 -8.51
N LEU K 21 24.25 39.89 -7.82
CA LEU K 21 24.68 41.23 -8.21
C LEU K 21 26.18 41.39 -8.08
N LEU K 22 26.76 40.86 -7.00
CA LEU K 22 28.21 40.93 -6.82
C LEU K 22 28.94 40.21 -7.95
N PHE K 23 28.44 39.03 -8.35
CA PHE K 23 29.05 38.33 -9.47
C PHE K 23 28.86 39.08 -10.78
N LEU K 24 27.70 39.71 -10.97
CA LEU K 24 27.42 40.46 -12.18
C LEU K 24 28.14 41.79 -12.24
N CYS K 25 28.75 42.23 -11.15
CA CYS K 25 29.51 43.48 -11.10
C CYS K 25 30.99 43.18 -10.88
N ARG K 26 31.52 42.17 -11.57
CA ARG K 26 32.91 41.79 -11.38
C ARG K 26 33.83 42.53 -12.35
N ASP K 27 33.43 42.60 -13.63
CA ASP K 27 34.29 43.21 -14.64
C ASP K 27 34.51 44.69 -14.38
N VAL K 28 33.44 45.42 -14.05
CA VAL K 28 33.56 46.86 -13.86
C VAL K 28 34.37 47.17 -12.60
N ALA K 29 34.11 46.45 -11.51
CA ALA K 29 34.76 46.70 -10.23
C ALA K 29 36.14 46.06 -10.24
N ILE K 30 37.18 46.87 -10.11
CA ILE K 30 38.55 46.38 -10.13
C ILE K 30 39.36 46.81 -8.92
N ASP K 31 38.97 47.89 -8.23
CA ASP K 31 39.78 48.38 -7.11
C ASP K 31 39.69 47.45 -5.90
N VAL K 32 38.48 47.30 -5.34
CA VAL K 32 38.26 46.47 -4.17
C VAL K 32 36.96 45.69 -4.35
N VAL K 33 36.75 44.72 -3.47
CA VAL K 33 35.53 43.92 -3.44
C VAL K 33 34.74 44.31 -2.19
N PRO K 34 33.60 44.97 -2.32
CA PRO K 34 32.81 45.36 -1.16
C PRO K 34 31.94 44.20 -0.69
N PRO K 35 31.89 43.96 0.62
CA PRO K 35 31.06 42.84 1.11
C PRO K 35 29.58 43.00 0.80
N ASN K 36 29.06 44.21 0.79
CA ASN K 36 27.63 44.45 0.60
C ASN K 36 27.38 45.25 -0.66
N VAL K 37 26.14 45.15 -1.17
CA VAL K 37 25.76 45.84 -2.38
C VAL K 37 25.73 47.35 -2.19
N ARG K 38 25.40 47.82 -0.99
CA ARG K 38 25.32 49.26 -0.75
C ARG K 38 26.67 49.93 -0.98
N ASP K 39 27.75 49.34 -0.45
CA ASP K 39 29.08 49.88 -0.67
C ASP K 39 29.45 49.82 -2.15
N LEU K 40 29.05 48.76 -2.84
CA LEU K 40 29.33 48.67 -4.28
C LEU K 40 28.66 49.80 -5.04
N LEU K 41 27.38 50.06 -4.74
CA LEU K 41 26.67 51.14 -5.41
C LEU K 41 27.29 52.49 -5.09
N ASP K 42 27.71 52.68 -3.83
CA ASP K 42 28.38 53.93 -3.47
C ASP K 42 29.69 54.10 -4.23
N ILE K 43 30.45 53.01 -4.38
CA ILE K 43 31.72 53.08 -5.10
C ILE K 43 31.49 53.42 -6.57
N LEU K 44 30.50 52.78 -7.19
CA LEU K 44 30.20 53.07 -8.59
C LEU K 44 29.70 54.50 -8.77
N ARG K 45 28.90 55.00 -7.82
CA ARG K 45 28.47 56.39 -7.90
C ARG K 45 29.65 57.35 -7.76
N GLU K 46 30.58 57.04 -6.85
CA GLU K 46 31.77 57.87 -6.70
C GLU K 46 32.62 57.86 -7.96
N ARG K 47 32.75 56.70 -8.59
CA ARG K 47 33.55 56.56 -9.81
C ARG K 47 32.93 57.31 -10.99
N GLY K 48 31.63 57.59 -10.95
CA GLY K 48 30.97 58.31 -12.02
C GLY K 48 30.45 57.45 -13.15
N LYS K 49 30.65 56.14 -13.10
CA LYS K 49 30.16 55.24 -14.13
C LYS K 49 28.74 54.77 -13.87
N LEU K 50 28.13 55.18 -12.76
CA LEU K 50 26.77 54.79 -12.40
C LEU K 50 25.83 55.95 -12.65
N SER K 51 24.76 55.70 -13.40
CA SER K 51 23.76 56.71 -13.73
C SER K 51 22.37 56.14 -13.47
N VAL K 52 21.38 57.02 -13.51
CA VAL K 52 20.00 56.61 -13.27
C VAL K 52 19.52 55.72 -14.42
N GLY K 53 19.94 56.01 -15.65
CA GLY K 53 19.53 55.20 -16.78
C GLY K 53 20.28 53.89 -16.92
N ASP K 54 21.54 53.86 -16.48
CA ASP K 54 22.33 52.65 -16.61
C ASP K 54 21.93 51.59 -15.60
N LEU K 55 21.61 52.00 -14.36
CA LEU K 55 21.27 51.05 -13.30
C LEU K 55 20.10 50.16 -13.69
N ALA K 56 19.16 50.65 -14.50
CA ALA K 56 18.05 49.83 -14.95
C ALA K 56 18.52 48.55 -15.61
N GLU K 57 19.61 48.62 -16.38
CA GLU K 57 20.17 47.41 -16.97
C GLU K 57 20.47 46.36 -15.90
N LEU K 58 21.10 46.77 -14.81
CA LEU K 58 21.36 45.85 -13.71
C LEU K 58 20.07 45.21 -13.23
N LEU K 59 19.00 46.00 -13.12
CA LEU K 59 17.71 45.43 -12.74
C LEU K 59 17.26 44.38 -13.74
N TYR K 60 17.40 44.68 -15.04
CA TYR K 60 17.02 43.69 -16.04
C TYR K 60 17.93 42.48 -15.98
N ARG K 61 19.12 42.63 -15.39
CA ARG K 61 20.02 41.50 -15.24
C ARG K 61 19.79 40.75 -13.94
N VAL K 62 18.97 41.31 -13.03
CA VAL K 62 18.66 40.63 -11.77
C VAL K 62 17.22 40.14 -11.73
N ARG K 63 16.42 40.45 -12.74
CA ARG K 63 15.02 40.03 -12.82
C ARG K 63 14.22 40.55 -11.63
N ARG K 64 14.18 41.88 -11.52
CA ARG K 64 13.45 42.60 -10.48
C ARG K 64 12.63 43.73 -11.11
N PHE K 65 11.85 43.37 -12.14
CA PHE K 65 11.20 44.36 -12.99
C PHE K 65 10.20 45.22 -12.24
N ASP K 66 9.79 44.83 -11.02
CA ASP K 66 8.84 45.64 -10.27
C ASP K 66 9.43 47.01 -9.94
N LEU K 67 10.71 47.05 -9.57
CA LEU K 67 11.36 48.32 -9.26
C LEU K 67 11.49 49.22 -10.48
N LEU K 68 11.49 48.65 -11.68
CA LEU K 68 11.56 49.47 -12.89
C LEU K 68 10.33 50.36 -13.01
N LYS K 69 9.14 49.80 -12.80
CA LYS K 69 7.93 50.61 -12.85
C LYS K 69 7.72 51.40 -11.57
N ARG K 70 8.13 50.85 -10.42
CA ARG K 70 7.91 51.53 -9.15
C ARG K 70 8.81 52.75 -9.01
N ILE K 71 10.04 52.68 -9.51
CA ILE K 71 11.02 53.75 -9.35
C ILE K 71 11.36 54.41 -10.69
N LEU K 72 11.88 53.64 -11.64
CA LEU K 72 12.29 54.21 -12.92
C LEU K 72 11.12 54.50 -13.85
N LYS K 73 9.94 53.96 -13.56
CA LYS K 73 8.75 54.15 -14.40
C LYS K 73 9.02 53.74 -15.85
N MET K 74 9.71 52.60 -16.02
CA MET K 74 10.04 52.09 -17.34
C MET K 74 9.63 50.63 -17.43
N ASP K 75 9.27 50.22 -18.64
CA ASP K 75 8.85 48.85 -18.93
C ASP K 75 9.98 48.12 -19.67
N ARG K 76 9.69 46.89 -20.11
CA ARG K 76 10.68 46.12 -20.83
C ARG K 76 11.02 46.76 -22.18
N LYS K 77 10.06 47.47 -22.78
CA LYS K 77 10.32 48.13 -24.06
C LYS K 77 11.37 49.21 -23.92
N ALA K 78 11.28 50.02 -22.86
CA ALA K 78 12.24 51.10 -22.67
C ALA K 78 13.65 50.58 -22.45
N VAL K 79 13.79 49.57 -21.58
CA VAL K 79 15.12 49.01 -21.33
C VAL K 79 15.64 48.28 -22.57
N GLU K 80 14.77 47.63 -23.34
CA GLU K 80 15.21 47.00 -24.58
C GLU K 80 15.73 48.02 -25.57
N THR K 81 15.01 49.13 -25.74
CA THR K 81 15.47 50.17 -26.66
C THR K 81 16.78 50.78 -26.18
N HIS K 82 16.90 51.03 -24.87
CA HIS K 82 18.14 51.60 -24.34
C HIS K 82 19.31 50.66 -24.54
N LEU K 83 19.10 49.35 -24.31
CA LEU K 83 20.16 48.38 -24.53
C LEU K 83 20.54 48.32 -26.01
N LEU K 84 19.54 48.40 -26.90
CA LEU K 84 19.83 48.37 -28.32
C LEU K 84 20.64 49.58 -28.78
N ARG K 85 20.30 50.76 -28.28
CA ARG K 85 20.93 52.00 -28.74
C ARG K 85 22.09 52.45 -27.86
N ASN K 86 22.47 51.69 -26.85
CA ASN K 86 23.59 52.05 -26.00
C ASN K 86 24.49 50.84 -25.78
N PRO K 87 25.77 51.06 -25.51
CA PRO K 87 26.68 49.94 -25.24
C PRO K 87 26.28 49.19 -23.97
N HIS K 88 26.58 47.89 -23.96
CA HIS K 88 26.24 47.05 -22.82
C HIS K 88 27.29 47.19 -21.72
N LEU K 89 26.81 47.39 -20.48
CA LEU K 89 27.73 47.56 -19.37
C LEU K 89 28.42 46.26 -18.99
N VAL K 90 27.69 45.14 -19.07
CA VAL K 90 28.20 43.85 -18.62
C VAL K 90 28.38 42.93 -19.82
N SER K 91 29.44 42.13 -19.77
CA SER K 91 29.75 41.20 -20.85
C SER K 91 28.76 40.04 -20.84
N ASP K 92 28.63 39.39 -22.01
CA ASP K 92 27.70 38.27 -22.14
C ASP K 92 28.13 37.05 -21.33
N TYR K 93 29.41 36.94 -20.98
CA TYR K 93 29.86 35.83 -20.16
C TYR K 93 29.21 35.86 -18.77
N ARG K 94 29.16 37.05 -18.15
CA ARG K 94 28.61 37.16 -16.81
C ARG K 94 27.12 36.85 -16.81
N VAL K 95 26.38 37.36 -17.79
CA VAL K 95 24.95 37.06 -17.87
C VAL K 95 24.70 35.60 -18.23
N LEU K 96 25.57 34.99 -19.03
CA LEU K 96 25.41 33.58 -19.35
C LEU K 96 25.61 32.71 -18.11
N MET K 97 26.59 33.04 -17.28
CA MET K 97 26.78 32.29 -16.05
C MET K 97 25.57 32.40 -15.13
N ALA K 98 25.02 33.60 -15.00
CA ALA K 98 23.82 33.78 -14.18
C ALA K 98 22.64 33.03 -14.75
N GLU K 99 22.47 33.04 -16.08
CA GLU K 99 21.39 32.29 -16.70
C GLU K 99 21.53 30.79 -16.46
N ILE K 100 22.76 30.28 -16.53
CA ILE K 100 22.98 28.87 -16.25
C ILE K 100 22.65 28.56 -14.79
N GLY K 101 23.10 29.42 -13.87
CA GLY K 101 22.79 29.22 -12.47
C GLY K 101 21.32 29.31 -12.14
N GLU K 102 20.56 30.07 -12.92
CA GLU K 102 19.12 30.20 -12.70
C GLU K 102 18.34 28.93 -13.01
N ASP K 103 18.96 27.94 -13.64
CA ASP K 103 18.26 26.74 -14.07
C ASP K 103 18.80 25.46 -13.42
N LEU K 104 19.54 25.57 -12.33
CA LEU K 104 20.08 24.42 -11.61
C LEU K 104 19.55 24.44 -10.18
N ASP K 105 19.20 23.26 -9.67
CA ASP K 105 18.67 23.12 -8.33
C ASP K 105 19.73 22.52 -7.40
N LYS K 106 19.32 22.26 -6.15
CA LYS K 106 20.26 21.77 -5.14
C LYS K 106 20.85 20.41 -5.53
N SER K 107 20.00 19.51 -6.04
CA SER K 107 20.46 18.16 -6.36
C SER K 107 21.53 18.16 -7.45
N ASP K 108 21.62 19.22 -8.24
CA ASP K 108 22.65 19.32 -9.28
C ASP K 108 23.91 20.01 -8.79
N VAL K 109 23.78 21.13 -8.08
CA VAL K 109 24.98 21.82 -7.57
C VAL K 109 25.70 20.95 -6.55
N SER K 110 24.96 20.18 -5.76
CA SER K 110 25.61 19.25 -4.83
C SER K 110 26.44 18.21 -5.58
N SER K 111 25.90 17.66 -6.67
CA SER K 111 26.66 16.70 -7.46
C SER K 111 27.88 17.36 -8.09
N LEU K 112 27.73 18.59 -8.58
CA LEU K 112 28.88 19.29 -9.16
C LEU K 112 29.99 19.52 -8.14
N ILE K 113 29.64 19.98 -6.95
CA ILE K 113 30.67 20.23 -5.94
C ILE K 113 31.27 18.91 -5.45
N PHE K 114 30.48 17.84 -5.40
CA PHE K 114 31.03 16.53 -5.05
C PHE K 114 32.03 16.06 -6.10
N LEU K 115 31.70 16.25 -7.38
CA LEU K 115 32.61 15.84 -8.45
C LEU K 115 33.89 16.66 -8.43
N MET K 116 33.77 17.98 -8.25
CA MET K 116 34.93 18.87 -8.30
C MET K 116 35.49 19.18 -6.92
N LYS K 117 35.20 18.34 -5.92
CA LYS K 117 35.80 18.53 -4.60
C LYS K 117 37.31 18.41 -4.65
N ASP K 118 37.83 17.44 -5.40
CA ASP K 118 39.27 17.25 -5.50
C ASP K 118 39.97 18.34 -6.29
N TYR K 119 39.26 19.01 -7.20
CA TYR K 119 39.89 20.05 -8.01
C TYR K 119 40.30 21.24 -7.15
N MET K 120 39.48 21.63 -6.19
CA MET K 120 39.76 22.75 -5.31
C MET K 120 40.65 22.32 -4.17
N GLY K 121 40.81 23.19 -3.17
CA GLY K 121 41.66 22.87 -2.03
C GLY K 121 41.07 21.75 -1.19
N ARG K 122 41.96 21.03 -0.51
CA ARG K 122 41.53 19.90 0.31
C ARG K 122 40.84 20.35 1.58
N GLY K 123 41.29 21.46 2.17
CA GLY K 123 40.67 21.96 3.39
C GLY K 123 39.59 23.00 3.17
N LYS K 124 39.54 23.55 1.95
CA LYS K 124 38.59 24.62 1.67
C LYS K 124 37.17 24.08 1.50
N ILE K 125 37.03 22.78 1.25
CA ILE K 125 35.74 22.18 0.94
C ILE K 125 34.81 22.22 2.15
N SER K 126 35.35 22.55 3.32
CA SER K 126 34.55 22.56 4.54
C SER K 126 33.43 23.60 4.46
N LYS K 127 33.72 24.77 3.92
CA LYS K 127 32.72 25.84 3.83
C LYS K 127 31.69 25.52 2.75
N GLU K 128 30.43 25.84 3.04
CA GLU K 128 29.36 25.65 2.07
C GLU K 128 29.60 26.52 0.85
N LYS K 129 29.32 25.97 -0.33
CA LYS K 129 29.59 26.63 -1.60
C LYS K 129 28.30 26.80 -2.39
N SER K 130 28.40 27.61 -3.45
CA SER K 130 27.32 27.81 -4.39
C SER K 130 27.89 27.72 -5.81
N PHE K 131 27.01 27.61 -6.79
CA PHE K 131 27.45 27.48 -8.17
C PHE K 131 28.26 28.69 -8.62
N LEU K 132 27.77 29.89 -8.30
CA LEU K 132 28.52 31.10 -8.62
C LEU K 132 29.82 31.15 -7.83
N ASP K 133 29.78 30.74 -6.55
CA ASP K 133 31.00 30.70 -5.75
C ASP K 133 31.99 29.69 -6.31
N LEU K 134 31.50 28.54 -6.78
CA LEU K 134 32.38 27.56 -7.40
C LEU K 134 32.99 28.09 -8.68
N VAL K 135 32.20 28.82 -9.47
CA VAL K 135 32.73 29.43 -10.69
C VAL K 135 33.82 30.43 -10.35
N VAL K 136 33.59 31.24 -9.32
CA VAL K 136 34.60 32.22 -8.90
C VAL K 136 35.87 31.51 -8.44
N GLU K 137 35.72 30.44 -7.67
CA GLU K 137 36.88 29.70 -7.18
C GLU K 137 37.66 29.10 -8.35
N LEU K 138 36.97 28.54 -9.34
CA LEU K 138 37.65 28.00 -10.50
C LEU K 138 38.34 29.10 -11.31
N GLU K 139 37.72 30.27 -11.42
CA GLU K 139 38.34 31.39 -12.11
C GLU K 139 39.53 31.95 -11.35
N LYS K 140 39.59 31.73 -10.04
CA LYS K 140 40.75 32.18 -9.27
C LYS K 140 42.03 31.51 -9.76
N LEU K 141 41.96 30.21 -10.05
CA LEU K 141 43.06 29.50 -10.68
C LEU K 141 43.09 29.67 -12.19
N ASN K 142 42.12 30.40 -12.75
CA ASN K 142 42.03 30.66 -14.19
C ASN K 142 41.93 29.35 -14.98
N LEU K 143 41.28 28.35 -14.39
CA LEU K 143 40.99 27.12 -15.11
C LEU K 143 39.89 27.32 -16.14
N VAL K 144 39.09 28.38 -16.00
CA VAL K 144 38.06 28.74 -16.96
C VAL K 144 38.20 30.21 -17.28
N ALA K 145 38.02 30.56 -18.56
CA ALA K 145 38.16 31.91 -19.06
C ALA K 145 36.88 32.33 -19.77
N PRO K 146 36.66 33.63 -19.96
CA PRO K 146 35.46 34.07 -20.71
C PRO K 146 35.36 33.47 -22.10
N ASP K 147 36.49 33.22 -22.76
CA ASP K 147 36.51 32.56 -24.05
C ASP K 147 36.78 31.07 -23.95
N GLN K 148 36.88 30.53 -22.73
CA GLN K 148 37.16 29.12 -22.51
C GLN K 148 35.92 28.45 -21.95
N LEU K 149 35.47 27.39 -22.61
CA LEU K 149 34.26 26.69 -22.18
C LEU K 149 34.37 25.18 -22.27
N ASP K 150 35.54 24.62 -22.60
CA ASP K 150 35.65 23.18 -22.79
C ASP K 150 35.45 22.43 -21.48
N LEU K 151 36.13 22.84 -20.42
CA LEU K 151 36.01 22.15 -19.14
C LEU K 151 34.59 22.28 -18.58
N LEU K 152 34.00 23.47 -18.68
CA LEU K 152 32.64 23.66 -18.21
C LEU K 152 31.66 22.79 -18.99
N GLU K 153 31.83 22.73 -20.31
CA GLU K 153 30.96 21.89 -21.13
C GLU K 153 31.10 20.42 -20.77
N LYS K 154 32.34 19.97 -20.54
CA LYS K 154 32.55 18.58 -20.15
C LYS K 154 31.91 18.28 -18.80
N CYS K 155 32.06 19.18 -17.83
CA CYS K 155 31.45 18.99 -16.53
C CYS K 155 29.93 18.96 -16.63
N LEU K 156 29.36 19.84 -17.46
CA LEU K 156 27.91 19.86 -17.63
C LEU K 156 27.41 18.58 -18.30
N LYS K 157 28.17 18.07 -19.28
CA LYS K 157 27.80 16.82 -19.92
C LYS K 157 27.94 15.64 -18.96
N ASN K 158 28.85 15.74 -17.99
CA ASN K 158 29.08 14.62 -17.07
C ASN K 158 27.85 14.33 -16.22
N ILE K 159 27.00 15.32 -15.97
CA ILE K 159 25.79 15.12 -15.19
C ILE K 159 24.61 14.90 -16.12
N HIS K 160 24.90 14.73 -17.41
CA HIS K 160 23.90 14.45 -18.45
C HIS K 160 22.84 15.56 -18.50
N ARG K 161 23.31 16.75 -18.86
CA ARG K 161 22.45 17.93 -19.08
C ARG K 161 22.87 18.55 -20.40
N ILE K 162 22.25 18.11 -21.49
CA ILE K 162 22.65 18.57 -22.82
C ILE K 162 22.05 19.92 -23.17
N ASP K 163 20.96 20.32 -22.49
CA ASP K 163 20.32 21.60 -22.80
C ASP K 163 21.26 22.77 -22.58
N LEU K 164 21.99 22.76 -21.45
CA LEU K 164 22.98 23.80 -21.20
C LEU K 164 24.19 23.68 -22.11
N LYS K 165 24.53 22.45 -22.53
CA LYS K 165 25.62 22.28 -23.49
C LYS K 165 25.28 22.95 -24.81
N THR K 166 24.03 22.83 -25.26
CA THR K 166 23.62 23.50 -26.49
C THR K 166 23.75 25.02 -26.36
N LYS K 167 23.34 25.57 -25.22
CA LYS K 167 23.44 27.01 -25.02
C LYS K 167 24.90 27.47 -24.98
N ILE K 168 25.77 26.67 -24.33
CA ILE K 168 27.19 27.00 -24.29
C ILE K 168 27.78 27.01 -25.70
N GLN K 169 27.44 25.99 -26.49
CA GLN K 169 27.91 25.94 -27.87
C GLN K 169 27.37 27.09 -28.70
N LYS K 170 26.11 27.48 -28.49
CA LYS K 170 25.55 28.63 -29.21
C LYS K 170 26.27 29.91 -28.85
N TYR K 171 26.55 30.11 -27.57
CA TYR K 171 27.28 31.31 -27.15
C TYR K 171 28.69 31.34 -27.73
N LYS K 172 29.36 30.18 -27.73
CA LYS K 172 30.69 30.12 -28.33
C LYS K 172 30.64 30.39 -29.82
N GLN K 173 29.61 29.90 -30.51
CA GLN K 173 29.44 30.19 -31.92
C GLN K 173 29.24 31.69 -32.15
N SER K 174 28.42 32.33 -31.31
CA SER K 174 28.19 33.76 -31.44
C SER K 174 29.46 34.57 -31.16
N VAL K 175 30.24 34.17 -30.17
CA VAL K 175 31.48 34.88 -29.84
C VAL K 175 32.66 33.93 -29.94
#